data_1WGW
#
_entry.id   1WGW
#
_entity_poly.entity_id   1
_entity_poly.type   'polypeptide(L)'
_entity_poly.pdbx_seq_one_letter_code
;GSSGSSGADLGRKITSALRSLSNATIINEEVLNAMLKEVCTALLEADVNIKLVKQLRENVKSAIDLEEMASGLNKRKMIQ
HAVFKELVKVKVYSGPSSG
;
_entity_poly.pdbx_strand_id   A
#
# COMPACT_ATOMS: atom_id res chain seq x y z
N GLY A 1 10.77 0.00 -23.53
CA GLY A 1 11.90 0.68 -22.95
C GLY A 1 11.91 0.51 -21.43
N SER A 2 13.11 0.44 -20.87
CA SER A 2 13.28 0.27 -19.44
C SER A 2 14.77 0.25 -19.08
N SER A 3 15.16 1.26 -18.32
CA SER A 3 16.56 1.37 -17.90
C SER A 3 16.68 0.94 -16.44
N GLY A 4 17.87 0.42 -16.11
CA GLY A 4 18.14 -0.02 -14.76
C GLY A 4 17.51 -1.40 -14.49
N SER A 5 17.93 -2.00 -13.39
CA SER A 5 17.41 -3.32 -13.02
C SER A 5 17.23 -3.38 -11.51
N SER A 6 15.99 -3.21 -11.07
CA SER A 6 15.68 -3.26 -9.66
C SER A 6 14.17 -3.08 -9.45
N GLY A 7 13.62 -2.07 -10.11
CA GLY A 7 12.20 -1.78 -10.01
C GLY A 7 11.92 -0.31 -10.30
N ALA A 8 11.66 0.43 -9.23
CA ALA A 8 11.36 1.84 -9.35
C ALA A 8 9.89 2.03 -9.74
N ASP A 9 9.62 1.76 -11.01
CA ASP A 9 8.26 1.89 -11.52
C ASP A 9 7.28 1.24 -10.53
N LEU A 10 7.79 0.24 -9.83
CA LEU A 10 6.97 -0.47 -8.85
C LEU A 10 6.41 0.52 -7.84
N GLY A 11 7.27 0.93 -6.91
CA GLY A 11 6.87 1.88 -5.89
C GLY A 11 6.15 3.09 -6.50
N ARG A 12 6.45 3.33 -7.77
CA ARG A 12 5.85 4.44 -8.48
C ARG A 12 4.37 4.14 -8.77
N LYS A 13 4.08 2.87 -8.94
CA LYS A 13 2.72 2.44 -9.22
C LYS A 13 1.88 2.59 -7.95
N ILE A 14 2.51 2.33 -6.81
CA ILE A 14 1.84 2.43 -5.54
C ILE A 14 1.88 3.88 -5.05
N THR A 15 3.05 4.48 -5.17
CA THR A 15 3.24 5.86 -4.75
C THR A 15 2.01 6.70 -5.11
N SER A 16 1.73 6.75 -6.40
CA SER A 16 0.59 7.51 -6.89
C SER A 16 -0.66 7.15 -6.10
N ALA A 17 -0.79 5.86 -5.80
CA ALA A 17 -1.93 5.38 -5.06
C ALA A 17 -1.98 6.08 -3.70
N LEU A 18 -0.96 5.81 -2.89
CA LEU A 18 -0.87 6.41 -1.57
C LEU A 18 -0.97 7.93 -1.69
N ARG A 19 -0.40 8.44 -2.78
CA ARG A 19 -0.41 9.87 -3.02
C ARG A 19 -1.85 10.35 -3.27
N SER A 20 -2.69 9.41 -3.68
CA SER A 20 -4.08 9.72 -3.95
C SER A 20 -4.81 10.04 -2.64
N LEU A 21 -4.18 9.65 -1.54
CA LEU A 21 -4.76 9.88 -0.23
C LEU A 21 -4.41 11.31 0.23
N SER A 22 -3.12 11.56 0.31
CA SER A 22 -2.64 12.87 0.74
C SER A 22 -3.52 13.96 0.14
N ASN A 23 -4.00 13.70 -1.07
CA ASN A 23 -4.84 14.66 -1.77
C ASN A 23 -6.28 14.52 -1.25
N ALA A 24 -6.74 13.28 -1.20
CA ALA A 24 -8.09 13.01 -0.72
C ALA A 24 -8.32 13.75 0.60
N THR A 25 -9.57 14.14 0.81
CA THR A 25 -9.93 14.84 2.02
C THR A 25 -10.90 14.00 2.86
N ILE A 26 -11.71 13.22 2.16
CA ILE A 26 -12.68 12.37 2.83
C ILE A 26 -11.94 11.31 3.65
N ILE A 27 -11.28 10.41 2.94
CA ILE A 27 -10.53 9.34 3.59
C ILE A 27 -11.51 8.44 4.36
N ASN A 28 -11.80 7.29 3.75
CA ASN A 28 -12.70 6.34 4.36
C ASN A 28 -12.39 4.94 3.85
N GLU A 29 -13.13 3.97 4.36
CA GLU A 29 -12.94 2.59 3.96
C GLU A 29 -12.88 2.48 2.43
N GLU A 30 -13.81 3.16 1.79
CA GLU A 30 -13.88 3.15 0.34
C GLU A 30 -12.52 3.53 -0.26
N VAL A 31 -12.02 4.68 0.18
CA VAL A 31 -10.74 5.16 -0.30
C VAL A 31 -9.74 4.01 -0.31
N LEU A 32 -9.34 3.60 0.88
CA LEU A 32 -8.39 2.52 1.02
C LEU A 32 -8.77 1.38 0.06
N ASN A 33 -10.02 0.95 0.16
CA ASN A 33 -10.51 -0.11 -0.68
C ASN A 33 -10.20 0.21 -2.14
N ALA A 34 -10.55 1.42 -2.55
CA ALA A 34 -10.30 1.85 -3.91
C ALA A 34 -8.79 1.91 -4.15
N MET A 35 -8.14 2.80 -3.43
CA MET A 35 -6.70 2.97 -3.55
C MET A 35 -6.00 1.62 -3.58
N LEU A 36 -6.54 0.69 -2.80
CA LEU A 36 -5.97 -0.64 -2.73
C LEU A 36 -5.91 -1.25 -4.13
N LYS A 37 -7.05 -1.20 -4.82
CA LYS A 37 -7.13 -1.74 -6.16
C LYS A 37 -6.00 -1.16 -7.01
N GLU A 38 -5.49 -0.01 -6.57
CA GLU A 38 -4.41 0.65 -7.28
C GLU A 38 -3.06 0.17 -6.77
N VAL A 39 -3.07 -0.29 -5.51
CA VAL A 39 -1.85 -0.79 -4.90
C VAL A 39 -1.72 -2.28 -5.17
N CYS A 40 -2.73 -3.02 -4.72
CA CYS A 40 -2.75 -4.46 -4.90
C CYS A 40 -2.25 -4.77 -6.31
N THR A 41 -2.60 -3.90 -7.24
CA THR A 41 -2.20 -4.07 -8.62
C THR A 41 -0.68 -4.17 -8.72
N ALA A 42 -0.01 -3.11 -8.29
CA ALA A 42 1.44 -3.07 -8.33
C ALA A 42 2.00 -4.44 -7.91
N LEU A 43 1.52 -4.90 -6.75
CA LEU A 43 1.97 -6.19 -6.24
C LEU A 43 1.68 -7.28 -7.27
N LEU A 44 0.48 -7.22 -7.83
CA LEU A 44 0.07 -8.19 -8.83
C LEU A 44 0.96 -8.06 -10.06
N GLU A 45 1.37 -6.82 -10.33
CA GLU A 45 2.22 -6.55 -11.47
C GLU A 45 3.68 -6.84 -11.12
N ALA A 46 3.88 -7.35 -9.92
CA ALA A 46 5.21 -7.68 -9.46
C ALA A 46 5.47 -9.19 -9.65
N ASP A 47 4.59 -9.98 -9.06
CA ASP A 47 4.71 -11.43 -9.16
C ASP A 47 3.95 -12.08 -8.01
N VAL A 48 3.85 -11.33 -6.92
CA VAL A 48 3.16 -11.82 -5.74
C VAL A 48 1.90 -12.59 -6.17
N ASN A 49 1.61 -13.65 -5.44
CA ASN A 49 0.45 -14.47 -5.73
C ASN A 49 -0.81 -13.72 -5.31
N ILE A 50 -1.84 -13.85 -6.14
CA ILE A 50 -3.11 -13.20 -5.86
C ILE A 50 -3.58 -13.59 -4.45
N LYS A 51 -3.36 -14.85 -4.12
CA LYS A 51 -3.76 -15.35 -2.81
C LYS A 51 -3.08 -14.52 -1.73
N LEU A 52 -1.88 -14.06 -2.05
CA LEU A 52 -1.12 -13.25 -1.10
C LEU A 52 -1.64 -11.82 -1.12
N VAL A 53 -1.69 -11.25 -2.31
CA VAL A 53 -2.16 -9.89 -2.47
C VAL A 53 -3.56 -9.77 -1.87
N LYS A 54 -4.23 -10.91 -1.78
CA LYS A 54 -5.57 -10.95 -1.22
C LYS A 54 -5.49 -10.95 0.31
N GLN A 55 -4.33 -11.36 0.80
CA GLN A 55 -4.11 -11.41 2.24
C GLN A 55 -3.39 -10.15 2.71
N LEU A 56 -2.88 -9.40 1.75
CA LEU A 56 -2.18 -8.16 2.05
C LEU A 56 -3.19 -7.06 2.35
N ARG A 57 -4.13 -6.92 1.42
CA ARG A 57 -5.16 -5.90 1.57
C ARG A 57 -5.73 -5.92 2.99
N GLU A 58 -6.12 -7.11 3.43
CA GLU A 58 -6.67 -7.27 4.77
C GLU A 58 -5.62 -6.90 5.82
N ASN A 59 -4.48 -7.57 5.74
CA ASN A 59 -3.40 -7.33 6.68
C ASN A 59 -3.11 -5.83 6.73
N VAL A 60 -3.40 -5.16 5.62
CA VAL A 60 -3.17 -3.73 5.53
C VAL A 60 -4.37 -2.99 6.13
N LYS A 61 -5.52 -3.19 5.51
CA LYS A 61 -6.74 -2.54 5.96
C LYS A 61 -6.89 -2.77 7.46
N SER A 62 -6.55 -3.97 7.89
CA SER A 62 -6.63 -4.32 9.31
C SER A 62 -5.58 -3.56 10.10
N ALA A 63 -4.50 -3.21 9.41
CA ALA A 63 -3.41 -2.48 10.04
C ALA A 63 -3.87 -1.06 10.37
N ILE A 64 -4.98 -0.68 9.75
CA ILE A 64 -5.53 0.66 9.95
C ILE A 64 -6.77 0.55 10.85
N ASP A 65 -7.75 1.39 10.55
CA ASP A 65 -8.99 1.39 11.32
C ASP A 65 -9.96 2.38 10.68
N LEU A 66 -10.70 1.89 9.69
CA LEU A 66 -11.67 2.71 9.00
C LEU A 66 -13.03 2.54 9.66
N GLU A 67 -13.18 1.43 10.37
CA GLU A 67 -14.43 1.14 11.06
C GLU A 67 -14.79 2.28 12.00
N GLU A 68 -13.77 3.00 12.44
CA GLU A 68 -13.98 4.11 13.34
C GLU A 68 -12.73 5.00 13.38
N MET A 69 -12.80 6.09 12.62
CA MET A 69 -11.69 7.03 12.56
C MET A 69 -12.19 8.47 12.38
N ALA A 70 -12.22 9.19 13.50
CA ALA A 70 -12.68 10.57 13.48
C ALA A 70 -12.08 11.29 12.27
N SER A 71 -10.93 11.89 12.50
CA SER A 71 -10.23 12.61 11.44
C SER A 71 -8.89 13.13 11.95
N GLY A 72 -7.91 13.14 11.06
CA GLY A 72 -6.58 13.61 11.41
C GLY A 72 -5.58 13.29 10.30
N LEU A 73 -4.78 14.28 9.96
CA LEU A 73 -3.78 14.12 8.92
C LEU A 73 -2.97 12.85 9.19
N ASN A 74 -2.95 12.46 10.45
CA ASN A 74 -2.22 11.26 10.86
C ASN A 74 -2.72 10.07 10.05
N LYS A 75 -4.04 9.93 10.01
CA LYS A 75 -4.66 8.84 9.29
C LYS A 75 -3.98 8.69 7.92
N ARG A 76 -3.94 9.80 7.20
CA ARG A 76 -3.32 9.81 5.88
C ARG A 76 -1.84 9.47 5.99
N LYS A 77 -1.26 9.79 7.14
CA LYS A 77 0.14 9.53 7.38
C LYS A 77 0.33 8.04 7.68
N MET A 78 -0.23 7.63 8.81
CA MET A 78 -0.13 6.24 9.23
C MET A 78 -0.58 5.30 8.12
N ILE A 79 -1.40 5.83 7.23
CA ILE A 79 -1.93 5.06 6.11
C ILE A 79 -0.86 5.00 5.01
N GLN A 80 -0.37 6.18 4.65
CA GLN A 80 0.64 6.28 3.61
C GLN A 80 1.88 5.48 3.99
N HIS A 81 2.11 5.40 5.29
CA HIS A 81 3.26 4.67 5.80
C HIS A 81 2.87 3.19 6.00
N ALA A 82 1.69 3.00 6.53
CA ALA A 82 1.19 1.65 6.78
C ALA A 82 1.48 0.77 5.57
N VAL A 83 0.93 1.19 4.44
CA VAL A 83 1.12 0.46 3.19
C VAL A 83 2.62 0.32 2.91
N PHE A 84 3.25 1.46 2.66
CA PHE A 84 4.67 1.48 2.37
C PHE A 84 5.44 0.60 3.37
N LYS A 85 4.85 0.42 4.54
CA LYS A 85 5.47 -0.39 5.57
C LYS A 85 5.20 -1.87 5.27
N GLU A 86 3.93 -2.19 5.08
CA GLU A 86 3.55 -3.56 4.79
C GLU A 86 4.39 -4.12 3.65
N LEU A 87 4.66 -3.27 2.67
CA LEU A 87 5.46 -3.67 1.52
C LEU A 87 6.77 -4.28 2.01
N VAL A 88 7.22 -3.78 3.16
CA VAL A 88 8.46 -4.26 3.75
C VAL A 88 8.25 -5.66 4.32
N LYS A 89 7.04 -5.88 4.82
CA LYS A 89 6.70 -7.17 5.40
C LYS A 89 6.46 -8.19 4.28
N VAL A 90 5.26 -8.13 3.72
CA VAL A 90 4.89 -9.04 2.64
C VAL A 90 5.44 -10.44 2.95
N LYS A 91 5.16 -10.89 4.17
CA LYS A 91 5.61 -12.20 4.59
C LYS A 91 7.13 -12.21 4.69
N VAL A 92 7.62 -11.90 5.88
CA VAL A 92 9.05 -11.85 6.11
C VAL A 92 9.69 -13.13 5.55
N TYR A 93 10.98 -13.03 5.25
CA TYR A 93 11.71 -14.16 4.72
C TYR A 93 12.36 -14.98 5.83
N SER A 94 12.96 -14.27 6.78
CA SER A 94 13.61 -14.91 7.90
C SER A 94 14.46 -13.89 8.66
N GLY A 95 13.87 -12.73 8.89
CA GLY A 95 14.56 -11.67 9.61
C GLY A 95 14.07 -11.57 11.06
N PRO A 96 14.05 -10.31 11.57
CA PRO A 96 13.60 -10.06 12.93
C PRO A 96 12.08 -10.16 13.03
N SER A 97 11.59 -11.39 12.93
CA SER A 97 10.16 -11.63 13.01
C SER A 97 9.85 -12.53 14.21
N SER A 98 8.63 -12.37 14.73
CA SER A 98 8.21 -13.15 15.88
C SER A 98 6.82 -13.74 15.61
N GLY A 99 6.82 -15.01 15.20
CA GLY A 99 5.57 -15.70 14.92
C GLY A 99 5.01 -16.35 16.19
N GLY A 1 20.44 5.12 -8.89
CA GLY A 1 20.84 3.82 -8.38
C GLY A 1 19.65 2.86 -8.30
N SER A 2 19.95 1.63 -7.93
CA SER A 2 18.91 0.62 -7.80
C SER A 2 19.48 -0.64 -7.14
N SER A 3 18.67 -1.24 -6.28
CA SER A 3 19.08 -2.45 -5.58
C SER A 3 17.94 -2.93 -4.68
N GLY A 4 18.02 -4.21 -4.33
CA GLY A 4 17.02 -4.81 -3.48
C GLY A 4 16.02 -5.64 -4.30
N SER A 5 14.86 -5.87 -3.71
CA SER A 5 13.82 -6.64 -4.38
C SER A 5 12.96 -5.72 -5.24
N SER A 6 12.35 -4.73 -4.58
CA SER A 6 11.50 -3.79 -5.28
C SER A 6 12.22 -3.25 -6.53
N GLY A 7 11.43 -2.66 -7.41
CA GLY A 7 11.97 -2.10 -8.64
C GLY A 7 12.02 -0.58 -8.57
N ALA A 8 11.36 0.04 -9.54
CA ALA A 8 11.32 1.49 -9.62
C ALA A 8 9.89 1.94 -9.96
N ASP A 9 9.38 1.38 -11.05
CA ASP A 9 8.04 1.72 -11.50
C ASP A 9 7.02 1.18 -10.49
N LEU A 10 7.43 0.13 -9.80
CA LEU A 10 6.56 -0.50 -8.81
C LEU A 10 6.18 0.54 -7.75
N GLY A 11 7.13 0.86 -6.89
CA GLY A 11 6.91 1.83 -5.84
C GLY A 11 6.24 3.09 -6.39
N ARG A 12 6.43 3.30 -7.69
CA ARG A 12 5.85 4.47 -8.34
C ARG A 12 4.36 4.25 -8.59
N LYS A 13 4.02 3.01 -8.91
CA LYS A 13 2.63 2.66 -9.17
C LYS A 13 1.82 2.81 -7.88
N ILE A 14 2.54 2.79 -6.76
CA ILE A 14 1.90 2.92 -5.46
C ILE A 14 1.99 4.38 -5.00
N THR A 15 3.16 4.97 -5.22
CA THR A 15 3.38 6.35 -4.84
C THR A 15 2.20 7.22 -5.28
N SER A 16 1.58 6.81 -6.37
CA SER A 16 0.44 7.55 -6.91
C SER A 16 -0.82 7.21 -6.11
N ALA A 17 -0.92 5.95 -5.71
CA ALA A 17 -2.06 5.50 -4.94
C ALA A 17 -2.03 6.16 -3.56
N LEU A 18 -0.88 6.08 -2.92
CA LEU A 18 -0.71 6.68 -1.60
C LEU A 18 -0.93 8.19 -1.70
N ARG A 19 -0.23 8.80 -2.64
CA ARG A 19 -0.33 10.23 -2.85
C ARG A 19 -1.76 10.61 -3.26
N SER A 20 -2.42 9.65 -3.90
CA SER A 20 -3.78 9.87 -4.36
C SER A 20 -4.65 10.35 -3.18
N LEU A 21 -4.37 9.80 -2.02
CA LEU A 21 -5.12 10.15 -0.83
C LEU A 21 -4.90 11.64 -0.51
N SER A 22 -3.63 11.99 -0.37
CA SER A 22 -3.27 13.37 -0.07
C SER A 22 -4.17 14.33 -0.85
N ASN A 23 -4.57 13.88 -2.04
CA ASN A 23 -5.43 14.70 -2.88
C ASN A 23 -6.87 14.59 -2.37
N ALA A 24 -7.32 13.36 -2.18
CA ALA A 24 -8.67 13.12 -1.70
C ALA A 24 -8.97 14.05 -0.54
N THR A 25 -10.24 14.43 -0.43
CA THR A 25 -10.67 15.32 0.63
C THR A 25 -11.58 14.58 1.61
N ILE A 26 -12.34 13.64 1.07
CA ILE A 26 -13.26 12.86 1.88
C ILE A 26 -12.46 11.96 2.83
N ILE A 27 -11.65 11.09 2.24
CA ILE A 27 -10.83 10.19 3.02
C ILE A 27 -11.73 9.32 3.90
N ASN A 28 -11.93 8.10 3.46
CA ASN A 28 -12.77 7.16 4.20
C ASN A 28 -12.40 5.73 3.81
N GLU A 29 -13.15 4.79 4.36
CA GLU A 29 -12.91 3.38 4.09
C GLU A 29 -12.86 3.14 2.58
N GLU A 30 -13.70 3.87 1.87
CA GLU A 30 -13.77 3.74 0.42
C GLU A 30 -12.41 4.05 -0.20
N VAL A 31 -11.98 5.30 -0.04
CA VAL A 31 -10.72 5.74 -0.58
C VAL A 31 -9.68 4.64 -0.39
N LEU A 32 -9.61 4.14 0.84
CA LEU A 32 -8.66 3.09 1.18
C LEU A 32 -8.96 1.85 0.31
N ASN A 33 -10.23 1.52 0.24
CA ASN A 33 -10.66 0.37 -0.55
C ASN A 33 -10.24 0.57 -2.01
N ALA A 34 -10.72 1.67 -2.59
CA ALA A 34 -10.40 2.00 -3.96
C ALA A 34 -8.88 2.07 -4.13
N MET A 35 -8.28 2.96 -3.34
CA MET A 35 -6.84 3.15 -3.38
C MET A 35 -6.11 1.81 -3.30
N LEU A 36 -6.51 1.01 -2.32
CA LEU A 36 -5.91 -0.30 -2.11
C LEU A 36 -5.73 -0.98 -3.47
N LYS A 37 -6.83 -1.11 -4.19
CA LYS A 37 -6.81 -1.75 -5.49
C LYS A 37 -5.58 -1.28 -6.26
N GLU A 38 -5.52 0.02 -6.49
CA GLU A 38 -4.41 0.62 -7.21
C GLU A 38 -3.08 0.09 -6.65
N VAL A 39 -3.06 -0.12 -5.35
CA VAL A 39 -1.87 -0.61 -4.68
C VAL A 39 -1.73 -2.12 -4.94
N CYS A 40 -2.76 -2.85 -4.56
CA CYS A 40 -2.77 -4.30 -4.75
C CYS A 40 -2.18 -4.60 -6.14
N THR A 41 -2.56 -3.77 -7.08
CA THR A 41 -2.09 -3.93 -8.46
C THR A 41 -0.57 -4.02 -8.48
N ALA A 42 0.07 -3.00 -7.93
CA ALA A 42 1.52 -2.94 -7.89
C ALA A 42 2.06 -4.31 -7.47
N LEU A 43 1.52 -4.82 -6.37
CA LEU A 43 1.93 -6.11 -5.85
C LEU A 43 1.72 -7.18 -6.94
N LEU A 44 0.54 -7.15 -7.52
CA LEU A 44 0.20 -8.10 -8.57
C LEU A 44 1.16 -7.92 -9.74
N GLU A 45 1.54 -6.68 -9.97
CA GLU A 45 2.45 -6.37 -11.06
C GLU A 45 3.90 -6.66 -10.64
N ALA A 46 4.04 -7.23 -9.45
CA ALA A 46 5.35 -7.56 -8.92
C ALA A 46 5.69 -9.00 -9.29
N ASP A 47 4.85 -9.91 -8.81
CA ASP A 47 5.06 -11.33 -9.07
C ASP A 47 4.30 -12.15 -8.03
N VAL A 48 4.12 -11.55 -6.87
CA VAL A 48 3.41 -12.21 -5.78
C VAL A 48 2.17 -12.90 -6.33
N ASN A 49 1.59 -13.76 -5.51
CA ASN A 49 0.40 -14.49 -5.90
C ASN A 49 -0.83 -13.62 -5.65
N ILE A 50 -1.85 -13.83 -6.46
CA ILE A 50 -3.09 -13.07 -6.34
C ILE A 50 -3.68 -13.31 -4.95
N LYS A 51 -3.60 -14.56 -4.51
CA LYS A 51 -4.13 -14.93 -3.21
C LYS A 51 -3.37 -14.17 -2.12
N LEU A 52 -2.05 -14.13 -2.29
CA LEU A 52 -1.20 -13.45 -1.33
C LEU A 52 -1.60 -11.98 -1.26
N VAL A 53 -1.78 -11.39 -2.42
CA VAL A 53 -2.17 -9.99 -2.50
C VAL A 53 -3.55 -9.80 -1.86
N LYS A 54 -4.24 -10.92 -1.69
CA LYS A 54 -5.56 -10.89 -1.10
C LYS A 54 -5.42 -10.83 0.43
N GLN A 55 -4.45 -11.56 0.94
CA GLN A 55 -4.20 -11.59 2.37
C GLN A 55 -3.42 -10.35 2.80
N LEU A 56 -2.85 -9.68 1.81
CA LEU A 56 -2.07 -8.48 2.07
C LEU A 56 -3.01 -7.33 2.44
N ARG A 57 -3.80 -6.93 1.45
CA ARG A 57 -4.75 -5.84 1.65
C ARG A 57 -5.37 -5.93 3.05
N GLU A 58 -5.99 -7.07 3.33
CA GLU A 58 -6.61 -7.29 4.61
C GLU A 58 -5.62 -7.01 5.75
N ASN A 59 -4.50 -7.72 5.68
CA ASN A 59 -3.46 -7.56 6.69
C ASN A 59 -3.14 -6.07 6.86
N VAL A 60 -3.22 -5.36 5.76
CA VAL A 60 -2.94 -3.93 5.77
C VAL A 60 -4.12 -3.19 6.40
N LYS A 61 -5.31 -3.42 5.84
CA LYS A 61 -6.51 -2.78 6.35
C LYS A 61 -6.54 -2.90 7.87
N SER A 62 -6.14 -4.08 8.35
CA SER A 62 -6.12 -4.33 9.78
C SER A 62 -5.24 -3.31 10.48
N ALA A 63 -4.15 -2.95 9.82
CA ALA A 63 -3.21 -1.99 10.37
C ALA A 63 -3.90 -0.62 10.47
N ILE A 64 -5.03 -0.52 9.79
CA ILE A 64 -5.80 0.73 9.78
C ILE A 64 -7.03 0.56 10.67
N ASP A 65 -8.02 1.40 10.41
CA ASP A 65 -9.25 1.35 11.17
C ASP A 65 -10.30 2.25 10.49
N LEU A 66 -10.01 3.54 10.48
CA LEU A 66 -10.91 4.50 9.86
C LEU A 66 -12.17 4.63 10.72
N GLU A 67 -12.86 3.51 10.87
CA GLU A 67 -14.09 3.49 11.66
C GLU A 67 -13.80 3.88 13.11
N GLU A 68 -12.74 3.28 13.65
CA GLU A 68 -12.35 3.56 15.01
C GLU A 68 -11.21 4.58 15.04
N MET A 69 -11.50 5.76 14.51
CA MET A 69 -10.51 6.83 14.47
C MET A 69 -11.00 8.06 15.24
N ALA A 70 -12.25 7.99 15.66
CA ALA A 70 -12.84 9.10 16.41
C ALA A 70 -12.45 10.42 15.76
N SER A 71 -12.60 10.46 14.43
CA SER A 71 -12.27 11.66 13.69
C SER A 71 -10.75 11.76 13.51
N GLY A 72 -10.35 12.55 12.53
CA GLY A 72 -8.93 12.74 12.25
C GLY A 72 -8.55 12.10 10.92
N LEU A 73 -7.79 12.86 10.13
CA LEU A 73 -7.34 12.37 8.83
C LEU A 73 -5.89 11.91 8.94
N ASN A 74 -5.66 11.02 9.90
CA ASN A 74 -4.31 10.49 10.12
C ASN A 74 -4.18 9.15 9.40
N LYS A 75 -5.30 8.44 9.31
CA LYS A 75 -5.33 7.15 8.66
C LYS A 75 -4.60 7.25 7.32
N ARG A 76 -4.93 8.28 6.57
CA ARG A 76 -4.33 8.50 5.27
C ARG A 76 -2.82 8.74 5.42
N LYS A 77 -2.45 9.23 6.59
CA LYS A 77 -1.05 9.50 6.88
C LYS A 77 -0.35 8.19 7.26
N MET A 78 -0.78 7.64 8.38
CA MET A 78 -0.20 6.39 8.86
C MET A 78 -0.25 5.31 7.78
N ILE A 79 -1.24 5.42 6.91
CA ILE A 79 -1.41 4.47 5.83
C ILE A 79 -0.18 4.51 4.92
N GLN A 80 0.12 5.72 4.44
CA GLN A 80 1.26 5.92 3.57
C GLN A 80 2.46 5.11 4.07
N HIS A 81 2.48 4.91 5.38
CA HIS A 81 3.57 4.17 6.00
C HIS A 81 3.18 2.69 6.12
N ALA A 82 2.02 2.47 6.69
CA ALA A 82 1.51 1.11 6.87
C ALA A 82 1.82 0.29 5.61
N VAL A 83 1.30 0.77 4.50
CA VAL A 83 1.50 0.09 3.23
C VAL A 83 3.01 -0.15 3.02
N PHE A 84 3.73 0.96 2.89
CA PHE A 84 5.17 0.90 2.68
C PHE A 84 5.81 -0.14 3.62
N LYS A 85 5.43 -0.05 4.88
CA LYS A 85 5.95 -0.95 5.89
C LYS A 85 5.66 -2.40 5.47
N GLU A 86 4.39 -2.67 5.25
CA GLU A 86 3.96 -4.01 4.85
C GLU A 86 4.83 -4.50 3.68
N LEU A 87 4.97 -3.64 2.69
CA LEU A 87 5.77 -3.97 1.53
C LEU A 87 7.14 -4.48 1.97
N VAL A 88 7.65 -3.88 3.04
CA VAL A 88 8.94 -4.26 3.57
C VAL A 88 8.84 -5.67 4.15
N LYS A 89 7.68 -5.99 4.67
CA LYS A 89 7.45 -7.31 5.25
C LYS A 89 6.97 -8.27 4.17
N VAL A 90 7.66 -8.21 3.04
CA VAL A 90 7.32 -9.07 1.92
C VAL A 90 8.58 -9.80 1.43
N LYS A 91 9.10 -10.65 2.30
CA LYS A 91 10.30 -11.40 1.97
C LYS A 91 10.71 -12.24 3.19
N VAL A 92 10.58 -13.55 3.03
CA VAL A 92 10.95 -14.46 4.11
C VAL A 92 12.40 -14.23 4.51
N TYR A 93 12.93 -15.17 5.28
CA TYR A 93 14.31 -15.09 5.73
C TYR A 93 15.12 -16.27 5.22
N SER A 94 15.01 -16.52 3.92
CA SER A 94 15.73 -17.61 3.29
C SER A 94 14.94 -18.92 3.45
N GLY A 95 14.74 -19.31 4.70
CA GLY A 95 14.01 -20.53 4.99
C GLY A 95 14.95 -21.66 5.41
N PRO A 96 14.48 -22.91 5.19
CA PRO A 96 15.28 -24.08 5.53
C PRO A 96 16.42 -24.29 4.54
N SER A 97 17.47 -24.93 5.02
CA SER A 97 18.62 -25.20 4.19
C SER A 97 18.29 -26.26 3.14
N SER A 98 18.87 -26.10 1.96
CA SER A 98 18.64 -27.03 0.87
C SER A 98 19.87 -27.92 0.67
N GLY A 99 20.98 -27.26 0.35
CA GLY A 99 22.23 -27.96 0.13
C GLY A 99 23.36 -26.99 -0.23
N GLY A 1 20.57 -1.74 -14.82
CA GLY A 1 20.38 -1.00 -13.58
C GLY A 1 19.46 -1.75 -12.62
N SER A 2 19.18 -1.11 -11.49
CA SER A 2 18.32 -1.70 -10.49
C SER A 2 18.96 -2.97 -9.92
N SER A 3 18.67 -3.22 -8.65
CA SER A 3 19.22 -4.39 -7.99
C SER A 3 18.49 -4.62 -6.65
N GLY A 4 18.65 -5.82 -6.13
CA GLY A 4 18.01 -6.18 -4.87
C GLY A 4 16.55 -6.57 -5.08
N SER A 5 15.79 -6.50 -3.99
CA SER A 5 14.38 -6.85 -4.05
C SER A 5 13.53 -5.59 -4.19
N SER A 6 13.50 -5.07 -5.41
CA SER A 6 12.73 -3.87 -5.69
C SER A 6 12.84 -3.51 -7.17
N GLY A 7 11.94 -2.64 -7.62
CA GLY A 7 11.93 -2.21 -9.00
C GLY A 7 12.24 -0.72 -9.11
N ALA A 8 11.38 -0.02 -9.84
CA ALA A 8 11.55 1.41 -10.03
C ALA A 8 10.18 2.06 -10.22
N ASP A 9 9.39 1.45 -11.09
CA ASP A 9 8.05 1.97 -11.36
C ASP A 9 7.09 1.49 -10.27
N LEU A 10 7.33 0.27 -9.81
CA LEU A 10 6.50 -0.31 -8.77
C LEU A 10 6.19 0.76 -7.71
N GLY A 11 7.18 1.06 -6.90
CA GLY A 11 7.02 2.06 -5.86
C GLY A 11 6.26 3.27 -6.37
N ARG A 12 6.48 3.57 -7.65
CA ARG A 12 5.82 4.71 -8.27
C ARG A 12 4.33 4.40 -8.49
N LYS A 13 4.07 3.18 -8.93
CA LYS A 13 2.70 2.76 -9.18
C LYS A 13 1.90 2.83 -7.87
N ILE A 14 2.58 2.52 -6.78
CA ILE A 14 1.96 2.55 -5.47
C ILE A 14 1.97 3.98 -4.93
N THR A 15 3.15 4.59 -4.98
CA THR A 15 3.31 5.95 -4.51
C THR A 15 2.10 6.79 -4.87
N SER A 16 1.82 6.85 -6.16
CA SER A 16 0.69 7.61 -6.65
C SER A 16 -0.58 7.24 -5.86
N ALA A 17 -0.75 5.95 -5.67
CA ALA A 17 -1.91 5.45 -4.94
C ALA A 17 -1.95 6.12 -3.56
N LEU A 18 -0.77 6.28 -2.98
CA LEU A 18 -0.67 6.90 -1.67
C LEU A 18 -1.09 8.36 -1.75
N ARG A 19 -0.57 9.03 -2.78
CA ARG A 19 -0.89 10.43 -2.98
C ARG A 19 -2.39 10.62 -3.22
N SER A 20 -2.95 9.67 -3.97
CA SER A 20 -4.36 9.71 -4.28
C SER A 20 -5.16 10.10 -3.04
N LEU A 21 -4.60 9.77 -1.88
CA LEU A 21 -5.24 10.07 -0.62
C LEU A 21 -4.91 11.51 -0.21
N SER A 22 -3.61 11.78 -0.14
CA SER A 22 -3.16 13.11 0.23
C SER A 22 -3.88 14.17 -0.59
N ASN A 23 -4.24 13.78 -1.81
CA ASN A 23 -4.93 14.68 -2.71
C ASN A 23 -6.42 14.70 -2.36
N ALA A 24 -6.89 13.57 -1.85
CA ALA A 24 -8.29 13.43 -1.48
C ALA A 24 -8.55 14.30 -0.25
N THR A 25 -9.84 14.44 0.06
CA THR A 25 -10.24 15.23 1.21
C THR A 25 -11.10 14.40 2.16
N ILE A 26 -12.03 13.64 1.56
CA ILE A 26 -12.92 12.80 2.34
C ILE A 26 -12.08 11.84 3.20
N ILE A 27 -11.41 10.93 2.52
CA ILE A 27 -10.58 9.95 3.20
C ILE A 27 -11.45 9.10 4.11
N ASN A 28 -11.80 7.92 3.62
CA ASN A 28 -12.62 7.00 4.39
C ASN A 28 -12.32 5.57 3.95
N GLU A 29 -13.28 4.69 4.20
CA GLU A 29 -13.13 3.30 3.84
C GLU A 29 -12.94 3.14 2.33
N GLU A 30 -13.94 3.60 1.59
CA GLU A 30 -13.90 3.52 0.14
C GLU A 30 -12.50 3.85 -0.36
N VAL A 31 -12.03 5.02 0.03
CA VAL A 31 -10.70 5.46 -0.38
C VAL A 31 -9.71 4.30 -0.22
N LEU A 32 -9.42 3.98 1.03
CA LEU A 32 -8.49 2.90 1.33
C LEU A 32 -8.76 1.72 0.39
N ASN A 33 -10.03 1.31 0.36
CA ASN A 33 -10.43 0.20 -0.48
C ASN A 33 -9.99 0.48 -1.92
N ALA A 34 -10.49 1.57 -2.47
CA ALA A 34 -10.17 1.97 -3.83
C ALA A 34 -8.64 2.00 -3.98
N MET A 35 -8.02 2.88 -3.20
CA MET A 35 -6.58 3.02 -3.25
C MET A 35 -5.88 1.67 -3.18
N LEU A 36 -6.30 0.88 -2.20
CA LEU A 36 -5.73 -0.45 -2.01
C LEU A 36 -5.57 -1.13 -3.38
N LYS A 37 -6.68 -1.22 -4.09
CA LYS A 37 -6.67 -1.84 -5.40
C LYS A 37 -5.48 -1.32 -6.21
N GLU A 38 -5.45 -0.01 -6.39
CA GLU A 38 -4.38 0.62 -7.13
C GLU A 38 -3.02 0.11 -6.64
N VAL A 39 -2.97 -0.18 -5.35
CA VAL A 39 -1.75 -0.68 -4.74
C VAL A 39 -1.60 -2.17 -5.05
N CYS A 40 -2.58 -2.93 -4.61
CA CYS A 40 -2.58 -4.36 -4.83
C CYS A 40 -2.09 -4.63 -6.25
N THR A 41 -2.78 -4.01 -7.20
CA THR A 41 -2.43 -4.17 -8.61
C THR A 41 -0.91 -4.15 -8.78
N ALA A 42 -0.29 -3.13 -8.20
CA ALA A 42 1.15 -2.99 -8.28
C ALA A 42 1.81 -4.33 -7.96
N LEU A 43 1.37 -4.94 -6.86
CA LEU A 43 1.89 -6.21 -6.43
C LEU A 43 1.65 -7.26 -7.53
N LEU A 44 0.47 -7.19 -8.11
CA LEU A 44 0.11 -8.11 -9.17
C LEU A 44 0.96 -7.84 -10.40
N GLU A 45 1.23 -6.55 -10.63
CA GLU A 45 2.03 -6.14 -11.76
C GLU A 45 3.51 -6.37 -11.49
N ALA A 46 3.78 -6.93 -10.31
CA ALA A 46 5.15 -7.21 -9.91
C ALA A 46 5.39 -8.71 -9.97
N ASP A 47 5.16 -9.37 -8.84
CA ASP A 47 5.35 -10.81 -8.75
C ASP A 47 4.84 -11.30 -7.38
N VAL A 48 3.53 -11.35 -7.26
CA VAL A 48 2.91 -11.80 -6.03
C VAL A 48 1.69 -12.67 -6.35
N ASN A 49 1.42 -13.62 -5.47
CA ASN A 49 0.30 -14.52 -5.65
C ASN A 49 -1.01 -13.76 -5.35
N ILE A 50 -2.07 -14.20 -6.01
CA ILE A 50 -3.37 -13.59 -5.82
C ILE A 50 -3.80 -13.76 -4.37
N LYS A 51 -3.53 -14.93 -3.83
CA LYS A 51 -3.88 -15.23 -2.46
C LYS A 51 -3.13 -14.28 -1.52
N LEU A 52 -1.88 -14.03 -1.86
CA LEU A 52 -1.05 -13.14 -1.07
C LEU A 52 -1.53 -11.70 -1.24
N VAL A 53 -1.71 -11.32 -2.50
CA VAL A 53 -2.16 -9.98 -2.81
C VAL A 53 -3.51 -9.73 -2.13
N LYS A 54 -4.21 -10.82 -1.86
CA LYS A 54 -5.51 -10.74 -1.22
C LYS A 54 -5.33 -10.81 0.30
N GLN A 55 -4.18 -11.33 0.70
CA GLN A 55 -3.86 -11.46 2.12
C GLN A 55 -3.17 -10.20 2.62
N LEU A 56 -2.72 -9.38 1.67
CA LEU A 56 -2.04 -8.14 2.01
C LEU A 56 -3.08 -7.06 2.31
N ARG A 57 -3.98 -6.86 1.34
CA ARG A 57 -5.02 -5.86 1.49
C ARG A 57 -5.58 -5.89 2.92
N GLU A 58 -5.98 -7.07 3.34
CA GLU A 58 -6.53 -7.24 4.67
C GLU A 58 -5.51 -6.82 5.73
N ASN A 59 -4.36 -7.46 5.67
CA ASN A 59 -3.28 -7.17 6.61
C ASN A 59 -3.06 -5.66 6.67
N VAL A 60 -3.30 -5.02 5.54
CA VAL A 60 -3.12 -3.58 5.43
C VAL A 60 -4.26 -2.88 6.17
N LYS A 61 -5.46 -3.02 5.61
CA LYS A 61 -6.64 -2.40 6.19
C LYS A 61 -6.64 -2.64 7.71
N SER A 62 -6.18 -3.83 8.08
CA SER A 62 -6.12 -4.20 9.48
C SER A 62 -5.09 -3.34 10.21
N ALA A 63 -3.96 -3.14 9.53
CA ALA A 63 -2.88 -2.33 10.09
C ALA A 63 -3.42 -0.94 10.43
N ILE A 64 -4.50 -0.58 9.76
CA ILE A 64 -5.11 0.72 9.98
C ILE A 64 -6.30 0.57 10.92
N ASP A 65 -7.29 1.43 10.73
CA ASP A 65 -8.48 1.40 11.56
C ASP A 65 -9.37 2.60 11.21
N LEU A 66 -10.27 2.37 10.26
CA LEU A 66 -11.19 3.41 9.84
C LEU A 66 -12.40 3.45 10.78
N GLU A 67 -13.01 2.29 10.95
CA GLU A 67 -14.17 2.18 11.81
C GLU A 67 -14.00 3.07 13.04
N GLU A 68 -12.86 2.91 13.70
CA GLU A 68 -12.57 3.70 14.89
C GLU A 68 -11.87 5.01 14.50
N MET A 69 -10.96 5.43 15.37
CA MET A 69 -10.22 6.65 15.13
C MET A 69 -11.16 7.84 14.94
N ALA A 70 -11.15 8.73 15.91
CA ALA A 70 -12.00 9.91 15.86
C ALA A 70 -11.93 10.52 14.46
N SER A 71 -10.86 11.28 14.24
CA SER A 71 -10.66 11.92 12.95
C SER A 71 -10.13 10.90 11.93
N GLY A 72 -10.61 11.05 10.70
CA GLY A 72 -10.19 10.16 9.63
C GLY A 72 -9.21 10.85 8.69
N LEU A 73 -8.16 11.41 9.30
CA LEU A 73 -7.15 12.11 8.52
C LEU A 73 -5.81 11.38 8.67
N ASN A 74 -5.37 11.27 9.92
CA ASN A 74 -4.11 10.60 10.21
C ASN A 74 -4.01 9.32 9.35
N LYS A 75 -5.16 8.70 9.14
CA LYS A 75 -5.20 7.48 8.34
C LYS A 75 -4.29 7.65 7.12
N ARG A 76 -4.72 8.51 6.21
CA ARG A 76 -3.97 8.76 5.00
C ARG A 76 -2.49 8.98 5.34
N LYS A 77 -2.25 9.43 6.56
CA LYS A 77 -0.90 9.69 7.01
C LYS A 77 -0.25 8.36 7.42
N MET A 78 -0.71 7.82 8.54
CA MET A 78 -0.19 6.57 9.04
C MET A 78 -0.22 5.49 7.96
N ILE A 79 -1.17 5.63 7.06
CA ILE A 79 -1.32 4.68 5.98
C ILE A 79 -0.08 4.72 5.09
N GLN A 80 0.25 5.92 4.63
CA GLN A 80 1.40 6.10 3.78
C GLN A 80 2.57 5.23 4.27
N HIS A 81 2.62 5.05 5.58
CA HIS A 81 3.67 4.24 6.17
C HIS A 81 3.21 2.78 6.26
N ALA A 82 2.06 2.59 6.90
CA ALA A 82 1.51 1.26 7.05
C ALA A 82 1.70 0.48 5.75
N VAL A 83 1.15 1.03 4.68
CA VAL A 83 1.24 0.39 3.38
C VAL A 83 2.66 -0.15 3.18
N PHE A 84 3.60 0.77 3.01
CA PHE A 84 4.98 0.39 2.82
C PHE A 84 5.41 -0.69 3.81
N LYS A 85 4.90 -0.55 5.03
CA LYS A 85 5.22 -1.50 6.08
C LYS A 85 4.86 -2.92 5.61
N GLU A 86 3.73 -3.01 4.91
CA GLU A 86 3.27 -4.28 4.40
C GLU A 86 4.17 -4.74 3.25
N LEU A 87 4.93 -3.81 2.73
CA LEU A 87 5.83 -4.10 1.62
C LEU A 87 7.25 -4.30 2.17
N VAL A 88 7.87 -3.19 2.50
CA VAL A 88 9.24 -3.23 3.03
C VAL A 88 10.16 -3.89 2.01
N LYS A 89 9.67 -3.97 0.78
CA LYS A 89 10.44 -4.57 -0.29
C LYS A 89 10.33 -3.71 -1.54
N VAL A 90 9.16 -3.75 -2.16
CA VAL A 90 8.91 -2.98 -3.37
C VAL A 90 9.23 -1.51 -3.09
N LYS A 91 9.23 -1.16 -1.81
CA LYS A 91 9.51 0.21 -1.40
C LYS A 91 9.79 0.24 0.11
N VAL A 92 10.74 1.08 0.47
CA VAL A 92 11.12 1.21 1.87
C VAL A 92 11.45 2.68 2.17
N TYR A 93 11.31 3.04 3.44
CA TYR A 93 11.60 4.39 3.86
C TYR A 93 13.00 4.83 3.44
N SER A 94 13.28 6.10 3.61
CA SER A 94 14.57 6.65 3.26
C SER A 94 15.11 7.52 4.40
N GLY A 95 15.99 6.90 5.20
CA GLY A 95 16.59 7.60 6.32
C GLY A 95 16.02 7.07 7.65
N PRO A 96 16.89 7.10 8.69
CA PRO A 96 16.50 6.63 10.01
C PRO A 96 15.58 7.65 10.70
N SER A 97 14.50 7.98 10.02
CA SER A 97 13.54 8.94 10.55
C SER A 97 14.28 10.12 11.18
N SER A 98 14.71 11.03 10.31
CA SER A 98 15.42 12.21 10.75
C SER A 98 14.52 13.06 11.64
N GLY A 99 14.46 12.69 12.91
CA GLY A 99 13.64 13.40 13.86
C GLY A 99 12.31 12.68 14.11
N GLY A 1 6.68 -3.79 -25.57
CA GLY A 1 7.53 -2.76 -25.01
C GLY A 1 7.65 -2.92 -23.49
N SER A 2 8.82 -2.59 -22.98
CA SER A 2 9.08 -2.70 -21.55
C SER A 2 10.52 -2.24 -21.25
N SER A 3 10.77 -2.06 -19.95
CA SER A 3 12.09 -1.63 -19.52
C SER A 3 12.16 -1.65 -17.99
N GLY A 4 13.38 -1.57 -17.48
CA GLY A 4 13.60 -1.58 -16.05
C GLY A 4 14.35 -2.85 -15.62
N SER A 5 15.16 -2.69 -14.58
CA SER A 5 15.94 -3.79 -14.06
C SER A 5 15.61 -4.02 -12.59
N SER A 6 15.67 -2.93 -11.83
CA SER A 6 15.38 -3.00 -10.40
C SER A 6 13.88 -2.79 -10.16
N GLY A 7 13.33 -1.83 -10.90
CA GLY A 7 11.92 -1.52 -10.78
C GLY A 7 11.66 -0.05 -11.14
N ALA A 8 11.51 0.77 -10.11
CA ALA A 8 11.26 2.18 -10.30
C ALA A 8 9.76 2.40 -10.57
N ASP A 9 9.36 2.01 -11.76
CA ASP A 9 7.96 2.16 -12.16
C ASP A 9 7.07 1.49 -11.11
N LEU A 10 7.61 0.45 -10.50
CA LEU A 10 6.88 -0.29 -9.48
C LEU A 10 6.37 0.70 -8.42
N GLY A 11 7.26 1.03 -7.49
CA GLY A 11 6.92 1.96 -6.42
C GLY A 11 6.16 3.16 -6.97
N ARG A 12 6.46 3.51 -8.22
CA ARG A 12 5.82 4.64 -8.86
C ARG A 12 4.31 4.41 -8.94
N LYS A 13 3.94 3.16 -9.15
CA LYS A 13 2.54 2.80 -9.25
C LYS A 13 1.84 3.12 -7.93
N ILE A 14 2.31 2.46 -6.88
CA ILE A 14 1.75 2.67 -5.56
C ILE A 14 1.92 4.13 -5.15
N THR A 15 3.11 4.65 -5.39
CA THR A 15 3.42 6.02 -5.06
C THR A 15 2.23 6.93 -5.39
N SER A 16 1.69 6.73 -6.57
CA SER A 16 0.55 7.52 -7.02
C SER A 16 -0.68 7.17 -6.18
N ALA A 17 -0.84 5.88 -5.92
CA ALA A 17 -1.97 5.41 -5.14
C ALA A 17 -2.03 6.20 -3.81
N LEU A 18 -0.95 6.08 -3.05
CA LEU A 18 -0.87 6.77 -1.78
C LEU A 18 -1.09 8.27 -1.99
N ARG A 19 -0.63 8.74 -3.13
CA ARG A 19 -0.76 10.15 -3.48
C ARG A 19 -2.23 10.50 -3.71
N SER A 20 -2.88 9.67 -4.50
CA SER A 20 -4.29 9.87 -4.82
C SER A 20 -5.06 10.19 -3.54
N LEU A 21 -4.53 9.71 -2.42
CA LEU A 21 -5.16 9.93 -1.14
C LEU A 21 -4.93 11.38 -0.70
N SER A 22 -3.66 11.77 -0.68
CA SER A 22 -3.30 13.12 -0.29
C SER A 22 -4.08 14.14 -1.13
N ASN A 23 -4.49 13.69 -2.31
CA ASN A 23 -5.24 14.55 -3.22
C ASN A 23 -6.70 14.59 -2.77
N ALA A 24 -7.12 13.52 -2.12
CA ALA A 24 -8.49 13.41 -1.63
C ALA A 24 -8.61 14.16 -0.31
N THR A 25 -9.81 14.10 0.27
CA THR A 25 -10.07 14.76 1.53
C THR A 25 -11.01 13.92 2.40
N ILE A 26 -12.06 13.43 1.76
CA ILE A 26 -13.03 12.60 2.44
C ILE A 26 -12.32 11.55 3.29
N ILE A 27 -11.37 10.88 2.65
CA ILE A 27 -10.60 9.85 3.33
C ILE A 27 -11.55 8.95 4.13
N ASN A 28 -11.96 7.87 3.50
CA ASN A 28 -12.87 6.92 4.14
C ASN A 28 -12.53 5.50 3.67
N GLU A 29 -13.51 4.62 3.83
CA GLU A 29 -13.34 3.24 3.43
C GLU A 29 -13.08 3.14 1.93
N GLU A 30 -13.96 3.78 1.17
CA GLU A 30 -13.84 3.77 -0.28
C GLU A 30 -12.41 4.09 -0.70
N VAL A 31 -11.94 5.26 -0.28
CA VAL A 31 -10.60 5.69 -0.61
C VAL A 31 -9.64 4.50 -0.49
N LEU A 32 -9.42 4.07 0.73
CA LEU A 32 -8.54 2.95 1.00
C LEU A 32 -8.84 1.83 -0.01
N ASN A 33 -10.06 1.30 0.09
CA ASN A 33 -10.48 0.23 -0.79
C ASN A 33 -10.02 0.54 -2.21
N ALA A 34 -10.47 1.68 -2.72
CA ALA A 34 -10.11 2.10 -4.06
C ALA A 34 -8.59 2.01 -4.24
N MET A 35 -7.88 2.67 -3.33
CA MET A 35 -6.43 2.67 -3.38
C MET A 35 -5.89 1.24 -3.47
N LEU A 36 -6.43 0.38 -2.62
CA LEU A 36 -6.01 -1.02 -2.60
C LEU A 36 -6.12 -1.60 -4.01
N LYS A 37 -7.09 -1.08 -4.75
CA LYS A 37 -7.31 -1.54 -6.11
C LYS A 37 -6.15 -1.09 -7.00
N GLU A 38 -5.64 0.09 -6.69
CA GLU A 38 -4.53 0.65 -7.45
C GLU A 38 -3.20 0.13 -6.90
N VAL A 39 -3.24 -0.28 -5.64
CA VAL A 39 -2.05 -0.80 -4.98
C VAL A 39 -1.91 -2.28 -5.29
N CYS A 40 -2.92 -3.04 -4.88
CA CYS A 40 -2.93 -4.48 -5.10
C CYS A 40 -2.41 -4.75 -6.51
N THR A 41 -2.76 -3.84 -7.42
CA THR A 41 -2.34 -3.97 -8.80
C THR A 41 -0.82 -3.99 -8.90
N ALA A 42 -0.20 -2.94 -8.37
CA ALA A 42 1.24 -2.83 -8.39
C ALA A 42 1.86 -4.15 -7.93
N LEU A 43 1.41 -4.61 -6.78
CA LEU A 43 1.91 -5.86 -6.22
C LEU A 43 1.70 -6.98 -7.23
N LEU A 44 0.50 -7.01 -7.80
CA LEU A 44 0.16 -8.03 -8.78
C LEU A 44 1.07 -7.86 -10.00
N GLU A 45 1.39 -6.62 -10.30
CA GLU A 45 2.25 -6.32 -11.44
C GLU A 45 3.72 -6.46 -11.04
N ALA A 46 3.93 -6.91 -9.81
CA ALA A 46 5.28 -7.10 -9.31
C ALA A 46 5.67 -8.57 -9.44
N ASP A 47 4.96 -9.41 -8.71
CA ASP A 47 5.22 -10.84 -8.75
C ASP A 47 4.41 -11.53 -7.63
N VAL A 48 4.24 -10.81 -6.54
CA VAL A 48 3.49 -11.33 -5.41
C VAL A 48 2.28 -12.12 -5.93
N ASN A 49 2.01 -13.23 -5.27
CA ASN A 49 0.89 -14.07 -5.65
C ASN A 49 -0.41 -13.31 -5.42
N ILE A 50 -1.41 -13.65 -6.22
CA ILE A 50 -2.72 -13.01 -6.13
C ILE A 50 -3.32 -13.30 -4.75
N LYS A 51 -3.13 -14.53 -4.29
CA LYS A 51 -3.64 -14.94 -3.00
C LYS A 51 -2.97 -14.11 -1.91
N LEU A 52 -1.67 -13.95 -2.04
CA LEU A 52 -0.90 -13.18 -1.07
C LEU A 52 -1.44 -11.75 -1.02
N VAL A 53 -1.64 -11.18 -2.20
CA VAL A 53 -2.16 -9.83 -2.30
C VAL A 53 -3.57 -9.78 -1.72
N LYS A 54 -4.15 -10.96 -1.57
CA LYS A 54 -5.49 -11.07 -1.02
C LYS A 54 -5.43 -11.03 0.51
N GLN A 55 -4.30 -11.50 1.03
CA GLN A 55 -4.10 -11.53 2.46
C GLN A 55 -3.36 -10.27 2.93
N LEU A 56 -2.81 -9.55 1.95
CA LEU A 56 -2.07 -8.34 2.25
C LEU A 56 -3.07 -7.22 2.57
N ARG A 57 -3.94 -6.95 1.61
CA ARG A 57 -4.94 -5.92 1.77
C ARG A 57 -5.47 -5.90 3.21
N GLU A 58 -5.98 -7.05 3.63
CA GLU A 58 -6.52 -7.20 4.96
C GLU A 58 -5.44 -6.89 6.01
N ASN A 59 -4.34 -7.63 5.91
CA ASN A 59 -3.24 -7.45 6.83
C ASN A 59 -2.93 -5.95 6.97
N VAL A 60 -3.27 -5.22 5.92
CA VAL A 60 -3.04 -3.79 5.90
C VAL A 60 -4.25 -3.07 6.50
N LYS A 61 -5.41 -3.37 5.93
CA LYS A 61 -6.65 -2.76 6.39
C LYS A 61 -6.80 -3.01 7.89
N SER A 62 -6.12 -4.05 8.36
CA SER A 62 -6.17 -4.39 9.77
C SER A 62 -5.30 -3.44 10.59
N ALA A 63 -4.24 -2.96 9.94
CA ALA A 63 -3.32 -2.04 10.58
C ALA A 63 -3.99 -0.66 10.69
N ILE A 64 -5.09 -0.52 9.99
CA ILE A 64 -5.83 0.74 10.00
C ILE A 64 -6.99 0.64 10.98
N ASP A 65 -8.01 1.44 10.74
CA ASP A 65 -9.18 1.46 11.59
C ASP A 65 -10.16 2.51 11.08
N LEU A 66 -10.70 2.26 9.89
CA LEU A 66 -11.65 3.17 9.29
C LEU A 66 -12.63 3.67 10.36
N GLU A 67 -13.19 2.71 11.08
CA GLU A 67 -14.14 3.03 12.14
C GLU A 67 -13.65 4.22 12.96
N GLU A 68 -12.60 3.97 13.74
CA GLU A 68 -12.03 5.00 14.58
C GLU A 68 -10.73 5.51 13.96
N MET A 69 -10.86 6.51 13.11
CA MET A 69 -9.70 7.10 12.45
C MET A 69 -9.32 8.43 13.09
N ALA A 70 -9.81 9.50 12.47
CA ALA A 70 -9.53 10.84 12.97
C ALA A 70 -10.46 11.84 12.29
N SER A 71 -9.90 12.99 11.95
CA SER A 71 -10.68 14.03 11.29
C SER A 71 -9.86 14.66 10.16
N GLY A 72 -8.65 15.06 10.50
CA GLY A 72 -7.76 15.69 9.52
C GLY A 72 -7.07 14.61 8.67
N LEU A 73 -5.80 14.86 8.41
CA LEU A 73 -5.01 13.93 7.61
C LEU A 73 -4.01 13.20 8.51
N ASN A 74 -4.56 12.49 9.49
CA ASN A 74 -3.73 11.75 10.42
C ASN A 74 -3.64 10.29 9.97
N LYS A 75 -4.79 9.73 9.63
CA LYS A 75 -4.85 8.35 9.18
C LYS A 75 -3.88 8.16 8.02
N ARG A 76 -3.79 9.18 7.18
CA ARG A 76 -2.91 9.13 6.03
C ARG A 76 -1.47 8.83 6.48
N LYS A 77 -1.09 9.45 7.58
CA LYS A 77 0.25 9.25 8.12
C LYS A 77 0.44 7.77 8.46
N MET A 78 -0.23 7.34 9.51
CA MET A 78 -0.14 5.95 9.94
C MET A 78 -0.39 5.00 8.78
N ILE A 79 -1.18 5.47 7.82
CA ILE A 79 -1.51 4.67 6.65
C ILE A 79 -0.28 4.56 5.75
N GLN A 80 0.17 5.71 5.27
CA GLN A 80 1.34 5.75 4.40
C GLN A 80 2.45 4.86 4.96
N HIS A 81 2.41 4.68 6.27
CA HIS A 81 3.40 3.85 6.94
C HIS A 81 2.92 2.40 6.98
N ALA A 82 1.70 2.23 7.47
CA ALA A 82 1.11 0.91 7.57
C ALA A 82 1.29 0.16 6.24
N VAL A 83 0.96 0.88 5.16
CA VAL A 83 1.09 0.31 3.83
C VAL A 83 2.55 -0.07 3.57
N PHE A 84 3.38 0.96 3.51
CA PHE A 84 4.80 0.75 3.26
C PHE A 84 5.36 -0.36 4.16
N LYS A 85 5.06 -0.23 5.44
CA LYS A 85 5.52 -1.21 6.41
C LYS A 85 5.04 -2.60 6.01
N GLU A 86 3.98 -2.61 5.20
CA GLU A 86 3.41 -3.86 4.72
C GLU A 86 3.98 -4.22 3.35
N LEU A 87 4.36 -3.19 2.62
CA LEU A 87 4.92 -3.37 1.29
C LEU A 87 6.37 -3.85 1.42
N VAL A 88 7.06 -3.30 2.39
CA VAL A 88 8.45 -3.67 2.64
C VAL A 88 8.50 -5.08 3.22
N LYS A 89 7.49 -5.39 4.02
CA LYS A 89 7.41 -6.71 4.65
C LYS A 89 6.62 -7.65 3.75
N VAL A 90 7.28 -8.13 2.71
CA VAL A 90 6.64 -9.04 1.77
C VAL A 90 7.68 -9.99 1.18
N LYS A 91 7.20 -11.08 0.62
CA LYS A 91 8.08 -12.07 0.02
C LYS A 91 8.77 -12.86 1.13
N VAL A 92 7.98 -13.65 1.84
CA VAL A 92 8.50 -14.45 2.93
C VAL A 92 9.30 -13.56 3.88
N TYR A 93 9.76 -14.18 4.97
CA TYR A 93 10.54 -13.46 5.96
C TYR A 93 12.03 -13.76 5.82
N SER A 94 12.33 -15.03 5.56
CA SER A 94 13.70 -15.46 5.40
C SER A 94 14.54 -15.00 6.59
N GLY A 95 14.56 -15.85 7.61
CA GLY A 95 15.32 -15.55 8.82
C GLY A 95 14.57 -14.55 9.70
N PRO A 96 14.97 -14.51 11.00
CA PRO A 96 14.36 -13.61 11.95
C PRO A 96 14.80 -12.16 11.72
N SER A 97 16.08 -12.02 11.41
CA SER A 97 16.64 -10.71 11.16
C SER A 97 16.20 -10.19 9.79
N SER A 98 15.65 -8.98 9.79
CA SER A 98 15.18 -8.37 8.56
C SER A 98 15.61 -6.90 8.51
N GLY A 99 15.18 -6.16 9.52
CA GLY A 99 15.51 -4.74 9.59
C GLY A 99 16.99 -4.55 9.94
N GLY A 1 12.03 -3.40 -29.36
CA GLY A 1 11.21 -4.44 -28.77
C GLY A 1 11.44 -4.52 -27.25
N SER A 2 10.90 -3.55 -26.54
CA SER A 2 11.04 -3.49 -25.10
C SER A 2 9.66 -3.55 -24.44
N SER A 3 9.49 -4.55 -23.58
CA SER A 3 8.24 -4.73 -22.87
C SER A 3 8.50 -5.29 -21.47
N GLY A 4 8.17 -4.48 -20.49
CA GLY A 4 8.37 -4.87 -19.10
C GLY A 4 9.61 -4.20 -18.50
N SER A 5 9.71 -4.30 -17.19
CA SER A 5 10.84 -3.71 -16.49
C SER A 5 10.93 -4.27 -15.06
N SER A 6 9.89 -3.98 -14.28
CA SER A 6 9.84 -4.46 -12.92
C SER A 6 10.94 -3.79 -12.08
N GLY A 7 10.50 -3.01 -11.11
CA GLY A 7 11.43 -2.30 -10.24
C GLY A 7 11.41 -0.80 -10.52
N ALA A 8 11.34 -0.04 -9.43
CA ALA A 8 11.31 1.41 -9.54
C ALA A 8 9.87 1.87 -9.83
N ASP A 9 9.38 1.46 -10.99
CA ASP A 9 8.03 1.82 -11.40
C ASP A 9 7.03 1.27 -10.37
N LEU A 10 7.46 0.21 -9.70
CA LEU A 10 6.61 -0.41 -8.69
C LEU A 10 6.28 0.60 -7.59
N GLY A 11 7.32 1.00 -6.87
CA GLY A 11 7.15 1.96 -5.80
C GLY A 11 6.43 3.22 -6.29
N ARG A 12 6.47 3.41 -7.61
CA ARG A 12 5.83 4.56 -8.22
C ARG A 12 4.35 4.26 -8.49
N LYS A 13 4.08 3.00 -8.81
CA LYS A 13 2.73 2.58 -9.09
C LYS A 13 1.90 2.62 -7.80
N ILE A 14 2.61 2.59 -6.68
CA ILE A 14 1.97 2.62 -5.38
C ILE A 14 1.98 4.05 -4.84
N THR A 15 3.11 4.70 -5.03
CA THR A 15 3.27 6.08 -4.57
C THR A 15 2.04 6.90 -4.92
N SER A 16 1.63 6.81 -6.18
CA SER A 16 0.47 7.55 -6.65
C SER A 16 -0.77 7.13 -5.85
N ALA A 17 -0.81 5.85 -5.51
CA ALA A 17 -1.91 5.31 -4.74
C ALA A 17 -1.94 5.95 -3.36
N LEU A 18 -0.78 5.97 -2.73
CA LEU A 18 -0.66 6.55 -1.40
C LEU A 18 -0.79 8.07 -1.50
N ARG A 19 -0.33 8.60 -2.62
CA ARG A 19 -0.40 10.03 -2.85
C ARG A 19 -1.84 10.45 -3.16
N SER A 20 -2.59 9.51 -3.70
CA SER A 20 -3.99 9.77 -4.04
C SER A 20 -4.75 10.23 -2.80
N LEU A 21 -4.45 9.58 -1.69
CA LEU A 21 -5.09 9.91 -0.42
C LEU A 21 -4.83 11.38 -0.09
N SER A 22 -3.55 11.71 0.03
CA SER A 22 -3.16 13.07 0.35
C SER A 22 -4.04 14.06 -0.41
N ASN A 23 -4.49 13.64 -1.57
CA ASN A 23 -5.34 14.47 -2.40
C ASN A 23 -6.78 14.39 -1.89
N ALA A 24 -7.24 13.15 -1.71
CA ALA A 24 -8.59 12.92 -1.23
C ALA A 24 -8.82 13.73 0.05
N THR A 25 -10.07 14.08 0.27
CA THR A 25 -10.45 14.86 1.44
C THR A 25 -11.41 14.06 2.32
N ILE A 26 -12.27 13.30 1.66
CA ILE A 26 -13.25 12.49 2.37
C ILE A 26 -12.53 11.43 3.20
N ILE A 27 -11.71 10.64 2.52
CA ILE A 27 -10.95 9.59 3.18
C ILE A 27 -11.92 8.69 3.97
N ASN A 28 -12.18 7.52 3.40
CA ASN A 28 -13.08 6.57 4.03
C ASN A 28 -12.68 5.16 3.63
N GLU A 29 -13.48 4.20 4.06
CA GLU A 29 -13.23 2.80 3.75
C GLU A 29 -13.12 2.61 2.24
N GLU A 30 -14.01 3.27 1.52
CA GLU A 30 -14.02 3.17 0.07
C GLU A 30 -12.66 3.56 -0.50
N VAL A 31 -12.17 4.72 -0.05
CA VAL A 31 -10.88 5.21 -0.51
C VAL A 31 -9.85 4.09 -0.41
N LEU A 32 -9.50 3.76 0.83
CA LEU A 32 -8.52 2.72 1.08
C LEU A 32 -8.82 1.51 0.18
N ASN A 33 -10.09 1.13 0.19
CA ASN A 33 -10.51 -0.01 -0.62
C ASN A 33 -10.13 0.24 -2.08
N ALA A 34 -10.52 1.40 -2.58
CA ALA A 34 -10.22 1.77 -3.95
C ALA A 34 -8.71 1.84 -4.14
N MET A 35 -8.09 2.71 -3.36
CA MET A 35 -6.65 2.89 -3.43
C MET A 35 -5.92 1.55 -3.34
N LEU A 36 -6.41 0.71 -2.43
CA LEU A 36 -5.82 -0.61 -2.24
C LEU A 36 -5.65 -1.28 -3.60
N LYS A 37 -6.75 -1.37 -4.33
CA LYS A 37 -6.74 -2.00 -5.63
C LYS A 37 -5.56 -1.45 -6.45
N GLU A 38 -5.40 -0.13 -6.37
CA GLU A 38 -4.31 0.53 -7.08
C GLU A 38 -2.96 0.03 -6.57
N VAL A 39 -2.94 -0.36 -5.30
CA VAL A 39 -1.73 -0.84 -4.69
C VAL A 39 -1.56 -2.33 -4.99
N CYS A 40 -2.57 -3.10 -4.60
CA CYS A 40 -2.56 -4.53 -4.82
C CYS A 40 -2.02 -4.79 -6.23
N THR A 41 -2.41 -3.92 -7.15
CA THR A 41 -1.98 -4.05 -8.53
C THR A 41 -0.45 -4.15 -8.60
N ALA A 42 0.21 -3.14 -8.07
CA ALA A 42 1.66 -3.11 -8.06
C ALA A 42 2.19 -4.50 -7.73
N LEU A 43 1.63 -5.09 -6.69
CA LEU A 43 2.03 -6.42 -6.26
C LEU A 43 1.75 -7.42 -7.38
N LEU A 44 0.55 -7.32 -7.93
CA LEU A 44 0.14 -8.21 -9.00
C LEU A 44 1.05 -7.98 -10.22
N GLU A 45 1.52 -6.75 -10.34
CA GLU A 45 2.40 -6.39 -11.44
C GLU A 45 3.84 -6.79 -11.13
N ALA A 46 4.01 -7.44 -9.99
CA ALA A 46 5.32 -7.89 -9.56
C ALA A 46 5.51 -9.35 -9.96
N ASP A 47 4.90 -10.23 -9.17
CA ASP A 47 5.00 -11.65 -9.43
C ASP A 47 4.56 -12.42 -8.18
N VAL A 48 3.48 -11.95 -7.57
CA VAL A 48 2.95 -12.57 -6.38
C VAL A 48 1.72 -13.40 -6.74
N ASN A 49 1.12 -13.99 -5.72
CA ASN A 49 -0.06 -14.82 -5.91
C ASN A 49 -1.31 -13.99 -5.59
N ILE A 50 -2.20 -13.90 -6.58
CA ILE A 50 -3.42 -13.15 -6.40
C ILE A 50 -3.97 -13.38 -4.99
N LYS A 51 -4.17 -14.64 -4.67
CA LYS A 51 -4.69 -15.01 -3.35
C LYS A 51 -3.91 -14.24 -2.28
N LEU A 52 -2.60 -14.29 -2.39
CA LEU A 52 -1.74 -13.60 -1.44
C LEU A 52 -2.05 -12.09 -1.47
N VAL A 53 -2.17 -11.57 -2.68
CA VAL A 53 -2.46 -10.16 -2.86
C VAL A 53 -3.75 -9.81 -2.08
N LYS A 54 -4.53 -10.84 -1.82
CA LYS A 54 -5.78 -10.66 -1.09
C LYS A 54 -5.49 -10.64 0.41
N GLN A 55 -4.35 -11.21 0.77
CA GLN A 55 -3.95 -11.26 2.17
C GLN A 55 -3.17 -10.00 2.55
N LEU A 56 -2.76 -9.27 1.52
CA LEU A 56 -2.01 -8.04 1.73
C LEU A 56 -2.97 -6.95 2.22
N ARG A 57 -3.87 -6.55 1.34
CA ARG A 57 -4.84 -5.52 1.68
C ARG A 57 -5.32 -5.68 3.12
N GLU A 58 -5.88 -6.86 3.39
CA GLU A 58 -6.37 -7.15 4.72
C GLU A 58 -5.31 -6.83 5.78
N ASN A 59 -4.12 -7.37 5.55
CA ASN A 59 -3.01 -7.14 6.46
C ASN A 59 -2.78 -5.63 6.62
N VAL A 60 -3.05 -4.91 5.54
CA VAL A 60 -2.88 -3.47 5.54
C VAL A 60 -4.04 -2.81 6.28
N LYS A 61 -5.25 -3.10 5.80
CA LYS A 61 -6.45 -2.56 6.40
C LYS A 61 -6.43 -2.84 7.90
N SER A 62 -5.77 -3.93 8.27
CA SER A 62 -5.67 -4.32 9.66
C SER A 62 -4.73 -3.37 10.41
N ALA A 63 -3.81 -2.79 9.66
CA ALA A 63 -2.84 -1.87 10.23
C ALA A 63 -3.53 -0.52 10.49
N ILE A 64 -4.68 -0.35 9.85
CA ILE A 64 -5.45 0.88 10.01
C ILE A 64 -6.68 0.60 10.87
N ASP A 65 -7.68 1.45 10.71
CA ASP A 65 -8.91 1.31 11.47
C ASP A 65 -9.86 2.45 11.10
N LEU A 66 -10.30 2.44 9.85
CA LEU A 66 -11.22 3.46 9.37
C LEU A 66 -12.55 3.35 10.12
N GLU A 67 -12.84 2.14 10.56
CA GLU A 67 -14.08 1.88 11.29
C GLU A 67 -14.39 3.05 12.22
N GLU A 68 -13.34 3.66 12.74
CA GLU A 68 -13.49 4.79 13.63
C GLU A 68 -12.26 5.69 13.57
N MET A 69 -12.21 6.51 12.52
CA MET A 69 -11.10 7.42 12.33
C MET A 69 -11.55 8.88 12.46
N ALA A 70 -12.85 9.08 12.26
CA ALA A 70 -13.42 10.41 12.36
C ALA A 70 -12.46 11.42 11.72
N SER A 71 -12.18 11.20 10.44
CA SER A 71 -11.29 12.07 9.71
C SER A 71 -9.94 12.16 10.42
N GLY A 72 -9.06 12.97 9.86
CA GLY A 72 -7.73 13.15 10.43
C GLY A 72 -6.66 13.15 9.34
N LEU A 73 -5.68 14.02 9.51
CA LEU A 73 -4.60 14.14 8.54
C LEU A 73 -3.55 13.06 8.83
N ASN A 74 -3.67 12.46 10.01
CA ASN A 74 -2.75 11.42 10.42
C ASN A 74 -3.12 10.11 9.72
N LYS A 75 -4.40 9.76 9.87
CA LYS A 75 -4.91 8.54 9.26
C LYS A 75 -4.30 8.37 7.87
N ARG A 76 -4.49 9.38 7.04
CA ARG A 76 -3.96 9.35 5.69
C ARG A 76 -2.44 9.19 5.72
N LYS A 77 -1.82 9.86 6.68
CA LYS A 77 -0.38 9.80 6.82
C LYS A 77 0.04 8.37 7.15
N MET A 78 -0.30 7.96 8.37
CA MET A 78 0.03 6.61 8.82
C MET A 78 -0.40 5.57 7.79
N ILE A 79 -1.40 5.93 7.02
CA ILE A 79 -1.91 5.04 5.99
C ILE A 79 -0.90 4.96 4.83
N GLN A 80 -0.22 6.08 4.63
CA GLN A 80 0.76 6.15 3.56
C GLN A 80 1.97 5.28 3.90
N HIS A 81 2.31 5.26 5.18
CA HIS A 81 3.44 4.48 5.64
C HIS A 81 3.00 3.03 5.90
N ALA A 82 1.84 2.91 6.53
CA ALA A 82 1.29 1.60 6.84
C ALA A 82 1.53 0.67 5.66
N VAL A 83 0.90 1.00 4.54
CA VAL A 83 1.03 0.21 3.33
C VAL A 83 2.51 -0.15 3.12
N PHE A 84 3.30 0.88 2.90
CA PHE A 84 4.72 0.69 2.68
C PHE A 84 5.31 -0.29 3.70
N LYS A 85 4.91 -0.10 4.95
CA LYS A 85 5.38 -0.97 6.02
C LYS A 85 5.24 -2.43 5.60
N GLU A 86 4.05 -2.77 5.15
CA GLU A 86 3.77 -4.13 4.71
C GLU A 86 4.68 -4.51 3.54
N LEU A 87 4.82 -3.56 2.61
CA LEU A 87 5.65 -3.78 1.45
C LEU A 87 7.03 -4.28 1.89
N VAL A 88 7.36 -3.97 3.14
CA VAL A 88 8.64 -4.38 3.70
C VAL A 88 8.53 -5.81 4.21
N LYS A 89 7.48 -6.04 5.00
CA LYS A 89 7.25 -7.36 5.56
C LYS A 89 6.62 -8.27 4.50
N VAL A 90 7.32 -8.38 3.38
CA VAL A 90 6.84 -9.20 2.29
C VAL A 90 8.00 -10.04 1.75
N LYS A 91 8.88 -9.38 1.01
CA LYS A 91 10.03 -10.05 0.44
C LYS A 91 11.08 -9.01 0.05
N VAL A 92 12.20 -9.50 -0.45
CA VAL A 92 13.29 -8.63 -0.87
C VAL A 92 13.42 -8.67 -2.40
N TYR A 93 13.37 -7.50 -3.00
CA TYR A 93 13.47 -7.40 -4.45
C TYR A 93 14.73 -8.11 -4.95
N SER A 94 14.92 -8.04 -6.26
CA SER A 94 16.08 -8.68 -6.88
C SER A 94 16.79 -7.69 -7.80
N GLY A 95 17.76 -7.00 -7.23
CA GLY A 95 18.53 -6.01 -7.98
C GLY A 95 19.98 -6.00 -7.52
N PRO A 96 20.86 -5.47 -8.42
CA PRO A 96 22.28 -5.38 -8.12
C PRO A 96 22.56 -4.25 -7.13
N SER A 97 22.88 -4.64 -5.91
CA SER A 97 23.17 -3.67 -4.86
C SER A 97 21.94 -2.80 -4.59
N SER A 98 21.80 -2.39 -3.35
CA SER A 98 20.68 -1.54 -2.96
C SER A 98 20.48 -0.44 -3.99
N GLY A 99 21.53 0.35 -4.19
CA GLY A 99 21.47 1.44 -5.14
C GLY A 99 21.89 0.99 -6.53
N GLY A 1 27.84 3.27 -6.00
CA GLY A 1 26.85 2.56 -5.21
C GLY A 1 26.64 1.14 -5.76
N SER A 2 26.02 0.32 -4.93
CA SER A 2 25.74 -1.06 -5.31
C SER A 2 24.52 -1.11 -6.22
N SER A 3 23.36 -1.01 -5.60
CA SER A 3 22.11 -1.04 -6.34
C SER A 3 21.38 0.30 -6.20
N GLY A 4 20.90 0.55 -4.99
CA GLY A 4 20.18 1.79 -4.72
C GLY A 4 19.10 2.04 -5.75
N SER A 5 18.13 1.14 -5.79
CA SER A 5 17.03 1.25 -6.73
C SER A 5 15.92 0.26 -6.36
N SER A 6 15.28 0.53 -5.24
CA SER A 6 14.20 -0.32 -4.77
C SER A 6 12.94 -0.08 -5.60
N GLY A 7 12.87 -0.72 -6.75
CA GLY A 7 11.74 -0.58 -7.63
C GLY A 7 11.33 0.89 -7.76
N ALA A 8 11.90 1.55 -8.76
CA ALA A 8 11.60 2.94 -9.00
C ALA A 8 10.19 3.08 -9.57
N ASP A 9 9.95 2.34 -10.65
CA ASP A 9 8.65 2.36 -11.29
C ASP A 9 7.62 1.69 -10.37
N LEU A 10 8.08 0.69 -9.66
CA LEU A 10 7.22 -0.04 -8.75
C LEU A 10 6.67 0.92 -7.68
N GLY A 11 7.58 1.37 -6.83
CA GLY A 11 7.21 2.29 -5.76
C GLY A 11 6.45 3.49 -6.31
N ARG A 12 6.68 3.75 -7.59
CA ARG A 12 6.03 4.87 -8.25
C ARG A 12 4.55 4.54 -8.51
N LYS A 13 4.27 3.25 -8.59
CA LYS A 13 2.92 2.79 -8.82
C LYS A 13 2.08 3.00 -7.56
N ILE A 14 2.69 2.69 -6.43
CA ILE A 14 2.01 2.83 -5.15
C ILE A 14 2.11 4.29 -4.69
N THR A 15 3.29 4.85 -4.84
CA THR A 15 3.53 6.22 -4.45
C THR A 15 2.41 7.13 -4.96
N SER A 16 1.78 6.69 -6.05
CA SER A 16 0.69 7.44 -6.64
C SER A 16 -0.62 7.12 -5.91
N ALA A 17 -0.76 5.87 -5.53
CA ALA A 17 -1.95 5.42 -4.82
C ALA A 17 -2.11 6.24 -3.54
N LEU A 18 -1.10 6.14 -2.68
CA LEU A 18 -1.12 6.86 -1.43
C LEU A 18 -1.41 8.33 -1.68
N ARG A 19 -0.91 8.81 -2.83
CA ARG A 19 -1.12 10.20 -3.21
C ARG A 19 -2.62 10.51 -3.31
N SER A 20 -3.31 9.64 -4.03
CA SER A 20 -4.74 9.82 -4.21
C SER A 20 -5.41 10.14 -2.88
N LEU A 21 -4.78 9.67 -1.81
CA LEU A 21 -5.30 9.89 -0.47
C LEU A 21 -5.00 11.33 -0.05
N SER A 22 -3.71 11.67 -0.07
CA SER A 22 -3.27 12.99 0.30
C SER A 22 -4.12 14.05 -0.41
N ASN A 23 -4.63 13.66 -1.58
CA ASN A 23 -5.45 14.56 -2.37
C ASN A 23 -6.92 14.36 -2.00
N ALA A 24 -7.23 13.14 -1.58
CA ALA A 24 -8.59 12.81 -1.18
C ALA A 24 -8.99 13.66 0.02
N THR A 25 -10.21 14.17 -0.04
CA THR A 25 -10.73 15.01 1.04
C THR A 25 -11.67 14.20 1.92
N ILE A 26 -12.30 13.20 1.32
CA ILE A 26 -13.22 12.35 2.04
C ILE A 26 -12.44 11.37 2.90
N ILE A 27 -11.78 10.44 2.23
CA ILE A 27 -11.00 9.42 2.92
C ILE A 27 -11.92 8.57 3.79
N ASN A 28 -12.18 7.37 3.31
CA ASN A 28 -13.05 6.45 4.03
C ASN A 28 -12.78 5.02 3.55
N GLU A 29 -13.68 4.12 3.92
CA GLU A 29 -13.56 2.73 3.53
C GLU A 29 -13.35 2.61 2.02
N GLU A 30 -14.14 3.39 1.29
CA GLU A 30 -14.06 3.38 -0.17
C GLU A 30 -12.64 3.71 -0.62
N VAL A 31 -12.23 4.94 -0.34
CA VAL A 31 -10.90 5.39 -0.71
C VAL A 31 -9.90 4.24 -0.49
N LEU A 32 -9.86 3.77 0.75
CA LEU A 32 -8.96 2.68 1.10
C LEU A 32 -9.19 1.50 0.16
N ASN A 33 -10.46 1.15 0.00
CA ASN A 33 -10.83 0.05 -0.87
C ASN A 33 -10.29 0.31 -2.28
N ALA A 34 -10.75 1.42 -2.85
CA ALA A 34 -10.32 1.80 -4.19
C ALA A 34 -8.79 1.86 -4.24
N MET A 35 -8.24 2.73 -3.42
CA MET A 35 -6.79 2.89 -3.36
C MET A 35 -6.10 1.53 -3.28
N LEU A 36 -6.54 0.73 -2.32
CA LEU A 36 -5.97 -0.59 -2.13
C LEU A 36 -5.71 -1.24 -3.50
N LYS A 37 -6.77 -1.32 -4.28
CA LYS A 37 -6.67 -1.91 -5.61
C LYS A 37 -5.44 -1.35 -6.32
N GLU A 38 -5.40 -0.03 -6.42
CA GLU A 38 -4.29 0.64 -7.08
C GLU A 38 -2.96 0.14 -6.52
N VAL A 39 -3.00 -0.22 -5.24
CA VAL A 39 -1.81 -0.72 -4.57
C VAL A 39 -1.63 -2.21 -4.91
N CYS A 40 -2.60 -3.00 -4.49
CA CYS A 40 -2.56 -4.44 -4.73
C CYS A 40 -2.06 -4.65 -6.16
N THR A 41 -2.62 -3.88 -7.08
CA THR A 41 -2.26 -3.98 -8.48
C THR A 41 -0.73 -3.94 -8.63
N ALA A 42 -0.13 -2.93 -8.03
CA ALA A 42 1.31 -2.77 -8.09
C ALA A 42 1.99 -4.12 -7.83
N LEU A 43 1.50 -4.79 -6.78
CA LEU A 43 2.05 -6.09 -6.42
C LEU A 43 1.81 -7.08 -7.56
N LEU A 44 0.55 -7.12 -8.01
CA LEU A 44 0.18 -8.02 -9.09
C LEU A 44 1.01 -7.70 -10.33
N GLU A 45 1.31 -6.42 -10.48
CA GLU A 45 2.11 -5.97 -11.62
C GLU A 45 3.58 -6.30 -11.40
N ALA A 46 3.85 -6.91 -10.25
CA ALA A 46 5.22 -7.30 -9.92
C ALA A 46 5.38 -8.79 -10.11
N ASP A 47 5.00 -9.54 -9.08
CA ASP A 47 5.10 -10.99 -9.12
C ASP A 47 4.69 -11.57 -7.77
N VAL A 48 3.39 -11.50 -7.50
CA VAL A 48 2.86 -12.01 -6.25
C VAL A 48 1.62 -12.85 -6.54
N ASN A 49 1.22 -13.62 -5.52
CA ASN A 49 0.05 -14.47 -5.66
C ASN A 49 -1.21 -13.66 -5.35
N ILE A 50 -2.27 -13.97 -6.08
CA ILE A 50 -3.54 -13.27 -5.89
C ILE A 50 -4.14 -13.68 -4.54
N LYS A 51 -3.97 -14.95 -4.20
CA LYS A 51 -4.49 -15.48 -2.96
C LYS A 51 -3.80 -14.76 -1.79
N LEU A 52 -2.52 -14.50 -1.97
CA LEU A 52 -1.74 -13.82 -0.95
C LEU A 52 -1.98 -12.32 -1.04
N VAL A 53 -1.91 -11.82 -2.26
CA VAL A 53 -2.12 -10.40 -2.51
C VAL A 53 -3.42 -9.95 -1.84
N LYS A 54 -4.36 -10.87 -1.78
CA LYS A 54 -5.65 -10.59 -1.17
C LYS A 54 -5.51 -10.64 0.36
N GLN A 55 -4.54 -11.42 0.80
CA GLN A 55 -4.28 -11.56 2.22
C GLN A 55 -3.47 -10.37 2.74
N LEU A 56 -2.93 -9.61 1.80
CA LEU A 56 -2.14 -8.44 2.14
C LEU A 56 -3.07 -7.27 2.46
N ARG A 57 -3.82 -6.86 1.46
CA ARG A 57 -4.75 -5.75 1.62
C ARG A 57 -5.43 -5.83 2.99
N GLU A 58 -5.95 -7.01 3.30
CA GLU A 58 -6.63 -7.22 4.56
C GLU A 58 -5.67 -6.94 5.73
N ASN A 59 -4.54 -7.64 5.70
CA ASN A 59 -3.54 -7.47 6.74
C ASN A 59 -3.17 -5.99 6.85
N VAL A 60 -3.23 -5.30 5.72
CA VAL A 60 -2.91 -3.88 5.68
C VAL A 60 -4.04 -3.08 6.33
N LYS A 61 -5.27 -3.44 5.97
CA LYS A 61 -6.43 -2.77 6.51
C LYS A 61 -6.44 -2.92 8.03
N SER A 62 -5.87 -4.03 8.48
CA SER A 62 -5.80 -4.31 9.90
C SER A 62 -4.85 -3.35 10.59
N ALA A 63 -4.09 -2.63 9.76
CA ALA A 63 -3.13 -1.67 10.27
C ALA A 63 -3.67 -0.25 10.08
N ILE A 64 -4.99 -0.16 10.10
CA ILE A 64 -5.65 1.13 9.93
C ILE A 64 -6.79 1.26 10.93
N ASP A 65 -7.65 2.24 10.69
CA ASP A 65 -8.78 2.48 11.56
C ASP A 65 -9.78 3.41 10.87
N LEU A 66 -10.75 2.79 10.21
CA LEU A 66 -11.77 3.55 9.50
C LEU A 66 -12.84 4.00 10.49
N GLU A 67 -13.22 3.08 11.37
CA GLU A 67 -14.24 3.38 12.37
C GLU A 67 -14.00 4.77 12.96
N GLU A 68 -12.72 5.07 13.20
CA GLU A 68 -12.36 6.36 13.77
C GLU A 68 -12.30 7.43 12.68
N MET A 69 -11.19 8.16 12.66
CA MET A 69 -11.00 9.21 11.68
C MET A 69 -12.04 10.31 11.86
N ALA A 70 -11.55 11.48 12.24
CA ALA A 70 -12.42 12.63 12.46
C ALA A 70 -11.56 13.90 12.53
N SER A 71 -10.47 13.80 13.26
CA SER A 71 -9.57 14.92 13.43
C SER A 71 -8.12 14.48 13.18
N GLY A 72 -7.28 15.46 12.93
CA GLY A 72 -5.87 15.20 12.67
C GLY A 72 -5.69 14.38 11.38
N LEU A 73 -5.16 15.05 10.37
CA LEU A 73 -4.93 14.41 9.09
C LEU A 73 -3.62 13.62 9.14
N ASN A 74 -3.51 12.77 10.15
CA ASN A 74 -2.31 11.97 10.32
C ASN A 74 -2.55 10.58 9.72
N LYS A 75 -3.81 10.27 9.51
CA LYS A 75 -4.19 8.98 8.95
C LYS A 75 -3.44 8.77 7.64
N ARG A 76 -3.79 9.56 6.65
CA ARG A 76 -3.17 9.47 5.34
C ARG A 76 -1.67 9.19 5.50
N LYS A 77 -1.08 9.83 6.49
CA LYS A 77 0.34 9.66 6.76
C LYS A 77 0.60 8.22 7.17
N MET A 78 0.16 7.89 8.38
CA MET A 78 0.35 6.55 8.90
C MET A 78 -0.22 5.51 7.95
N ILE A 79 -1.08 5.97 7.05
CA ILE A 79 -1.70 5.09 6.09
C ILE A 79 -0.77 4.92 4.88
N GLN A 80 0.01 5.96 4.63
CA GLN A 80 0.94 5.95 3.52
C GLN A 80 2.10 5.00 3.81
N HIS A 81 2.37 4.82 5.10
CA HIS A 81 3.44 3.94 5.52
C HIS A 81 2.88 2.53 5.78
N ALA A 82 1.68 2.51 6.32
CA ALA A 82 1.02 1.24 6.62
C ALA A 82 1.29 0.25 5.48
N VAL A 83 0.93 0.67 4.27
CA VAL A 83 1.12 -0.17 3.10
C VAL A 83 2.62 -0.46 2.93
N PHE A 84 3.37 0.62 2.71
CA PHE A 84 4.81 0.51 2.53
C PHE A 84 5.41 -0.51 3.52
N LYS A 85 5.05 -0.33 4.78
CA LYS A 85 5.54 -1.22 5.82
C LYS A 85 5.48 -2.66 5.32
N GLU A 86 4.26 -3.10 5.02
CA GLU A 86 4.06 -4.46 4.53
C GLU A 86 5.07 -4.78 3.43
N LEU A 87 5.19 -3.86 2.50
CA LEU A 87 6.12 -4.03 1.39
C LEU A 87 7.53 -4.26 1.93
N VAL A 88 7.83 -3.57 3.03
CA VAL A 88 9.13 -3.68 3.66
C VAL A 88 9.26 -5.05 4.31
N LYS A 89 8.13 -5.75 4.38
CA LYS A 89 8.11 -7.07 4.98
C LYS A 89 7.54 -8.08 3.97
N VAL A 90 8.41 -8.53 3.08
CA VAL A 90 8.01 -9.49 2.06
C VAL A 90 9.19 -10.40 1.74
N LYS A 91 10.34 -9.77 1.51
CA LYS A 91 11.54 -10.51 1.18
C LYS A 91 12.76 -9.60 1.36
N VAL A 92 13.93 -10.21 1.32
CA VAL A 92 15.18 -9.47 1.47
C VAL A 92 15.07 -8.15 0.71
N TYR A 93 14.68 -8.26 -0.56
CA TYR A 93 14.54 -7.09 -1.40
C TYR A 93 13.94 -7.46 -2.76
N SER A 94 14.37 -8.61 -3.26
CA SER A 94 13.89 -9.09 -4.55
C SER A 94 14.35 -10.53 -4.77
N GLY A 95 15.65 -10.73 -4.65
CA GLY A 95 16.23 -12.04 -4.84
C GLY A 95 15.32 -13.13 -4.27
N PRO A 96 14.54 -13.76 -5.19
CA PRO A 96 13.62 -14.81 -4.79
C PRO A 96 14.37 -16.11 -4.50
N SER A 97 13.77 -16.93 -3.65
CA SER A 97 14.37 -18.20 -3.28
C SER A 97 15.78 -17.97 -2.73
N SER A 98 15.82 -17.49 -1.49
CA SER A 98 17.10 -17.22 -0.85
C SER A 98 16.95 -17.33 0.67
N GLY A 99 17.91 -17.97 1.30
CA GLY A 99 17.90 -18.14 2.74
C GLY A 99 18.04 -16.80 3.45
N GLY A 1 21.58 0.00 -18.80
CA GLY A 1 22.38 -0.25 -17.61
C GLY A 1 22.18 0.86 -16.57
N SER A 2 22.25 0.46 -15.31
CA SER A 2 22.09 1.41 -14.23
C SER A 2 22.19 0.67 -12.87
N SER A 3 22.50 1.45 -11.84
CA SER A 3 22.63 0.89 -10.51
C SER A 3 21.54 1.46 -9.59
N GLY A 4 21.12 0.65 -8.65
CA GLY A 4 20.10 1.05 -7.71
C GLY A 4 18.81 1.44 -8.43
N SER A 5 17.75 0.68 -8.15
CA SER A 5 16.46 0.93 -8.76
C SER A 5 15.44 -0.11 -8.28
N SER A 6 14.93 0.12 -7.09
CA SER A 6 13.94 -0.77 -6.51
C SER A 6 12.57 -0.50 -7.11
N GLY A 7 12.31 -1.15 -8.24
CA GLY A 7 11.04 -0.98 -8.92
C GLY A 7 10.63 0.49 -8.97
N ALA A 8 11.12 1.18 -9.97
CA ALA A 8 10.80 2.60 -10.14
C ALA A 8 9.31 2.75 -10.45
N ASP A 9 8.95 2.37 -11.67
CA ASP A 9 7.57 2.46 -12.11
C ASP A 9 6.67 1.76 -11.09
N LEU A 10 7.18 0.66 -10.56
CA LEU A 10 6.44 -0.11 -9.57
C LEU A 10 6.11 0.79 -8.38
N GLY A 11 7.16 1.17 -7.66
CA GLY A 11 7.00 2.03 -6.49
C GLY A 11 6.21 3.29 -6.85
N ARG A 12 6.21 3.60 -8.13
CA ARG A 12 5.51 4.78 -8.61
C ARG A 12 4.01 4.50 -8.70
N LYS A 13 3.68 3.23 -8.88
CA LYS A 13 2.29 2.82 -8.98
C LYS A 13 1.62 2.99 -7.62
N ILE A 14 2.37 2.66 -6.58
CA ILE A 14 1.85 2.76 -5.23
C ILE A 14 1.99 4.21 -4.75
N THR A 15 3.17 4.77 -4.95
CA THR A 15 3.44 6.14 -4.55
C THR A 15 2.26 7.04 -4.91
N SER A 16 1.59 6.68 -6.00
CA SER A 16 0.46 7.45 -6.46
C SER A 16 -0.79 7.07 -5.67
N ALA A 17 -0.92 5.77 -5.41
CA ALA A 17 -2.06 5.26 -4.66
C ALA A 17 -2.13 5.98 -3.31
N LEU A 18 -1.02 5.94 -2.59
CA LEU A 18 -0.95 6.58 -1.29
C LEU A 18 -1.23 8.07 -1.44
N ARG A 19 -0.55 8.67 -2.41
CA ARG A 19 -0.70 10.09 -2.67
C ARG A 19 -2.15 10.40 -3.07
N SER A 20 -2.81 9.39 -3.63
CA SER A 20 -4.18 9.54 -4.06
C SER A 20 -5.06 9.98 -2.88
N LEU A 21 -4.52 9.78 -1.69
CA LEU A 21 -5.23 10.16 -0.48
C LEU A 21 -4.82 11.57 -0.05
N SER A 22 -3.52 11.74 0.16
CA SER A 22 -2.98 13.02 0.56
C SER A 22 -3.70 14.14 -0.21
N ASN A 23 -4.08 13.82 -1.44
CA ASN A 23 -4.76 14.79 -2.29
C ASN A 23 -6.25 14.75 -1.99
N ALA A 24 -6.78 13.54 -1.90
CA ALA A 24 -8.19 13.35 -1.61
C ALA A 24 -8.56 14.12 -0.35
N THR A 25 -9.83 14.50 -0.27
CA THR A 25 -10.32 15.24 0.88
C THR A 25 -11.30 14.39 1.69
N ILE A 26 -12.06 13.58 0.96
CA ILE A 26 -13.04 12.70 1.59
C ILE A 26 -12.33 11.75 2.55
N ILE A 27 -11.65 10.78 1.96
CA ILE A 27 -10.92 9.79 2.74
C ILE A 27 -11.90 8.96 3.56
N ASN A 28 -12.28 7.82 3.00
CA ASN A 28 -13.22 6.92 3.66
C ASN A 28 -12.84 5.47 3.35
N GLU A 29 -13.67 4.57 3.82
CA GLU A 29 -13.44 3.15 3.61
C GLU A 29 -13.42 2.84 2.12
N GLU A 30 -13.97 3.76 1.35
CA GLU A 30 -14.03 3.59 -0.10
C GLU A 30 -12.67 3.92 -0.72
N VAL A 31 -12.10 5.03 -0.28
CA VAL A 31 -10.81 5.46 -0.78
C VAL A 31 -9.79 4.33 -0.61
N LEU A 32 -9.66 3.88 0.63
CA LEU A 32 -8.74 2.79 0.94
C LEU A 32 -9.04 1.60 0.03
N ASN A 33 -10.32 1.34 -0.15
CA ASN A 33 -10.75 0.24 -0.99
C ASN A 33 -10.29 0.47 -2.42
N ALA A 34 -10.51 1.69 -2.89
CA ALA A 34 -10.12 2.05 -4.24
C ALA A 34 -8.59 2.05 -4.35
N MET A 35 -7.97 2.89 -3.53
CA MET A 35 -6.51 2.99 -3.52
C MET A 35 -5.87 1.60 -3.45
N LEU A 36 -6.45 0.77 -2.60
CA LEU A 36 -5.93 -0.59 -2.43
C LEU A 36 -5.75 -1.23 -3.79
N LYS A 37 -6.83 -1.24 -4.56
CA LYS A 37 -6.79 -1.82 -5.89
C LYS A 37 -5.53 -1.36 -6.62
N GLU A 38 -5.37 -0.04 -6.68
CA GLU A 38 -4.21 0.54 -7.34
C GLU A 38 -2.92 -0.01 -6.74
N VAL A 39 -3.02 -0.41 -5.48
CA VAL A 39 -1.87 -0.96 -4.78
C VAL A 39 -1.74 -2.45 -5.11
N CYS A 40 -2.76 -3.20 -4.71
CA CYS A 40 -2.77 -4.63 -4.95
C CYS A 40 -2.27 -4.88 -6.38
N THR A 41 -2.52 -3.91 -7.24
CA THR A 41 -2.11 -4.01 -8.63
C THR A 41 -0.58 -4.00 -8.72
N ALA A 42 0.01 -2.97 -8.13
CA ALA A 42 1.47 -2.84 -8.14
C ALA A 42 2.10 -4.18 -7.79
N LEU A 43 1.65 -4.74 -6.67
CA LEU A 43 2.16 -6.02 -6.21
C LEU A 43 1.97 -7.06 -7.30
N LEU A 44 0.76 -7.10 -7.83
CA LEU A 44 0.42 -8.05 -8.87
C LEU A 44 1.33 -7.81 -10.08
N GLU A 45 1.60 -6.54 -10.34
CA GLU A 45 2.46 -6.18 -11.45
C GLU A 45 3.93 -6.35 -11.07
N ALA A 46 4.15 -6.87 -9.87
CA ALA A 46 5.49 -7.09 -9.38
C ALA A 46 5.86 -8.57 -9.57
N ASP A 47 5.04 -9.43 -8.99
CA ASP A 47 5.27 -10.87 -9.09
C ASP A 47 4.60 -11.57 -7.91
N VAL A 48 4.44 -10.83 -6.83
CA VAL A 48 3.81 -11.37 -5.64
C VAL A 48 2.62 -12.24 -6.04
N ASN A 49 2.25 -13.14 -5.13
CA ASN A 49 1.13 -14.04 -5.39
C ASN A 49 -0.18 -13.28 -5.16
N ILE A 50 -1.15 -13.57 -6.03
CA ILE A 50 -2.44 -12.93 -5.94
C ILE A 50 -3.17 -13.44 -4.68
N LYS A 51 -3.00 -14.73 -4.42
CA LYS A 51 -3.62 -15.34 -3.26
C LYS A 51 -3.11 -14.67 -1.99
N LEU A 52 -1.83 -14.35 -2.01
CA LEU A 52 -1.20 -13.70 -0.86
C LEU A 52 -1.56 -12.21 -0.87
N VAL A 53 -1.51 -11.62 -2.06
CA VAL A 53 -1.82 -10.22 -2.21
C VAL A 53 -3.22 -9.94 -1.65
N LYS A 54 -4.01 -11.00 -1.58
CA LYS A 54 -5.37 -10.90 -1.07
C LYS A 54 -5.33 -10.90 0.46
N GLN A 55 -4.20 -11.35 0.99
CA GLN A 55 -4.03 -11.42 2.43
C GLN A 55 -3.33 -10.15 2.93
N LEU A 56 -2.73 -9.43 2.00
CA LEU A 56 -2.02 -8.20 2.33
C LEU A 56 -3.04 -7.08 2.56
N ARG A 57 -3.93 -6.93 1.59
CA ARG A 57 -4.96 -5.91 1.66
C ARG A 57 -5.59 -5.90 3.05
N GLU A 58 -6.08 -7.07 3.46
CA GLU A 58 -6.71 -7.21 4.77
C GLU A 58 -5.71 -6.85 5.87
N ASN A 59 -4.60 -7.57 5.87
CA ASN A 59 -3.57 -7.35 6.87
C ASN A 59 -3.28 -5.85 6.97
N VAL A 60 -3.45 -5.17 5.85
CA VAL A 60 -3.21 -3.74 5.80
C VAL A 60 -4.37 -3.00 6.45
N LYS A 61 -5.53 -3.11 5.82
CA LYS A 61 -6.73 -2.47 6.33
C LYS A 61 -6.83 -2.71 7.84
N SER A 62 -6.52 -3.93 8.23
CA SER A 62 -6.56 -4.30 9.64
C SER A 62 -5.61 -3.42 10.44
N ALA A 63 -4.45 -3.16 9.85
CA ALA A 63 -3.46 -2.33 10.51
C ALA A 63 -4.01 -0.92 10.71
N ILE A 64 -5.12 -0.66 10.03
CA ILE A 64 -5.77 0.64 10.13
C ILE A 64 -6.95 0.55 11.08
N ASP A 65 -7.96 1.36 10.82
CA ASP A 65 -9.15 1.38 11.64
C ASP A 65 -10.08 2.49 11.17
N LEU A 66 -10.36 2.48 9.87
CA LEU A 66 -11.22 3.47 9.27
C LEU A 66 -12.44 3.70 10.19
N GLU A 67 -12.95 2.59 10.71
CA GLU A 67 -14.11 2.65 11.58
C GLU A 67 -13.98 3.83 12.55
N GLU A 68 -12.75 4.08 12.97
CA GLU A 68 -12.47 5.17 13.88
C GLU A 68 -11.56 6.21 13.23
N MET A 69 -12.15 6.99 12.33
CA MET A 69 -11.40 8.02 11.63
C MET A 69 -12.35 9.09 11.06
N ALA A 70 -12.38 10.22 11.74
CA ALA A 70 -13.22 11.33 11.31
C ALA A 70 -12.52 12.10 10.20
N SER A 71 -11.29 12.50 10.49
CA SER A 71 -10.50 13.25 9.53
C SER A 71 -9.13 13.60 10.12
N GLY A 72 -8.17 13.77 9.24
CA GLY A 72 -6.82 14.11 9.66
C GLY A 72 -5.79 13.72 8.60
N LEU A 73 -4.77 14.55 8.46
CA LEU A 73 -3.72 14.31 7.49
C LEU A 73 -2.89 13.10 7.94
N ASN A 74 -2.67 13.03 9.24
CA ASN A 74 -1.89 11.93 9.80
C ASN A 74 -2.40 10.61 9.23
N LYS A 75 -3.71 10.42 9.32
CA LYS A 75 -4.33 9.21 8.83
C LYS A 75 -3.66 8.79 7.51
N ARG A 76 -3.83 9.64 6.50
CA ARG A 76 -3.26 9.38 5.21
C ARG A 76 -1.76 9.07 5.33
N LYS A 77 -1.13 9.77 6.26
CA LYS A 77 0.29 9.58 6.49
C LYS A 77 0.53 8.18 7.06
N MET A 78 0.12 8.00 8.30
CA MET A 78 0.28 6.72 8.97
C MET A 78 -0.22 5.57 8.08
N ILE A 79 -1.15 5.91 7.20
CA ILE A 79 -1.71 4.93 6.29
C ILE A 79 -0.72 4.67 5.15
N GLN A 80 -0.11 5.75 4.69
CA GLN A 80 0.85 5.66 3.60
C GLN A 80 2.07 4.83 4.04
N HIS A 81 2.24 4.76 5.36
CA HIS A 81 3.36 4.01 5.92
C HIS A 81 2.92 2.57 6.20
N ALA A 82 1.76 2.46 6.84
CA ALA A 82 1.22 1.16 7.18
C ALA A 82 1.38 0.21 5.97
N VAL A 83 0.99 0.72 4.81
CA VAL A 83 1.08 -0.06 3.59
C VAL A 83 2.55 -0.39 3.31
N PHE A 84 3.37 0.64 3.39
CA PHE A 84 4.81 0.48 3.14
C PHE A 84 5.39 -0.60 4.04
N LYS A 85 4.86 -0.68 5.26
CA LYS A 85 5.31 -1.66 6.22
C LYS A 85 5.07 -3.07 5.66
N GLU A 86 3.89 -3.26 5.10
CA GLU A 86 3.53 -4.54 4.53
C GLU A 86 4.36 -4.82 3.28
N LEU A 87 5.09 -3.80 2.86
CA LEU A 87 5.94 -3.92 1.68
C LEU A 87 7.35 -4.29 2.11
N VAL A 88 8.15 -3.26 2.36
CA VAL A 88 9.54 -3.47 2.77
C VAL A 88 10.37 -3.91 1.56
N LYS A 89 9.70 -4.01 0.43
CA LYS A 89 10.36 -4.42 -0.80
C LYS A 89 10.27 -3.29 -1.82
N VAL A 90 9.13 -2.60 -1.80
CA VAL A 90 8.89 -1.50 -2.71
C VAL A 90 9.83 -0.34 -2.37
N LYS A 91 10.15 -0.25 -1.08
CA LYS A 91 11.03 0.80 -0.61
C LYS A 91 12.46 0.23 -0.44
N VAL A 92 13.17 0.18 -1.56
CA VAL A 92 14.53 -0.33 -1.55
C VAL A 92 14.57 -1.62 -0.71
N TYR A 93 15.80 -2.06 -0.44
CA TYR A 93 15.99 -3.26 0.34
C TYR A 93 16.52 -2.93 1.75
N SER A 94 17.34 -1.90 1.80
CA SER A 94 17.92 -1.46 3.06
C SER A 94 18.43 -2.68 3.84
N GLY A 95 19.60 -3.15 3.44
CA GLY A 95 20.20 -4.30 4.10
C GLY A 95 19.19 -5.43 4.26
N PRO A 96 19.38 -6.21 5.36
CA PRO A 96 18.49 -7.33 5.64
C PRO A 96 17.14 -6.83 6.18
N SER A 97 16.30 -7.80 6.53
CA SER A 97 14.98 -7.47 7.04
C SER A 97 14.99 -7.53 8.58
N SER A 98 14.80 -6.36 9.18
CA SER A 98 14.79 -6.26 10.62
C SER A 98 13.35 -6.16 11.13
N GLY A 99 13.20 -6.38 12.44
CA GLY A 99 11.89 -6.32 13.05
C GLY A 99 11.91 -6.96 14.44
N GLY A 1 13.27 -3.48 -27.05
CA GLY A 1 14.22 -2.73 -26.25
C GLY A 1 13.57 -2.22 -24.96
N SER A 2 14.42 -1.89 -23.99
CA SER A 2 13.94 -1.40 -22.71
C SER A 2 15.09 -0.78 -21.93
N SER A 3 16.08 -1.62 -21.64
CA SER A 3 17.24 -1.17 -20.90
C SER A 3 16.83 -0.72 -19.49
N GLY A 4 17.30 -1.47 -18.50
CA GLY A 4 16.99 -1.17 -17.12
C GLY A 4 16.85 -2.46 -16.29
N SER A 5 17.05 -2.31 -14.99
CA SER A 5 16.96 -3.44 -14.09
C SER A 5 16.89 -2.95 -12.64
N SER A 6 15.68 -2.82 -12.15
CA SER A 6 15.46 -2.36 -10.78
C SER A 6 13.97 -2.28 -10.48
N GLY A 7 13.26 -1.53 -11.32
CA GLY A 7 11.83 -1.37 -11.16
C GLY A 7 11.44 0.11 -11.23
N ALA A 8 11.30 0.72 -10.06
CA ALA A 8 10.93 2.12 -9.98
C ALA A 8 9.43 2.26 -10.23
N ASP A 9 9.04 2.03 -11.47
CA ASP A 9 7.63 2.13 -11.85
C ASP A 9 6.77 1.50 -10.75
N LEU A 10 7.35 0.51 -10.08
CA LEU A 10 6.65 -0.18 -9.01
C LEU A 10 6.18 0.84 -7.97
N GLY A 11 7.14 1.27 -7.15
CA GLY A 11 6.84 2.24 -6.11
C GLY A 11 6.00 3.40 -6.65
N ARG A 12 6.12 3.62 -7.95
CA ARG A 12 5.37 4.68 -8.61
C ARG A 12 3.88 4.33 -8.65
N LYS A 13 3.61 3.07 -8.93
CA LYS A 13 2.23 2.60 -9.01
C LYS A 13 1.55 2.85 -7.66
N ILE A 14 2.21 2.42 -6.60
CA ILE A 14 1.67 2.59 -5.26
C ILE A 14 1.67 4.08 -4.91
N THR A 15 2.79 4.73 -5.20
CA THR A 15 2.94 6.14 -4.91
C THR A 15 1.64 6.89 -5.24
N SER A 16 1.23 6.77 -6.49
CA SER A 16 0.02 7.42 -6.95
C SER A 16 -1.15 7.05 -6.03
N ALA A 17 -1.17 5.79 -5.63
CA ALA A 17 -2.21 5.30 -4.75
C ALA A 17 -2.17 6.06 -3.43
N LEU A 18 -0.99 6.09 -2.83
CA LEU A 18 -0.81 6.79 -1.58
C LEU A 18 -1.01 8.29 -1.79
N ARG A 19 -0.62 8.75 -2.97
CA ARG A 19 -0.75 10.15 -3.31
C ARG A 19 -2.22 10.51 -3.51
N SER A 20 -2.97 9.54 -4.04
CA SER A 20 -4.39 9.75 -4.29
C SER A 20 -5.09 10.15 -2.99
N LEU A 21 -4.53 9.71 -1.88
CA LEU A 21 -5.10 10.02 -0.58
C LEU A 21 -4.76 11.46 -0.21
N SER A 22 -3.47 11.77 -0.33
CA SER A 22 -2.99 13.11 0.00
C SER A 22 -3.70 14.14 -0.89
N ASN A 23 -4.27 13.65 -1.98
CA ASN A 23 -4.99 14.51 -2.90
C ASN A 23 -6.49 14.45 -2.61
N ALA A 24 -6.87 13.43 -1.85
CA ALA A 24 -8.26 13.25 -1.49
C ALA A 24 -8.55 14.00 -0.20
N THR A 25 -9.69 14.67 -0.17
CA THR A 25 -10.09 15.43 0.99
C THR A 25 -10.84 14.54 1.99
N ILE A 26 -11.54 13.57 1.44
CA ILE A 26 -12.30 12.63 2.26
C ILE A 26 -11.59 11.29 2.29
N ILE A 27 -11.34 10.82 3.51
CA ILE A 27 -10.66 9.55 3.69
C ILE A 27 -11.63 8.54 4.31
N ASN A 28 -12.40 7.89 3.44
CA ASN A 28 -13.38 6.91 3.89
C ASN A 28 -12.95 5.53 3.39
N GLU A 29 -13.75 4.54 3.76
CA GLU A 29 -13.47 3.16 3.37
C GLU A 29 -13.16 3.09 1.87
N GLU A 30 -14.12 3.57 1.09
CA GLU A 30 -13.98 3.55 -0.37
C GLU A 30 -12.54 3.90 -0.75
N VAL A 31 -12.10 5.08 -0.32
CA VAL A 31 -10.76 5.52 -0.63
C VAL A 31 -9.79 4.36 -0.50
N LEU A 32 -9.57 3.94 0.74
CA LEU A 32 -8.68 2.83 1.01
C LEU A 32 -8.95 1.70 0.01
N ASN A 33 -10.16 1.15 0.11
CA ASN A 33 -10.56 0.07 -0.76
C ASN A 33 -10.07 0.37 -2.19
N ALA A 34 -10.48 1.52 -2.69
CA ALA A 34 -10.09 1.92 -4.03
C ALA A 34 -8.57 1.89 -4.14
N MET A 35 -7.91 2.64 -3.27
CA MET A 35 -6.46 2.70 -3.26
C MET A 35 -5.86 1.30 -3.31
N LEU A 36 -6.35 0.45 -2.42
CA LEU A 36 -5.86 -0.91 -2.34
C LEU A 36 -5.93 -1.55 -3.73
N LYS A 37 -6.80 -1.00 -4.56
CA LYS A 37 -6.97 -1.51 -5.91
C LYS A 37 -5.79 -1.06 -6.77
N GLU A 38 -5.28 0.13 -6.45
CA GLU A 38 -4.16 0.68 -7.18
C GLU A 38 -2.84 0.16 -6.60
N VAL A 39 -2.89 -0.20 -5.32
CA VAL A 39 -1.71 -0.71 -4.64
C VAL A 39 -1.58 -2.21 -4.93
N CYS A 40 -2.60 -2.95 -4.52
CA CYS A 40 -2.61 -4.38 -4.71
C CYS A 40 -2.14 -4.68 -6.14
N THR A 41 -2.38 -3.71 -7.01
CA THR A 41 -1.98 -3.86 -8.41
C THR A 41 -0.46 -3.90 -8.53
N ALA A 42 0.18 -2.84 -8.04
CA ALA A 42 1.62 -2.75 -8.08
C ALA A 42 2.23 -4.10 -7.69
N LEU A 43 1.76 -4.62 -6.56
CA LEU A 43 2.24 -5.90 -6.08
C LEU A 43 1.96 -6.98 -7.12
N LEU A 44 0.71 -7.03 -7.55
CA LEU A 44 0.30 -8.01 -8.54
C LEU A 44 1.17 -7.86 -9.80
N GLU A 45 1.56 -6.62 -10.06
CA GLU A 45 2.38 -6.32 -11.21
C GLU A 45 3.85 -6.57 -10.89
N ALA A 46 4.09 -7.08 -9.69
CA ALA A 46 5.44 -7.39 -9.25
C ALA A 46 5.74 -8.86 -9.48
N ASP A 47 4.85 -9.70 -8.98
CA ASP A 47 5.00 -11.14 -9.13
C ASP A 47 4.22 -11.84 -8.02
N VAL A 48 4.05 -11.14 -6.90
CA VAL A 48 3.33 -11.68 -5.77
C VAL A 48 2.10 -12.44 -6.27
N ASN A 49 1.72 -13.45 -5.50
CA ASN A 49 0.57 -14.27 -5.87
C ASN A 49 -0.71 -13.50 -5.54
N ILE A 50 -1.67 -13.61 -6.45
CA ILE A 50 -2.94 -12.93 -6.27
C ILE A 50 -3.50 -13.27 -4.89
N LYS A 51 -3.36 -14.53 -4.52
CA LYS A 51 -3.86 -14.98 -3.22
C LYS A 51 -3.10 -14.25 -2.11
N LEU A 52 -1.79 -14.17 -2.28
CA LEU A 52 -0.94 -13.51 -1.30
C LEU A 52 -1.41 -12.06 -1.15
N VAL A 53 -1.69 -11.43 -2.27
CA VAL A 53 -2.14 -10.05 -2.27
C VAL A 53 -3.53 -9.97 -1.63
N LYS A 54 -4.20 -11.12 -1.60
CA LYS A 54 -5.53 -11.19 -1.02
C LYS A 54 -5.42 -11.17 0.51
N GLN A 55 -4.26 -11.61 0.99
CA GLN A 55 -4.03 -11.63 2.42
C GLN A 55 -3.31 -10.36 2.87
N LEU A 56 -2.77 -9.64 1.89
CA LEU A 56 -2.07 -8.41 2.17
C LEU A 56 -3.08 -7.31 2.50
N ARG A 57 -3.88 -6.97 1.50
CA ARG A 57 -4.89 -5.94 1.66
C ARG A 57 -5.52 -6.03 3.05
N GLU A 58 -6.10 -7.19 3.33
CA GLU A 58 -6.75 -7.42 4.61
C GLU A 58 -5.81 -7.01 5.75
N ASN A 59 -4.61 -7.57 5.71
CA ASN A 59 -3.62 -7.28 6.73
C ASN A 59 -3.38 -5.78 6.80
N VAL A 60 -3.37 -5.16 5.62
CA VAL A 60 -3.14 -3.73 5.53
C VAL A 60 -4.32 -2.99 6.18
N LYS A 61 -5.51 -3.23 5.62
CA LYS A 61 -6.71 -2.60 6.14
C LYS A 61 -6.72 -2.69 7.66
N SER A 62 -6.31 -3.86 8.15
CA SER A 62 -6.26 -4.09 9.58
C SER A 62 -5.30 -3.12 10.25
N ALA A 63 -4.12 -3.01 9.65
CA ALA A 63 -3.11 -2.11 10.17
C ALA A 63 -3.70 -0.71 10.35
N ILE A 64 -4.74 -0.44 9.58
CA ILE A 64 -5.42 0.84 9.65
C ILE A 64 -6.55 0.77 10.68
N ASP A 65 -7.63 1.48 10.37
CA ASP A 65 -8.78 1.50 11.25
C ASP A 65 -9.79 2.53 10.73
N LEU A 66 -10.72 2.03 9.93
CA LEU A 66 -11.75 2.89 9.35
C LEU A 66 -12.78 3.21 10.43
N GLU A 67 -13.26 2.16 11.08
CA GLU A 67 -14.26 2.31 12.13
C GLU A 67 -13.90 3.51 13.03
N GLU A 68 -12.64 3.55 13.42
CA GLU A 68 -12.17 4.62 14.27
C GLU A 68 -12.16 5.95 13.50
N MET A 69 -11.10 6.71 13.72
CA MET A 69 -10.96 8.00 13.05
C MET A 69 -11.98 9.00 13.59
N ALA A 70 -11.48 10.01 14.28
CA ALA A 70 -12.32 11.04 14.85
C ALA A 70 -12.00 12.38 14.21
N SER A 71 -10.71 12.58 13.95
CA SER A 71 -10.25 13.82 13.33
C SER A 71 -8.73 13.79 13.18
N GLY A 72 -8.24 14.69 12.35
CA GLY A 72 -6.81 14.79 12.10
C GLY A 72 -6.42 14.04 10.82
N LEU A 73 -5.54 14.68 10.04
CA LEU A 73 -5.08 14.09 8.80
C LEU A 73 -3.85 13.23 9.08
N ASN A 74 -4.00 12.32 10.02
CA ASN A 74 -2.91 11.43 10.37
C ASN A 74 -3.05 10.10 9.63
N LYS A 75 -4.31 9.69 9.47
CA LYS A 75 -4.61 8.45 8.78
C LYS A 75 -3.69 8.31 7.56
N ARG A 76 -3.68 9.36 6.74
CA ARG A 76 -2.86 9.37 5.55
C ARG A 76 -1.40 9.06 5.90
N LYS A 77 -0.96 9.65 7.00
CA LYS A 77 0.41 9.45 7.46
C LYS A 77 0.61 7.98 7.83
N MET A 78 -0.01 7.59 8.93
CA MET A 78 0.10 6.20 9.39
C MET A 78 -0.19 5.22 8.25
N ILE A 79 -0.94 5.71 7.27
CA ILE A 79 -1.29 4.88 6.13
C ILE A 79 -0.07 4.74 5.21
N GLN A 80 0.41 5.88 4.74
CA GLN A 80 1.57 5.90 3.86
C GLN A 80 2.67 4.99 4.40
N HIS A 81 2.64 4.81 5.73
CA HIS A 81 3.63 3.97 6.38
C HIS A 81 3.09 2.54 6.51
N ALA A 82 1.87 2.45 7.04
CA ALA A 82 1.23 1.16 7.22
C ALA A 82 1.35 0.35 5.93
N VAL A 83 1.07 1.03 4.82
CA VAL A 83 1.15 0.39 3.51
C VAL A 83 2.59 -0.04 3.24
N PHE A 84 3.44 0.96 3.09
CA PHE A 84 4.84 0.70 2.82
C PHE A 84 5.43 -0.28 3.84
N LYS A 85 4.75 -0.39 4.97
CA LYS A 85 5.18 -1.29 6.03
C LYS A 85 4.86 -2.73 5.63
N GLU A 86 3.57 -3.03 5.64
CA GLU A 86 3.11 -4.36 5.29
C GLU A 86 3.93 -4.92 4.14
N LEU A 87 4.42 -4.01 3.30
CA LEU A 87 5.22 -4.40 2.15
C LEU A 87 6.45 -5.16 2.64
N VAL A 88 7.44 -4.40 3.08
CA VAL A 88 8.67 -5.01 3.56
C VAL A 88 9.49 -5.53 2.38
N LYS A 89 8.95 -5.32 1.19
CA LYS A 89 9.61 -5.75 -0.03
C LYS A 89 9.42 -4.70 -1.12
N VAL A 90 9.28 -3.45 -0.67
CA VAL A 90 9.08 -2.35 -1.59
C VAL A 90 9.92 -1.15 -1.15
N LYS A 91 10.25 -0.30 -2.11
CA LYS A 91 11.05 0.88 -1.83
C LYS A 91 12.46 0.44 -1.39
N VAL A 92 12.59 0.14 -0.11
CA VAL A 92 13.87 -0.27 0.43
C VAL A 92 13.84 -1.78 0.69
N TYR A 93 14.94 -2.44 0.34
CA TYR A 93 15.04 -3.88 0.54
C TYR A 93 14.47 -4.28 1.90
N SER A 94 14.71 -3.44 2.89
CA SER A 94 14.24 -3.70 4.23
C SER A 94 14.52 -2.50 5.13
N GLY A 95 15.76 -2.01 5.05
CA GLY A 95 16.17 -0.88 5.84
C GLY A 95 15.81 -1.07 7.32
N PRO A 96 15.54 0.07 8.00
CA PRO A 96 15.18 0.04 9.40
C PRO A 96 13.74 -0.45 9.59
N SER A 97 13.29 -0.42 10.83
CA SER A 97 11.94 -0.86 11.16
C SER A 97 11.58 -0.43 12.59
N SER A 98 12.39 -0.90 13.53
CA SER A 98 12.17 -0.58 14.93
C SER A 98 10.84 -1.16 15.40
N GLY A 99 10.93 -1.93 16.48
CA GLY A 99 9.74 -2.57 17.03
C GLY A 99 8.80 -3.03 15.93
N GLY A 1 12.81 -4.05 -16.76
CA GLY A 1 13.37 -3.83 -18.08
C GLY A 1 14.56 -4.75 -18.34
N SER A 2 14.67 -5.20 -19.58
CA SER A 2 15.75 -6.09 -19.97
C SER A 2 17.10 -5.40 -19.73
N SER A 3 18.14 -6.21 -19.74
CA SER A 3 19.49 -5.70 -19.52
C SER A 3 19.52 -4.83 -18.27
N GLY A 4 19.69 -5.48 -17.13
CA GLY A 4 19.73 -4.78 -15.87
C GLY A 4 18.88 -5.48 -14.81
N SER A 5 18.57 -4.75 -13.76
CA SER A 5 17.76 -5.30 -12.68
C SER A 5 17.50 -4.21 -11.62
N SER A 6 16.24 -3.77 -11.58
CA SER A 6 15.86 -2.75 -10.62
C SER A 6 14.38 -2.39 -10.82
N GLY A 7 13.67 -2.31 -9.70
CA GLY A 7 12.26 -1.97 -9.74
C GLY A 7 12.05 -0.49 -10.04
N ALA A 8 11.85 0.27 -8.98
CA ALA A 8 11.63 1.70 -9.11
C ALA A 8 10.18 1.97 -9.52
N ASP A 9 9.90 1.71 -10.80
CA ASP A 9 8.57 1.92 -11.33
C ASP A 9 7.55 1.27 -10.39
N LEU A 10 7.97 0.18 -9.77
CA LEU A 10 7.11 -0.54 -8.85
C LEU A 10 6.56 0.44 -7.81
N GLY A 11 7.43 0.78 -6.86
CA GLY A 11 7.04 1.71 -5.80
C GLY A 11 6.34 2.93 -6.37
N ARG A 12 6.66 3.23 -7.63
CA ARG A 12 6.06 4.37 -8.30
C ARG A 12 4.56 4.16 -8.49
N LYS A 13 4.20 2.92 -8.77
CA LYS A 13 2.81 2.57 -8.99
C LYS A 13 2.02 2.83 -7.70
N ILE A 14 2.57 2.31 -6.60
CA ILE A 14 1.94 2.47 -5.31
C ILE A 14 2.07 3.93 -4.86
N THR A 15 3.27 4.45 -5.03
CA THR A 15 3.54 5.84 -4.65
C THR A 15 2.37 6.74 -5.04
N SER A 16 1.85 6.50 -6.23
CA SER A 16 0.72 7.27 -6.73
C SER A 16 -0.52 7.00 -5.89
N ALA A 17 -0.73 5.73 -5.60
CA ALA A 17 -1.87 5.32 -4.79
C ALA A 17 -1.92 6.15 -3.51
N LEU A 18 -0.86 6.02 -2.73
CA LEU A 18 -0.76 6.76 -1.47
C LEU A 18 -1.01 8.24 -1.74
N ARG A 19 -0.50 8.70 -2.87
CA ARG A 19 -0.65 10.09 -3.25
C ARG A 19 -2.13 10.45 -3.37
N SER A 20 -2.87 9.59 -4.05
CA SER A 20 -4.29 9.80 -4.24
C SER A 20 -4.94 10.21 -2.92
N LEU A 21 -4.42 9.65 -1.83
CA LEU A 21 -4.94 9.95 -0.52
C LEU A 21 -4.53 11.37 -0.12
N SER A 22 -3.23 11.59 -0.08
CA SER A 22 -2.70 12.90 0.27
C SER A 22 -3.45 13.99 -0.51
N ASN A 23 -3.94 13.62 -1.68
CA ASN A 23 -4.66 14.54 -2.52
C ASN A 23 -6.14 14.14 -2.56
N ALA A 24 -6.65 13.76 -1.39
CA ALA A 24 -8.04 13.35 -1.28
C ALA A 24 -8.78 14.34 -0.37
N THR A 25 -10.05 14.55 -0.70
CA THR A 25 -10.88 15.46 0.08
C THR A 25 -11.65 14.69 1.15
N ILE A 26 -12.18 13.56 0.75
CA ILE A 26 -12.94 12.72 1.67
C ILE A 26 -12.12 11.49 2.04
N ILE A 27 -11.91 11.34 3.34
CA ILE A 27 -11.14 10.21 3.85
C ILE A 27 -12.07 9.22 4.52
N ASN A 28 -12.53 8.25 3.74
CA ASN A 28 -13.42 7.22 4.25
C ASN A 28 -12.91 5.84 3.85
N GLU A 29 -13.53 4.83 4.41
CA GLU A 29 -13.14 3.45 4.12
C GLU A 29 -12.96 3.27 2.61
N GLU A 30 -14.00 3.65 1.88
CA GLU A 30 -13.96 3.53 0.43
C GLU A 30 -12.56 3.85 -0.10
N VAL A 31 -12.11 5.06 0.22
CA VAL A 31 -10.80 5.51 -0.21
C VAL A 31 -9.81 4.34 -0.11
N LEU A 32 -9.49 4.00 1.13
CA LEU A 32 -8.55 2.91 1.39
C LEU A 32 -8.90 1.73 0.48
N ASN A 33 -10.09 1.18 0.71
CA ASN A 33 -10.54 0.05 -0.08
C ASN A 33 -10.17 0.26 -1.54
N ALA A 34 -10.57 1.42 -2.06
CA ALA A 34 -10.29 1.76 -3.45
C ALA A 34 -8.77 1.73 -3.67
N MET A 35 -8.08 2.56 -2.90
CA MET A 35 -6.63 2.65 -3.00
C MET A 35 -6.01 1.25 -3.13
N LEU A 36 -6.43 0.37 -2.24
CA LEU A 36 -5.92 -0.99 -2.25
C LEU A 36 -6.01 -1.56 -3.66
N LYS A 37 -7.10 -1.20 -4.33
CA LYS A 37 -7.31 -1.67 -5.69
C LYS A 37 -6.18 -1.17 -6.59
N GLU A 38 -5.64 -0.02 -6.24
CA GLU A 38 -4.55 0.56 -6.99
C GLU A 38 -3.21 0.03 -6.49
N VAL A 39 -3.20 -0.34 -5.22
CA VAL A 39 -1.99 -0.87 -4.61
C VAL A 39 -1.84 -2.36 -4.97
N CYS A 40 -2.82 -3.13 -4.55
CA CYS A 40 -2.82 -4.56 -4.82
C CYS A 40 -2.34 -4.77 -6.27
N THR A 41 -2.82 -3.90 -7.14
CA THR A 41 -2.46 -3.97 -8.54
C THR A 41 -0.94 -4.00 -8.71
N ALA A 42 -0.31 -2.99 -8.14
CA ALA A 42 1.15 -2.87 -8.20
C ALA A 42 1.77 -4.23 -7.92
N LEU A 43 1.34 -4.83 -6.81
CA LEU A 43 1.85 -6.13 -6.41
C LEU A 43 1.57 -7.15 -7.52
N LEU A 44 0.36 -7.08 -8.05
CA LEU A 44 -0.06 -7.99 -9.11
C LEU A 44 0.80 -7.72 -10.36
N GLU A 45 1.18 -6.45 -10.51
CA GLU A 45 1.99 -6.05 -11.64
C GLU A 45 3.46 -6.41 -11.41
N ALA A 46 3.69 -7.08 -10.28
CA ALA A 46 5.04 -7.49 -9.93
C ALA A 46 5.25 -8.96 -10.31
N ASP A 47 4.81 -9.84 -9.42
CA ASP A 47 4.94 -11.26 -9.66
C ASP A 47 4.65 -12.01 -8.36
N VAL A 48 3.63 -11.55 -7.66
CA VAL A 48 3.24 -12.17 -6.39
C VAL A 48 2.11 -13.17 -6.65
N ASN A 49 1.57 -13.71 -5.56
CA ASN A 49 0.49 -14.66 -5.65
C ASN A 49 -0.83 -13.96 -5.31
N ILE A 50 -1.76 -14.06 -6.26
CA ILE A 50 -3.07 -13.45 -6.08
C ILE A 50 -3.51 -13.62 -4.62
N LYS A 51 -3.53 -14.87 -4.18
CA LYS A 51 -3.93 -15.17 -2.83
C LYS A 51 -3.23 -14.23 -1.86
N LEU A 52 -1.91 -14.11 -2.04
CA LEU A 52 -1.12 -13.24 -1.20
C LEU A 52 -1.60 -11.80 -1.36
N VAL A 53 -1.94 -11.45 -2.58
CA VAL A 53 -2.41 -10.11 -2.89
C VAL A 53 -3.75 -9.88 -2.18
N LYS A 54 -4.44 -10.98 -1.91
CA LYS A 54 -5.73 -10.91 -1.25
C LYS A 54 -5.51 -10.89 0.27
N GLN A 55 -4.42 -11.52 0.68
CA GLN A 55 -4.10 -11.59 2.10
C GLN A 55 -3.35 -10.32 2.53
N LEU A 56 -2.91 -9.57 1.54
CA LEU A 56 -2.20 -8.34 1.80
C LEU A 56 -3.20 -7.20 2.01
N ARG A 57 -4.02 -6.98 0.99
CA ARG A 57 -5.03 -5.94 1.06
C ARG A 57 -5.65 -5.88 2.46
N GLU A 58 -6.07 -7.05 2.93
CA GLU A 58 -6.67 -7.14 4.25
C GLU A 58 -5.66 -6.78 5.34
N ASN A 59 -4.54 -7.49 5.32
CA ASN A 59 -3.49 -7.25 6.29
C ASN A 59 -3.23 -5.75 6.39
N VAL A 60 -3.19 -5.11 5.24
CA VAL A 60 -2.96 -3.67 5.19
C VAL A 60 -4.04 -2.95 5.99
N LYS A 61 -5.27 -3.10 5.52
CA LYS A 61 -6.40 -2.45 6.18
C LYS A 61 -6.35 -2.78 7.67
N SER A 62 -5.98 -4.02 7.97
CA SER A 62 -5.88 -4.46 9.35
C SER A 62 -4.79 -3.69 10.08
N ALA A 63 -3.78 -3.30 9.31
CA ALA A 63 -2.66 -2.55 9.88
C ALA A 63 -3.13 -1.14 10.26
N ILE A 64 -4.29 -0.78 9.74
CA ILE A 64 -4.86 0.52 10.02
C ILE A 64 -6.06 0.37 10.96
N ASP A 65 -7.02 1.25 10.78
CA ASP A 65 -8.23 1.23 11.59
C ASP A 65 -9.05 2.49 11.33
N LEU A 66 -9.98 2.37 10.40
CA LEU A 66 -10.84 3.49 10.04
C LEU A 66 -12.05 3.51 10.97
N GLU A 67 -12.68 2.34 11.09
CA GLU A 67 -13.86 2.22 11.94
C GLU A 67 -13.63 2.91 13.28
N GLU A 68 -12.43 2.73 13.81
CA GLU A 68 -12.06 3.33 15.09
C GLU A 68 -11.65 4.79 14.88
N MET A 69 -10.65 5.19 15.64
CA MET A 69 -10.16 6.56 15.56
C MET A 69 -11.25 7.56 15.94
N ALA A 70 -11.09 8.14 17.13
CA ALA A 70 -12.05 9.11 17.62
C ALA A 70 -12.31 10.16 16.54
N SER A 71 -11.24 10.54 15.86
CA SER A 71 -11.33 11.54 14.81
C SER A 71 -9.94 12.03 14.43
N GLY A 72 -9.84 12.60 13.23
CA GLY A 72 -8.58 13.12 12.75
C GLY A 72 -8.25 12.53 11.37
N LEU A 73 -7.68 13.38 10.52
CA LEU A 73 -7.31 12.96 9.19
C LEU A 73 -5.85 12.47 9.19
N ASN A 74 -5.58 11.57 10.12
CA ASN A 74 -4.24 11.02 10.25
C ASN A 74 -4.18 9.67 9.52
N LYS A 75 -5.36 9.14 9.24
CA LYS A 75 -5.46 7.86 8.55
C LYS A 75 -4.51 7.86 7.35
N ARG A 76 -4.85 8.71 6.38
CA ARG A 76 -4.04 8.82 5.18
C ARG A 76 -2.56 8.99 5.54
N LYS A 77 -2.33 9.72 6.63
CA LYS A 77 -0.98 9.96 7.09
C LYS A 77 -0.34 8.64 7.52
N MET A 78 -0.83 8.12 8.64
CA MET A 78 -0.33 6.87 9.17
C MET A 78 -0.44 5.75 8.12
N ILE A 79 -1.33 5.96 7.17
CA ILE A 79 -1.55 4.98 6.12
C ILE A 79 -0.37 5.04 5.14
N GLN A 80 -0.03 6.25 4.74
CA GLN A 80 1.06 6.45 3.81
C GLN A 80 2.31 5.69 4.27
N HIS A 81 2.37 5.47 5.58
CA HIS A 81 3.50 4.76 6.16
C HIS A 81 3.16 3.27 6.27
N ALA A 82 2.03 2.98 6.90
CA ALA A 82 1.59 1.61 7.07
C ALA A 82 1.78 0.86 5.76
N VAL A 83 1.12 1.36 4.73
CA VAL A 83 1.21 0.73 3.41
C VAL A 83 2.65 0.34 3.13
N PHE A 84 3.48 1.34 2.92
CA PHE A 84 4.89 1.10 2.64
C PHE A 84 5.47 0.03 3.58
N LYS A 85 5.12 0.15 4.84
CA LYS A 85 5.59 -0.80 5.85
C LYS A 85 5.34 -2.22 5.34
N GLU A 86 4.07 -2.57 5.25
CA GLU A 86 3.69 -3.90 4.78
C GLU A 86 4.54 -4.30 3.58
N LEU A 87 4.63 -3.38 2.62
CA LEU A 87 5.40 -3.61 1.42
C LEU A 87 6.81 -4.09 1.80
N VAL A 88 7.36 -3.44 2.81
CA VAL A 88 8.69 -3.78 3.29
C VAL A 88 8.71 -5.25 3.73
N LYS A 89 7.52 -5.75 4.01
CA LYS A 89 7.39 -7.14 4.44
C LYS A 89 6.71 -7.95 3.33
N VAL A 90 7.33 -7.93 2.16
CA VAL A 90 6.80 -8.65 1.01
C VAL A 90 7.92 -9.47 0.38
N LYS A 91 7.52 -10.52 -0.34
CA LYS A 91 8.48 -11.38 -1.01
C LYS A 91 9.45 -11.96 0.03
N VAL A 92 10.37 -12.76 -0.46
CA VAL A 92 11.36 -13.39 0.42
C VAL A 92 10.67 -13.87 1.69
N TYR A 93 9.73 -14.80 1.52
CA TYR A 93 9.01 -15.33 2.65
C TYR A 93 8.70 -14.25 3.68
N SER A 94 8.44 -14.69 4.89
CA SER A 94 8.13 -13.77 5.98
C SER A 94 8.31 -14.46 7.33
N GLY A 95 9.14 -13.86 8.17
CA GLY A 95 9.40 -14.40 9.48
C GLY A 95 9.60 -15.91 9.42
N PRO A 96 9.15 -16.60 10.50
CA PRO A 96 9.26 -18.05 10.58
C PRO A 96 8.25 -18.73 9.66
N SER A 97 8.71 -19.10 8.47
CA SER A 97 7.85 -19.77 7.51
C SER A 97 8.66 -20.80 6.72
N SER A 98 7.98 -21.86 6.33
CA SER A 98 8.61 -22.93 5.57
C SER A 98 9.52 -23.75 6.48
N GLY A 99 10.48 -23.07 7.09
CA GLY A 99 11.41 -23.72 7.99
C GLY A 99 12.46 -22.73 8.51
N GLY A 1 -0.82 -2.47 -23.03
CA GLY A 1 0.16 -2.00 -22.07
C GLY A 1 0.81 -3.16 -21.33
N SER A 2 1.81 -3.75 -21.96
CA SER A 2 2.51 -4.87 -21.37
C SER A 2 4.01 -4.60 -21.38
N SER A 3 4.47 -3.90 -20.34
CA SER A 3 5.87 -3.58 -20.21
C SER A 3 6.48 -4.32 -19.03
N GLY A 4 7.61 -4.97 -19.29
CA GLY A 4 8.30 -5.72 -18.26
C GLY A 4 9.51 -4.95 -17.73
N SER A 5 9.35 -4.41 -16.54
CA SER A 5 10.41 -3.64 -15.91
C SER A 5 10.68 -4.16 -14.50
N SER A 6 9.62 -4.23 -13.72
CA SER A 6 9.71 -4.72 -12.35
C SER A 6 10.84 -3.98 -11.62
N GLY A 7 10.44 -2.98 -10.84
CA GLY A 7 11.39 -2.20 -10.08
C GLY A 7 11.31 -0.72 -10.47
N ALA A 8 11.22 0.12 -9.45
CA ALA A 8 11.14 1.56 -9.66
C ALA A 8 9.69 1.94 -10.01
N ASP A 9 9.23 1.43 -11.15
CA ASP A 9 7.89 1.70 -11.60
C ASP A 9 6.89 1.12 -10.60
N LEU A 10 7.32 0.05 -9.93
CA LEU A 10 6.48 -0.61 -8.95
C LEU A 10 6.01 0.42 -7.92
N GLY A 11 6.94 0.81 -7.05
CA GLY A 11 6.64 1.78 -6.02
C GLY A 11 5.84 2.96 -6.58
N ARG A 12 6.06 3.22 -7.85
CA ARG A 12 5.36 4.31 -8.52
C ARG A 12 3.85 4.06 -8.51
N LYS A 13 3.47 2.90 -9.02
CA LYS A 13 2.07 2.52 -9.08
C LYS A 13 1.42 2.81 -7.73
N ILE A 14 2.16 2.52 -6.66
CA ILE A 14 1.66 2.74 -5.32
C ILE A 14 1.76 4.23 -4.99
N THR A 15 2.88 4.82 -5.36
CA THR A 15 3.10 6.24 -5.11
C THR A 15 1.83 7.04 -5.42
N SER A 16 1.36 6.89 -6.65
CA SER A 16 0.16 7.58 -7.09
C SER A 16 -1.01 7.21 -6.19
N ALA A 17 -1.02 5.97 -5.75
CA ALA A 17 -2.08 5.47 -4.89
C ALA A 17 -2.05 6.25 -3.57
N LEU A 18 -0.88 6.26 -2.95
CA LEU A 18 -0.71 6.97 -1.68
C LEU A 18 -0.87 8.46 -1.91
N ARG A 19 -0.38 8.91 -3.06
CA ARG A 19 -0.45 10.31 -3.41
C ARG A 19 -1.91 10.71 -3.71
N SER A 20 -2.68 9.72 -4.15
CA SER A 20 -4.08 9.95 -4.47
C SER A 20 -4.82 10.44 -3.22
N LEU A 21 -4.43 9.90 -2.08
CA LEU A 21 -5.05 10.27 -0.82
C LEU A 21 -4.70 11.72 -0.50
N SER A 22 -3.41 12.01 -0.53
CA SER A 22 -2.93 13.35 -0.24
C SER A 22 -3.67 14.37 -1.10
N ASN A 23 -4.12 13.90 -2.26
CA ASN A 23 -4.85 14.76 -3.18
C ASN A 23 -6.34 14.41 -3.12
N ALA A 24 -6.75 13.85 -1.99
CA ALA A 24 -8.13 13.47 -1.80
C ALA A 24 -8.76 14.37 -0.72
N THR A 25 -10.06 14.56 -0.84
CA THR A 25 -10.78 15.38 0.11
C THR A 25 -11.76 14.53 0.93
N ILE A 26 -12.24 13.46 0.30
CA ILE A 26 -13.17 12.56 0.96
C ILE A 26 -12.44 11.80 2.07
N ILE A 27 -11.55 10.91 1.65
CA ILE A 27 -10.79 10.11 2.58
C ILE A 27 -11.75 9.36 3.51
N ASN A 28 -11.85 8.06 3.27
CA ASN A 28 -12.72 7.21 4.06
C ASN A 28 -12.38 5.75 3.80
N GLU A 29 -13.24 4.88 4.29
CA GLU A 29 -13.05 3.45 4.12
C GLU A 29 -12.99 3.09 2.63
N GLU A 30 -13.85 3.74 1.88
CA GLU A 30 -13.92 3.50 0.44
C GLU A 30 -12.57 3.78 -0.20
N VAL A 31 -12.03 4.95 0.11
CA VAL A 31 -10.74 5.35 -0.43
C VAL A 31 -9.73 4.22 -0.22
N LEU A 32 -9.35 4.04 1.04
CA LEU A 32 -8.39 3.01 1.40
C LEU A 32 -8.70 1.75 0.60
N ASN A 33 -9.97 1.39 0.56
CA ASN A 33 -10.41 0.21 -0.16
C ASN A 33 -10.07 0.38 -1.65
N ALA A 34 -10.45 1.53 -2.18
CA ALA A 34 -10.20 1.83 -3.58
C ALA A 34 -8.69 1.91 -3.82
N MET A 35 -8.10 2.94 -3.23
CA MET A 35 -6.66 3.15 -3.38
C MET A 35 -5.91 1.83 -3.30
N LEU A 36 -6.41 0.94 -2.45
CA LEU A 36 -5.79 -0.36 -2.27
C LEU A 36 -5.70 -1.06 -3.63
N LYS A 37 -6.83 -1.11 -4.31
CA LYS A 37 -6.89 -1.74 -5.62
C LYS A 37 -5.75 -1.22 -6.49
N GLU A 38 -5.40 0.04 -6.26
CA GLU A 38 -4.33 0.67 -7.02
C GLU A 38 -2.98 0.21 -6.49
N VAL A 39 -2.95 -0.13 -5.22
CA VAL A 39 -1.73 -0.59 -4.58
C VAL A 39 -1.54 -2.08 -4.85
N CYS A 40 -2.51 -2.86 -4.42
CA CYS A 40 -2.46 -4.30 -4.62
C CYS A 40 -1.96 -4.57 -6.04
N THR A 41 -2.43 -3.75 -6.97
CA THR A 41 -2.04 -3.89 -8.36
C THR A 41 -0.51 -3.97 -8.48
N ALA A 42 0.14 -2.94 -7.95
CA ALA A 42 1.59 -2.88 -7.99
C ALA A 42 2.17 -4.25 -7.60
N LEU A 43 1.64 -4.79 -6.51
CA LEU A 43 2.09 -6.08 -6.02
C LEU A 43 1.82 -7.14 -7.08
N LEU A 44 0.71 -6.97 -7.79
CA LEU A 44 0.32 -7.90 -8.83
C LEU A 44 1.20 -7.68 -10.06
N GLU A 45 1.59 -6.43 -10.25
CA GLU A 45 2.44 -6.06 -11.38
C GLU A 45 3.90 -6.37 -11.06
N ALA A 46 4.11 -6.98 -9.90
CA ALA A 46 5.45 -7.33 -9.47
C ALA A 46 5.77 -8.76 -9.90
N ASP A 47 5.30 -9.70 -9.08
CA ASP A 47 5.52 -11.12 -9.36
C ASP A 47 5.07 -11.94 -8.15
N VAL A 48 3.95 -11.53 -7.58
CA VAL A 48 3.40 -12.22 -6.42
C VAL A 48 2.14 -12.99 -6.84
N ASN A 49 1.60 -13.73 -5.89
CA ASN A 49 0.40 -14.51 -6.15
C ASN A 49 -0.84 -13.65 -5.90
N ILE A 50 -1.87 -13.92 -6.68
CA ILE A 50 -3.11 -13.16 -6.56
C ILE A 50 -3.67 -13.35 -5.15
N LYS A 51 -3.58 -14.57 -4.66
CA LYS A 51 -4.08 -14.89 -3.33
C LYS A 51 -3.27 -14.11 -2.29
N LEU A 52 -1.95 -14.14 -2.47
CA LEU A 52 -1.06 -13.44 -1.56
C LEU A 52 -1.46 -11.97 -1.49
N VAL A 53 -1.59 -11.36 -2.66
CA VAL A 53 -1.97 -9.96 -2.73
C VAL A 53 -3.28 -9.74 -1.98
N LYS A 54 -3.99 -10.85 -1.76
CA LYS A 54 -5.26 -10.80 -1.06
C LYS A 54 -5.00 -10.85 0.45
N GLN A 55 -3.81 -11.32 0.80
CA GLN A 55 -3.43 -11.43 2.19
C GLN A 55 -2.71 -10.17 2.65
N LEU A 56 -2.32 -9.36 1.68
CA LEU A 56 -1.62 -8.11 1.97
C LEU A 56 -2.65 -7.04 2.33
N ARG A 57 -3.71 -6.98 1.54
CA ARG A 57 -4.76 -6.01 1.78
C ARG A 57 -5.31 -6.13 3.20
N GLU A 58 -5.69 -7.36 3.54
CA GLU A 58 -6.22 -7.63 4.86
C GLU A 58 -5.25 -7.16 5.94
N ASN A 59 -4.01 -7.64 5.83
CA ASN A 59 -2.98 -7.27 6.78
C ASN A 59 -2.83 -5.75 6.80
N VAL A 60 -3.23 -5.13 5.70
CA VAL A 60 -3.14 -3.68 5.58
C VAL A 60 -4.38 -3.05 6.21
N LYS A 61 -5.52 -3.29 5.58
CA LYS A 61 -6.77 -2.76 6.08
C LYS A 61 -6.88 -3.02 7.58
N SER A 62 -6.58 -4.26 7.96
CA SER A 62 -6.64 -4.65 9.36
C SER A 62 -5.75 -3.73 10.20
N ALA A 63 -4.72 -3.20 9.56
CA ALA A 63 -3.79 -2.32 10.23
C ALA A 63 -4.43 -0.94 10.39
N ILE A 64 -5.50 -0.73 9.62
CA ILE A 64 -6.20 0.54 9.67
C ILE A 64 -7.53 0.35 10.41
N ASP A 65 -8.47 1.24 10.13
CA ASP A 65 -9.77 1.18 10.76
C ASP A 65 -10.67 2.27 10.17
N LEU A 66 -10.17 3.49 10.22
CA LEU A 66 -10.92 4.62 9.68
C LEU A 66 -12.12 4.90 10.59
N GLU A 67 -12.99 3.91 10.69
CA GLU A 67 -14.19 4.04 11.51
C GLU A 67 -13.83 4.68 12.85
N GLU A 68 -12.61 4.42 13.30
CA GLU A 68 -12.14 4.96 14.56
C GLU A 68 -11.19 6.13 14.32
N MET A 69 -11.77 7.25 13.93
CA MET A 69 -10.99 8.45 13.66
C MET A 69 -11.68 9.69 14.22
N ALA A 70 -12.09 10.56 13.31
CA ALA A 70 -12.76 11.79 13.71
C ALA A 70 -12.02 12.41 14.89
N SER A 71 -10.85 12.97 14.60
CA SER A 71 -10.04 13.59 15.62
C SER A 71 -8.69 14.03 15.04
N GLY A 72 -8.21 13.22 14.11
CA GLY A 72 -6.94 13.50 13.47
C GLY A 72 -6.86 12.84 12.09
N LEU A 73 -6.67 13.69 11.08
CA LEU A 73 -6.58 13.21 9.72
C LEU A 73 -5.17 12.68 9.46
N ASN A 74 -4.80 11.66 10.22
CA ASN A 74 -3.49 11.06 10.09
C ASN A 74 -3.59 9.81 9.21
N LYS A 75 -4.82 9.48 8.85
CA LYS A 75 -5.08 8.33 8.01
C LYS A 75 -3.99 8.25 6.92
N ARG A 76 -3.99 9.24 6.06
CA ARG A 76 -3.03 9.29 4.97
C ARG A 76 -1.62 9.03 5.50
N LYS A 77 -1.39 9.50 6.72
CA LYS A 77 -0.09 9.33 7.36
C LYS A 77 0.06 7.86 7.80
N MET A 78 -0.75 7.50 8.78
CA MET A 78 -0.72 6.14 9.31
C MET A 78 -0.89 5.11 8.19
N ILE A 79 -1.41 5.60 7.07
CA ILE A 79 -1.64 4.74 5.93
C ILE A 79 -0.36 4.66 5.08
N GLN A 80 0.19 5.82 4.79
CA GLN A 80 1.41 5.90 4.01
C GLN A 80 2.50 5.03 4.65
N HIS A 81 2.34 4.79 5.93
CA HIS A 81 3.31 3.99 6.67
C HIS A 81 2.85 2.52 6.67
N ALA A 82 1.69 2.30 7.26
CA ALA A 82 1.14 0.96 7.34
C ALA A 82 1.36 0.24 6.00
N VAL A 83 0.97 0.91 4.93
CA VAL A 83 1.12 0.35 3.59
C VAL A 83 2.56 -0.11 3.40
N PHE A 84 3.45 0.87 3.32
CA PHE A 84 4.87 0.59 3.14
C PHE A 84 5.36 -0.43 4.17
N LYS A 85 4.69 -0.42 5.32
CA LYS A 85 5.06 -1.33 6.39
C LYS A 85 4.71 -2.76 6.00
N GLU A 86 3.77 -2.86 5.07
CA GLU A 86 3.33 -4.16 4.59
C GLU A 86 4.18 -4.60 3.38
N LEU A 87 4.89 -3.63 2.82
CA LEU A 87 5.74 -3.90 1.67
C LEU A 87 7.06 -4.49 2.16
N VAL A 88 7.33 -4.30 3.44
CA VAL A 88 8.55 -4.81 4.04
C VAL A 88 8.25 -6.13 4.76
N LYS A 89 7.05 -6.21 5.30
CA LYS A 89 6.62 -7.41 6.01
C LYS A 89 5.95 -8.38 5.03
N VAL A 90 6.79 -9.03 4.24
CA VAL A 90 6.29 -9.98 3.25
C VAL A 90 7.23 -11.19 3.21
N LYS A 91 6.86 -12.15 2.37
CA LYS A 91 7.65 -13.36 2.22
C LYS A 91 8.83 -13.08 1.29
N VAL A 92 10.00 -12.91 1.89
CA VAL A 92 11.21 -12.64 1.14
C VAL A 92 11.04 -11.32 0.38
N TYR A 93 12.15 -10.59 0.26
CA TYR A 93 12.13 -9.32 -0.42
C TYR A 93 11.74 -9.49 -1.89
N SER A 94 11.82 -8.38 -2.62
CA SER A 94 11.47 -8.40 -4.03
C SER A 94 12.42 -7.49 -4.82
N GLY A 95 13.52 -8.09 -5.28
CA GLY A 95 14.51 -7.35 -6.04
C GLY A 95 15.25 -6.34 -5.15
N PRO A 96 16.49 -6.00 -5.58
CA PRO A 96 17.30 -5.05 -4.83
C PRO A 96 16.80 -3.62 -5.04
N SER A 97 16.36 -3.01 -3.94
CA SER A 97 15.85 -1.65 -3.98
C SER A 97 16.83 -0.76 -4.75
N SER A 98 16.47 -0.49 -6.01
CA SER A 98 17.30 0.34 -6.86
C SER A 98 18.64 -0.33 -7.10
N GLY A 99 18.75 -0.96 -8.26
CA GLY A 99 19.98 -1.64 -8.63
C GLY A 99 19.82 -3.16 -8.52
N GLY A 1 22.81 0.08 -17.13
CA GLY A 1 22.16 0.23 -15.84
C GLY A 1 23.06 -0.28 -14.72
N SER A 2 22.80 -1.52 -14.31
CA SER A 2 23.58 -2.12 -13.24
C SER A 2 23.71 -1.15 -12.07
N SER A 3 22.67 -1.13 -11.25
CA SER A 3 22.66 -0.26 -10.09
C SER A 3 21.31 -0.36 -9.36
N GLY A 4 21.27 0.19 -8.16
CA GLY A 4 20.05 0.16 -7.37
C GLY A 4 18.82 0.45 -8.24
N SER A 5 17.66 0.12 -7.68
CA SER A 5 16.41 0.33 -8.38
C SER A 5 15.24 -0.13 -7.53
N SER A 6 14.90 0.69 -6.54
CA SER A 6 13.80 0.36 -5.64
C SER A 6 12.47 0.47 -6.39
N GLY A 7 12.14 -0.59 -7.09
CA GLY A 7 10.90 -0.64 -7.86
C GLY A 7 10.62 0.72 -8.51
N ALA A 8 11.40 1.01 -9.53
CA ALA A 8 11.25 2.26 -10.26
C ALA A 8 9.77 2.52 -10.52
N ASP A 9 9.19 1.68 -11.37
CA ASP A 9 7.79 1.79 -11.73
C ASP A 9 6.93 1.37 -10.53
N LEU A 10 7.32 0.25 -9.94
CA LEU A 10 6.60 -0.29 -8.79
C LEU A 10 6.26 0.86 -7.83
N GLY A 11 7.26 1.24 -7.05
CA GLY A 11 7.09 2.31 -6.09
C GLY A 11 6.37 3.51 -6.72
N ARG A 12 6.56 3.65 -8.03
CA ARG A 12 5.94 4.74 -8.76
C ARG A 12 4.43 4.52 -8.86
N LYS A 13 4.07 3.26 -9.07
CA LYS A 13 2.66 2.90 -9.20
C LYS A 13 1.96 3.18 -7.86
N ILE A 14 2.54 2.64 -6.80
CA ILE A 14 1.98 2.82 -5.47
C ILE A 14 2.12 4.29 -5.06
N THR A 15 3.29 4.85 -5.35
CA THR A 15 3.56 6.24 -5.02
C THR A 15 2.32 7.10 -5.26
N SER A 16 1.81 7.01 -6.48
CA SER A 16 0.63 7.77 -6.85
C SER A 16 -0.57 7.34 -6.00
N ALA A 17 -0.70 6.03 -5.84
CA ALA A 17 -1.79 5.48 -5.06
C ALA A 17 -1.87 6.22 -3.72
N LEU A 18 -0.90 5.95 -2.86
CA LEU A 18 -0.84 6.58 -1.56
C LEU A 18 -1.01 8.09 -1.72
N ARG A 19 -0.65 8.58 -2.89
CA ARG A 19 -0.76 10.00 -3.19
C ARG A 19 -2.22 10.42 -3.22
N SER A 20 -3.03 9.60 -3.87
CA SER A 20 -4.45 9.88 -3.98
C SER A 20 -5.00 10.32 -2.63
N LEU A 21 -4.56 9.63 -1.59
CA LEU A 21 -5.00 9.94 -0.24
C LEU A 21 -4.57 11.36 0.12
N SER A 22 -3.27 11.60 0.03
CA SER A 22 -2.71 12.90 0.33
C SER A 22 -3.47 13.99 -0.43
N ASN A 23 -4.08 13.58 -1.52
CA ASN A 23 -4.85 14.50 -2.34
C ASN A 23 -6.30 14.01 -2.45
N ALA A 24 -6.83 13.59 -1.31
CA ALA A 24 -8.20 13.10 -1.25
C ALA A 24 -9.07 14.09 -0.48
N THR A 25 -10.36 14.00 -0.71
CA THR A 25 -11.30 14.89 -0.04
C THR A 25 -12.29 14.07 0.81
N ILE A 26 -12.67 12.92 0.28
CA ILE A 26 -13.60 12.05 0.97
C ILE A 26 -12.84 11.32 2.09
N ILE A 27 -11.96 10.42 1.69
CA ILE A 27 -11.19 9.65 2.66
C ILE A 27 -12.12 8.79 3.49
N ASN A 28 -12.26 7.54 3.09
CA ASN A 28 -13.12 6.60 3.79
C ASN A 28 -12.80 5.17 3.33
N GLU A 29 -13.44 4.22 3.99
CA GLU A 29 -13.24 2.83 3.66
C GLU A 29 -13.09 2.64 2.16
N GLU A 30 -13.81 3.48 1.41
CA GLU A 30 -13.76 3.42 -0.03
C GLU A 30 -12.34 3.71 -0.53
N VAL A 31 -11.90 4.94 -0.30
CA VAL A 31 -10.58 5.36 -0.72
C VAL A 31 -9.59 4.22 -0.46
N LEU A 32 -9.60 3.73 0.78
CA LEU A 32 -8.72 2.65 1.16
C LEU A 32 -8.97 1.45 0.26
N ASN A 33 -10.24 1.16 0.05
CA ASN A 33 -10.63 0.04 -0.79
C ASN A 33 -10.12 0.27 -2.21
N ALA A 34 -10.54 1.38 -2.78
CA ALA A 34 -10.14 1.73 -4.14
C ALA A 34 -8.62 1.77 -4.20
N MET A 35 -8.04 2.68 -3.44
CA MET A 35 -6.59 2.83 -3.41
C MET A 35 -5.90 1.47 -3.32
N LEU A 36 -6.37 0.66 -2.38
CA LEU A 36 -5.81 -0.66 -2.18
C LEU A 36 -5.58 -1.33 -3.53
N LYS A 37 -6.64 -1.38 -4.32
CA LYS A 37 -6.56 -1.98 -5.65
C LYS A 37 -5.35 -1.41 -6.39
N GLU A 38 -5.31 -0.10 -6.47
CA GLU A 38 -4.22 0.59 -7.15
C GLU A 38 -2.87 0.09 -6.62
N VAL A 39 -2.84 -0.17 -5.32
CA VAL A 39 -1.63 -0.65 -4.68
C VAL A 39 -1.45 -2.13 -5.00
N CYS A 40 -2.38 -2.95 -4.51
CA CYS A 40 -2.33 -4.37 -4.74
C CYS A 40 -1.92 -4.61 -6.19
N THR A 41 -2.40 -3.74 -7.06
CA THR A 41 -2.09 -3.84 -8.48
C THR A 41 -0.58 -3.85 -8.70
N ALA A 42 0.07 -2.83 -8.16
CA ALA A 42 1.51 -2.69 -8.29
C ALA A 42 2.17 -4.05 -7.98
N LEU A 43 1.74 -4.64 -6.88
CA LEU A 43 2.27 -5.92 -6.45
C LEU A 43 1.97 -6.96 -7.53
N LEU A 44 0.71 -7.04 -7.91
CA LEU A 44 0.29 -7.99 -8.93
C LEU A 44 1.09 -7.75 -10.20
N GLU A 45 1.34 -6.48 -10.48
CA GLU A 45 2.10 -6.11 -11.66
C GLU A 45 3.59 -6.35 -11.43
N ALA A 46 3.91 -6.86 -10.25
CA ALA A 46 5.29 -7.13 -9.89
C ALA A 46 5.57 -8.63 -10.10
N ASP A 47 5.01 -9.43 -9.21
CA ASP A 47 5.20 -10.87 -9.29
C ASP A 47 4.75 -11.51 -7.97
N VAL A 48 3.44 -11.51 -7.76
CA VAL A 48 2.89 -12.08 -6.54
C VAL A 48 1.56 -12.76 -6.88
N ASN A 49 1.11 -13.60 -5.95
CA ASN A 49 -0.13 -14.32 -6.12
C ASN A 49 -1.31 -13.40 -5.78
N ILE A 50 -2.46 -13.72 -6.34
CA ILE A 50 -3.66 -12.92 -6.10
C ILE A 50 -4.32 -13.38 -4.79
N LYS A 51 -4.31 -14.69 -4.59
CA LYS A 51 -4.90 -15.27 -3.39
C LYS A 51 -4.18 -14.72 -2.16
N LEU A 52 -2.88 -14.53 -2.30
CA LEU A 52 -2.06 -14.01 -1.22
C LEU A 52 -2.21 -12.49 -1.16
N VAL A 53 -2.11 -11.87 -2.34
CA VAL A 53 -2.22 -10.43 -2.43
C VAL A 53 -3.54 -9.98 -1.79
N LYS A 54 -4.47 -10.93 -1.71
CA LYS A 54 -5.77 -10.64 -1.12
C LYS A 54 -5.65 -10.71 0.40
N GLN A 55 -4.66 -11.45 0.86
CA GLN A 55 -4.43 -11.60 2.29
C GLN A 55 -3.53 -10.47 2.80
N LEU A 56 -2.94 -9.75 1.86
CA LEU A 56 -2.06 -8.65 2.21
C LEU A 56 -2.89 -7.43 2.56
N ARG A 57 -3.75 -7.05 1.64
CA ARG A 57 -4.61 -5.89 1.84
C ARG A 57 -5.24 -5.95 3.23
N GLU A 58 -5.89 -7.08 3.51
CA GLU A 58 -6.53 -7.27 4.80
C GLU A 58 -5.54 -7.03 5.94
N ASN A 59 -4.38 -7.63 5.79
CA ASN A 59 -3.33 -7.50 6.79
C ASN A 59 -2.89 -6.03 6.87
N VAL A 60 -3.17 -5.31 5.79
CA VAL A 60 -2.81 -3.91 5.73
C VAL A 60 -3.93 -3.06 6.34
N LYS A 61 -5.15 -3.44 6.01
CA LYS A 61 -6.31 -2.73 6.52
C LYS A 61 -6.38 -2.89 8.05
N SER A 62 -5.72 -3.93 8.52
CA SER A 62 -5.69 -4.20 9.95
C SER A 62 -4.77 -3.21 10.66
N ALA A 63 -3.75 -2.79 9.94
CA ALA A 63 -2.79 -1.84 10.49
C ALA A 63 -3.45 -0.47 10.62
N ILE A 64 -4.61 -0.34 9.99
CA ILE A 64 -5.35 0.91 10.02
C ILE A 64 -6.53 0.76 11.00
N ASP A 65 -7.57 1.52 10.74
CA ASP A 65 -8.75 1.49 11.57
C ASP A 65 -9.76 2.53 11.08
N LEU A 66 -10.54 2.12 10.08
CA LEU A 66 -11.55 3.00 9.51
C LEU A 66 -12.79 3.00 10.40
N GLU A 67 -12.91 1.95 11.20
CA GLU A 67 -14.04 1.82 12.09
C GLU A 67 -14.18 3.07 12.97
N GLU A 68 -13.04 3.51 13.49
CA GLU A 68 -13.01 4.69 14.34
C GLU A 68 -11.88 5.62 13.92
N MET A 69 -12.20 6.54 13.01
CA MET A 69 -11.22 7.48 12.52
C MET A 69 -11.87 8.86 12.29
N ALA A 70 -11.69 9.73 13.27
CA ALA A 70 -12.24 11.07 13.19
C ALA A 70 -11.10 12.08 13.18
N SER A 71 -10.99 12.82 14.28
CA SER A 71 -9.95 13.82 14.41
C SER A 71 -8.58 13.20 14.12
N GLY A 72 -7.61 14.07 13.90
CA GLY A 72 -6.26 13.63 13.61
C GLY A 72 -5.98 13.66 12.11
N LEU A 73 -6.99 13.29 11.35
CA LEU A 73 -6.88 13.27 9.90
C LEU A 73 -5.48 12.78 9.51
N ASN A 74 -4.95 11.91 10.35
CA ASN A 74 -3.62 11.35 10.11
C ASN A 74 -3.77 9.98 9.44
N LYS A 75 -4.99 9.47 9.47
CA LYS A 75 -5.28 8.19 8.88
C LYS A 75 -4.52 8.05 7.56
N ARG A 76 -4.75 9.02 6.68
CA ARG A 76 -4.08 9.02 5.38
C ARG A 76 -2.56 9.01 5.56
N LYS A 77 -2.10 9.78 6.53
CA LYS A 77 -0.68 9.87 6.81
C LYS A 77 -0.16 8.49 7.19
N MET A 78 -0.54 8.05 8.38
CA MET A 78 -0.12 6.75 8.88
C MET A 78 -0.39 5.65 7.84
N ILE A 79 -1.38 5.91 7.00
CA ILE A 79 -1.74 4.97 5.96
C ILE A 79 -0.62 4.89 4.92
N GLN A 80 0.00 6.04 4.69
CA GLN A 80 1.09 6.11 3.72
C GLN A 80 2.28 5.28 4.21
N HIS A 81 2.36 5.11 5.52
CA HIS A 81 3.43 4.34 6.11
C HIS A 81 2.99 2.89 6.29
N ALA A 82 1.86 2.73 6.97
CA ALA A 82 1.32 1.40 7.21
C ALA A 82 1.45 0.55 5.94
N VAL A 83 0.94 1.11 4.85
CA VAL A 83 0.99 0.43 3.56
C VAL A 83 2.42 -0.07 3.32
N PHE A 84 3.31 0.88 3.08
CA PHE A 84 4.70 0.55 2.82
C PHE A 84 5.24 -0.41 3.89
N LYS A 85 4.87 -0.13 5.13
CA LYS A 85 5.32 -0.94 6.25
C LYS A 85 5.24 -2.43 5.85
N GLU A 86 4.19 -2.74 5.10
CA GLU A 86 3.99 -4.11 4.64
C GLU A 86 4.78 -4.37 3.36
N LEU A 87 4.66 -3.44 2.42
CA LEU A 87 5.36 -3.55 1.17
C LEU A 87 6.80 -3.99 1.41
N VAL A 88 7.44 -3.30 2.34
CA VAL A 88 8.81 -3.62 2.70
C VAL A 88 8.88 -5.00 3.34
N LYS A 89 7.97 -5.23 4.28
CA LYS A 89 7.91 -6.51 4.97
C LYS A 89 7.25 -7.54 4.06
N VAL A 90 7.87 -7.78 2.92
CA VAL A 90 7.36 -8.74 1.96
C VAL A 90 8.51 -9.63 1.47
N LYS A 91 9.51 -8.97 0.90
CA LYS A 91 10.66 -9.69 0.38
C LYS A 91 11.15 -10.69 1.43
N VAL A 92 11.46 -10.16 2.61
CA VAL A 92 11.95 -10.99 3.70
C VAL A 92 11.10 -12.27 3.77
N TYR A 93 11.67 -13.28 4.41
CA TYR A 93 10.99 -14.56 4.55
C TYR A 93 9.51 -14.35 4.87
N SER A 94 8.74 -15.41 4.70
CA SER A 94 7.31 -15.35 4.97
C SER A 94 7.06 -14.61 6.28
N GLY A 95 7.03 -15.36 7.37
CA GLY A 95 6.80 -14.79 8.68
C GLY A 95 6.38 -15.85 9.68
N PRO A 96 6.32 -15.45 10.98
CA PRO A 96 5.94 -16.35 12.04
C PRO A 96 4.42 -16.61 12.03
N SER A 97 3.96 -17.13 10.90
CA SER A 97 2.55 -17.43 10.74
C SER A 97 1.79 -16.16 10.35
N SER A 98 1.45 -16.07 9.08
CA SER A 98 0.73 -14.93 8.57
C SER A 98 -0.73 -14.97 9.04
N GLY A 99 -0.93 -14.52 10.28
CA GLY A 99 -2.26 -14.50 10.86
C GLY A 99 -2.81 -13.08 10.93
N GLY A 1 15.30 4.73 -25.62
CA GLY A 1 15.72 4.79 -24.23
C GLY A 1 15.53 3.43 -23.55
N SER A 2 16.21 3.26 -22.43
CA SER A 2 16.13 2.02 -21.68
C SER A 2 16.87 2.17 -20.35
N SER A 3 16.22 1.71 -19.30
CA SER A 3 16.79 1.78 -17.96
C SER A 3 15.74 1.39 -16.92
N GLY A 4 16.03 0.30 -16.23
CA GLY A 4 15.12 -0.20 -15.20
C GLY A 4 15.64 -1.51 -14.60
N SER A 5 15.51 -1.60 -13.28
CA SER A 5 15.96 -2.80 -12.58
C SER A 5 15.53 -2.72 -11.11
N SER A 6 15.49 -3.89 -10.47
CA SER A 6 15.11 -3.97 -9.08
C SER A 6 13.61 -3.72 -8.94
N GLY A 7 13.21 -2.51 -9.32
CA GLY A 7 11.80 -2.13 -9.23
C GLY A 7 11.60 -0.66 -9.63
N ALA A 8 11.44 0.17 -8.61
CA ALA A 8 11.24 1.59 -8.84
C ALA A 8 9.81 1.84 -9.30
N ASP A 9 9.57 1.54 -10.57
CA ASP A 9 8.23 1.72 -11.13
C ASP A 9 7.19 1.17 -10.17
N LEU A 10 7.60 0.15 -9.43
CA LEU A 10 6.71 -0.48 -8.47
C LEU A 10 6.24 0.55 -7.46
N GLY A 11 7.19 1.00 -6.65
CA GLY A 11 6.88 1.99 -5.62
C GLY A 11 6.18 3.21 -6.23
N ARG A 12 6.35 3.34 -7.54
CA ARG A 12 5.74 4.46 -8.24
C ARG A 12 4.23 4.24 -8.40
N LYS A 13 3.87 2.98 -8.62
CA LYS A 13 2.47 2.62 -8.78
C LYS A 13 1.73 2.85 -7.46
N ILE A 14 2.44 2.59 -6.37
CA ILE A 14 1.88 2.75 -5.05
C ILE A 14 2.02 4.22 -4.62
N THR A 15 3.22 4.75 -4.82
CA THR A 15 3.50 6.13 -4.46
C THR A 15 2.36 7.04 -4.91
N SER A 16 1.78 6.70 -6.06
CA SER A 16 0.69 7.47 -6.62
C SER A 16 -0.59 7.20 -5.83
N ALA A 17 -0.78 5.93 -5.47
CA ALA A 17 -1.95 5.52 -4.73
C ALA A 17 -2.03 6.34 -3.43
N LEU A 18 -1.04 6.13 -2.58
CA LEU A 18 -0.98 6.84 -1.30
C LEU A 18 -1.08 8.35 -1.56
N ARG A 19 -0.76 8.73 -2.79
CA ARG A 19 -0.80 10.13 -3.17
C ARG A 19 -2.25 10.62 -3.25
N SER A 20 -3.08 9.81 -3.91
CA SER A 20 -4.48 10.16 -4.06
C SER A 20 -5.07 10.57 -2.71
N LEU A 21 -4.62 9.89 -1.67
CA LEU A 21 -5.08 10.17 -0.32
C LEU A 21 -4.61 11.58 0.08
N SER A 22 -3.31 11.77 0.01
CA SER A 22 -2.72 13.05 0.37
C SER A 22 -3.48 14.18 -0.32
N ASN A 23 -4.12 13.84 -1.42
CA ASN A 23 -4.89 14.81 -2.17
C ASN A 23 -6.36 14.39 -2.21
N ALA A 24 -6.83 13.90 -1.08
CA ALA A 24 -8.20 13.44 -0.97
C ALA A 24 -8.87 14.13 0.23
N THR A 25 -10.06 14.65 -0.02
CA THR A 25 -10.81 15.32 1.03
C THR A 25 -11.90 14.42 1.59
N ILE A 26 -12.16 13.34 0.87
CA ILE A 26 -13.17 12.38 1.28
C ILE A 26 -12.60 11.51 2.40
N ILE A 27 -11.71 10.61 2.03
CA ILE A 27 -11.10 9.71 2.99
C ILE A 27 -12.18 8.89 3.69
N ASN A 28 -12.38 7.68 3.19
CA ASN A 28 -13.39 6.79 3.75
C ASN A 28 -13.10 5.36 3.30
N GLU A 29 -13.96 4.46 3.75
CA GLU A 29 -13.81 3.05 3.40
C GLU A 29 -13.63 2.90 1.89
N GLU A 30 -14.22 3.83 1.16
CA GLU A 30 -14.13 3.81 -0.30
C GLU A 30 -12.70 4.10 -0.75
N VAL A 31 -12.25 5.30 -0.42
CA VAL A 31 -10.90 5.70 -0.78
C VAL A 31 -9.94 4.54 -0.58
N LEU A 32 -9.95 4.00 0.64
CA LEU A 32 -9.08 2.88 0.97
C LEU A 32 -9.34 1.73 -0.01
N ASN A 33 -10.62 1.42 -0.19
CA ASN A 33 -11.02 0.36 -1.09
C ASN A 33 -10.44 0.63 -2.47
N ALA A 34 -10.81 1.78 -3.02
CA ALA A 34 -10.34 2.17 -4.34
C ALA A 34 -8.81 2.16 -4.36
N MET A 35 -8.23 3.02 -3.52
CA MET A 35 -6.79 3.11 -3.43
C MET A 35 -6.14 1.73 -3.39
N LEU A 36 -6.71 0.87 -2.55
CA LEU A 36 -6.21 -0.48 -2.41
C LEU A 36 -6.02 -1.10 -3.79
N LYS A 37 -7.10 -1.10 -4.56
CA LYS A 37 -7.07 -1.65 -5.91
C LYS A 37 -5.79 -1.18 -6.61
N GLU A 38 -5.54 0.11 -6.53
CA GLU A 38 -4.35 0.69 -7.15
C GLU A 38 -3.09 0.13 -6.50
N VAL A 39 -3.19 -0.13 -5.20
CA VAL A 39 -2.06 -0.66 -4.46
C VAL A 39 -1.88 -2.14 -4.82
N CYS A 40 -2.84 -2.94 -4.39
CA CYS A 40 -2.79 -4.37 -4.66
C CYS A 40 -2.33 -4.57 -6.10
N THR A 41 -2.77 -3.66 -6.97
CA THR A 41 -2.41 -3.74 -8.37
C THR A 41 -0.88 -3.75 -8.54
N ALA A 42 -0.25 -2.80 -7.86
CA ALA A 42 1.20 -2.68 -7.92
C ALA A 42 1.83 -4.06 -7.70
N LEU A 43 1.34 -4.74 -6.67
CA LEU A 43 1.84 -6.07 -6.34
C LEU A 43 1.50 -7.02 -7.48
N LEU A 44 0.23 -7.07 -7.82
CA LEU A 44 -0.25 -7.94 -8.89
C LEU A 44 0.56 -7.65 -10.16
N GLU A 45 1.03 -6.42 -10.26
CA GLU A 45 1.82 -6.01 -11.40
C GLU A 45 3.25 -6.55 -11.30
N ALA A 46 3.51 -7.25 -10.21
CA ALA A 46 4.81 -7.82 -9.97
C ALA A 46 4.76 -9.34 -10.22
N ASP A 47 3.66 -9.77 -10.80
CA ASP A 47 3.46 -11.17 -11.10
C ASP A 47 3.50 -11.97 -9.79
N VAL A 48 2.84 -11.43 -8.78
CA VAL A 48 2.78 -12.08 -7.48
C VAL A 48 1.63 -13.09 -7.47
N ASN A 49 1.26 -13.48 -6.26
CA ASN A 49 0.18 -14.44 -6.10
C ASN A 49 -1.05 -13.73 -5.51
N ILE A 50 -2.13 -13.75 -6.28
CA ILE A 50 -3.35 -13.11 -5.85
C ILE A 50 -3.66 -13.50 -4.39
N LYS A 51 -3.73 -14.80 -4.18
CA LYS A 51 -4.00 -15.32 -2.84
C LYS A 51 -3.23 -14.49 -1.81
N LEU A 52 -1.93 -14.36 -2.06
CA LEU A 52 -1.08 -13.60 -1.16
C LEU A 52 -1.52 -12.14 -1.15
N VAL A 53 -1.69 -11.59 -2.36
CA VAL A 53 -2.11 -10.21 -2.50
C VAL A 53 -3.36 -9.97 -1.65
N LYS A 54 -4.10 -11.04 -1.45
CA LYS A 54 -5.33 -10.96 -0.66
C LYS A 54 -4.97 -10.87 0.82
N GLN A 55 -3.95 -11.63 1.19
CA GLN A 55 -3.50 -11.64 2.57
C GLN A 55 -2.75 -10.34 2.90
N LEU A 56 -2.40 -9.61 1.85
CA LEU A 56 -1.69 -8.37 2.01
C LEU A 56 -2.68 -7.26 2.38
N ARG A 57 -3.55 -6.94 1.43
CA ARG A 57 -4.56 -5.91 1.65
C ARG A 57 -5.12 -6.01 3.06
N GLU A 58 -5.64 -7.20 3.38
CA GLU A 58 -6.21 -7.43 4.69
C GLU A 58 -5.22 -7.05 5.79
N ASN A 59 -4.02 -7.59 5.67
CA ASN A 59 -2.97 -7.31 6.64
C ASN A 59 -2.75 -5.79 6.72
N VAL A 60 -2.93 -5.14 5.59
CA VAL A 60 -2.76 -3.70 5.52
C VAL A 60 -3.94 -3.01 6.21
N LYS A 61 -5.12 -3.21 5.63
CA LYS A 61 -6.33 -2.62 6.18
C LYS A 61 -6.39 -2.89 7.69
N SER A 62 -6.03 -4.12 8.05
CA SER A 62 -6.04 -4.52 9.44
C SER A 62 -5.22 -3.52 10.28
N ALA A 63 -4.10 -3.11 9.72
CA ALA A 63 -3.22 -2.17 10.39
C ALA A 63 -3.95 -0.83 10.57
N ILE A 64 -5.07 -0.71 9.86
CA ILE A 64 -5.86 0.50 9.93
C ILE A 64 -7.17 0.21 10.67
N ASP A 65 -8.18 1.01 10.37
CA ASP A 65 -9.48 0.85 11.01
C ASP A 65 -10.41 1.99 10.56
N LEU A 66 -11.33 1.63 9.68
CA LEU A 66 -12.28 2.61 9.17
C LEU A 66 -13.47 2.72 10.14
N GLU A 67 -13.78 1.59 10.76
CA GLU A 67 -14.88 1.55 11.70
C GLU A 67 -14.94 2.83 12.52
N GLU A 68 -13.78 3.19 13.07
CA GLU A 68 -13.68 4.40 13.88
C GLU A 68 -12.48 5.24 13.43
N MET A 69 -12.71 6.01 12.38
CA MET A 69 -11.66 6.87 11.85
C MET A 69 -11.75 8.28 12.44
N ALA A 70 -12.85 8.53 13.14
CA ALA A 70 -13.07 9.83 13.75
C ALA A 70 -13.16 10.90 12.67
N SER A 71 -12.00 11.30 12.18
CA SER A 71 -11.93 12.31 11.14
C SER A 71 -11.20 11.76 9.91
N GLY A 72 -9.88 11.85 9.96
CA GLY A 72 -9.06 11.37 8.86
C GLY A 72 -8.07 12.44 8.40
N LEU A 73 -7.01 12.59 9.19
CA LEU A 73 -5.98 13.57 8.87
C LEU A 73 -4.63 12.86 8.75
N ASN A 74 -4.25 12.20 9.82
CA ASN A 74 -2.98 11.48 9.84
C ASN A 74 -3.19 10.08 9.28
N LYS A 75 -4.43 9.62 9.36
CA LYS A 75 -4.77 8.30 8.87
C LYS A 75 -4.13 8.08 7.50
N ARG A 76 -4.59 8.86 6.53
CA ARG A 76 -4.06 8.78 5.18
C ARG A 76 -2.53 8.82 5.20
N LYS A 77 -2.00 9.51 6.19
CA LYS A 77 -0.57 9.64 6.34
C LYS A 77 0.02 8.31 6.81
N MET A 78 -0.29 7.96 8.06
CA MET A 78 0.20 6.72 8.63
C MET A 78 -0.12 5.54 7.71
N ILE A 79 -1.16 5.70 6.92
CA ILE A 79 -1.58 4.66 6.00
C ILE A 79 -0.58 4.58 4.84
N GLN A 80 0.11 5.70 4.62
CA GLN A 80 1.08 5.76 3.55
C GLN A 80 2.32 4.93 3.90
N HIS A 81 2.54 4.79 5.20
CA HIS A 81 3.68 4.02 5.69
C HIS A 81 3.25 2.57 5.92
N ALA A 82 2.07 2.42 6.51
CA ALA A 82 1.54 1.10 6.80
C ALA A 82 1.77 0.19 5.59
N VAL A 83 1.13 0.56 4.49
CA VAL A 83 1.24 -0.22 3.27
C VAL A 83 2.72 -0.43 2.94
N PHE A 84 3.43 0.69 2.79
CA PHE A 84 4.84 0.63 2.47
C PHE A 84 5.57 -0.37 3.37
N LYS A 85 5.28 -0.29 4.67
CA LYS A 85 5.89 -1.18 5.63
C LYS A 85 5.65 -2.63 5.21
N GLU A 86 4.37 -3.00 5.24
CA GLU A 86 3.99 -4.36 4.86
C GLU A 86 4.81 -4.83 3.67
N LEU A 87 4.85 -3.98 2.65
CA LEU A 87 5.60 -4.30 1.44
C LEU A 87 7.05 -4.60 1.80
N VAL A 88 7.62 -3.73 2.61
CA VAL A 88 8.99 -3.89 3.06
C VAL A 88 9.18 -5.28 3.67
N LYS A 89 8.45 -5.52 4.74
CA LYS A 89 8.52 -6.80 5.42
C LYS A 89 8.51 -7.92 4.39
N VAL A 90 7.39 -8.03 3.68
CA VAL A 90 7.25 -9.06 2.66
C VAL A 90 8.21 -8.76 1.50
N LYS A 91 8.02 -9.49 0.41
CA LYS A 91 8.86 -9.31 -0.76
C LYS A 91 10.25 -9.88 -0.48
N VAL A 92 10.89 -9.31 0.53
CA VAL A 92 12.23 -9.76 0.90
C VAL A 92 12.11 -10.88 1.94
N TYR A 93 11.18 -11.77 1.69
CA TYR A 93 10.95 -12.90 2.59
C TYR A 93 10.00 -13.91 1.97
N SER A 94 9.96 -15.09 2.58
CA SER A 94 9.10 -16.16 2.10
C SER A 94 9.20 -17.38 3.03
N GLY A 95 9.37 -17.09 4.31
CA GLY A 95 9.48 -18.14 5.30
C GLY A 95 8.11 -18.52 5.85
N PRO A 96 7.68 -17.76 6.90
CA PRO A 96 6.39 -18.00 7.52
C PRO A 96 5.24 -17.51 6.64
N SER A 97 4.30 -18.41 6.38
CA SER A 97 3.16 -18.07 5.56
C SER A 97 2.00 -19.04 5.85
N SER A 98 2.25 -20.31 5.55
CA SER A 98 1.25 -21.34 5.77
C SER A 98 0.01 -21.06 4.91
N GLY A 99 -0.85 -22.06 4.83
CA GLY A 99 -2.07 -21.94 4.05
C GLY A 99 -2.31 -23.19 3.20
N GLY A 1 12.31 2.58 -20.60
CA GLY A 1 13.09 1.44 -20.17
C GLY A 1 13.96 1.77 -18.96
N SER A 2 14.27 0.74 -18.19
CA SER A 2 15.09 0.92 -17.00
C SER A 2 15.66 -0.43 -16.56
N SER A 3 16.67 -0.36 -15.70
CA SER A 3 17.31 -1.56 -15.19
C SER A 3 17.97 -1.27 -13.84
N GLY A 4 17.45 -1.91 -12.82
CA GLY A 4 17.99 -1.74 -11.47
C GLY A 4 17.72 -2.97 -10.61
N SER A 5 17.07 -2.73 -9.47
CA SER A 5 16.75 -3.80 -8.55
C SER A 5 15.86 -3.27 -7.43
N SER A 6 14.60 -2.99 -7.79
CA SER A 6 13.65 -2.48 -6.83
C SER A 6 12.26 -2.38 -7.47
N GLY A 7 12.19 -1.57 -8.52
CA GLY A 7 10.94 -1.38 -9.24
C GLY A 7 10.59 0.10 -9.33
N ALA A 8 11.07 0.72 -10.41
CA ALA A 8 10.82 2.14 -10.63
C ALA A 8 9.33 2.34 -10.93
N ASP A 9 8.84 1.56 -11.89
CA ASP A 9 7.45 1.65 -12.29
C ASP A 9 6.57 1.14 -11.15
N LEU A 10 7.04 0.09 -10.50
CA LEU A 10 6.31 -0.50 -9.39
C LEU A 10 5.97 0.59 -8.37
N GLY A 11 6.99 1.01 -7.64
CA GLY A 11 6.81 2.05 -6.63
C GLY A 11 5.97 3.20 -7.18
N ARG A 12 6.00 3.35 -8.50
CA ARG A 12 5.26 4.40 -9.15
C ARG A 12 3.76 4.18 -8.99
N LYS A 13 3.33 2.97 -9.32
CA LYS A 13 1.93 2.61 -9.21
C LYS A 13 1.43 2.93 -7.81
N ILE A 14 2.12 2.37 -6.82
CA ILE A 14 1.76 2.59 -5.43
C ILE A 14 1.93 4.07 -5.09
N THR A 15 3.09 4.59 -5.45
CA THR A 15 3.40 5.99 -5.19
C THR A 15 2.15 6.85 -5.43
N SER A 16 1.60 6.73 -6.62
CA SER A 16 0.42 7.49 -6.99
C SER A 16 -0.73 7.15 -6.05
N ALA A 17 -0.84 5.87 -5.73
CA ALA A 17 -1.89 5.40 -4.84
C ALA A 17 -1.84 6.18 -3.54
N LEU A 18 -0.73 6.02 -2.82
CA LEU A 18 -0.55 6.71 -1.55
C LEU A 18 -0.82 8.20 -1.75
N ARG A 19 -0.17 8.77 -2.75
CA ARG A 19 -0.33 10.18 -3.05
C ARG A 19 -1.81 10.50 -3.30
N SER A 20 -2.52 9.50 -3.78
CA SER A 20 -3.94 9.65 -4.07
C SER A 20 -4.69 10.04 -2.79
N LEU A 21 -4.11 9.67 -1.66
CA LEU A 21 -4.72 9.97 -0.37
C LEU A 21 -4.30 11.38 0.06
N SER A 22 -2.99 11.56 0.22
CA SER A 22 -2.46 12.85 0.62
C SER A 22 -3.13 13.97 -0.17
N ASN A 23 -3.53 13.63 -1.38
CA ASN A 23 -4.19 14.60 -2.24
C ASN A 23 -5.66 14.70 -1.87
N ALA A 24 -6.25 13.54 -1.61
CA ALA A 24 -7.65 13.47 -1.23
C ALA A 24 -7.89 14.35 0.01
N THR A 25 -9.15 14.48 0.37
CA THR A 25 -9.51 15.27 1.53
C THR A 25 -10.43 14.47 2.46
N ILE A 26 -11.38 13.78 1.85
CA ILE A 26 -12.33 12.97 2.61
C ILE A 26 -11.55 11.93 3.42
N ILE A 27 -10.91 11.02 2.69
CA ILE A 27 -10.13 9.97 3.33
C ILE A 27 -11.06 9.12 4.20
N ASN A 28 -11.56 8.05 3.59
CA ASN A 28 -12.46 7.15 4.28
C ASN A 28 -12.19 5.71 3.84
N GLU A 29 -13.12 4.83 4.16
CA GLU A 29 -13.00 3.43 3.80
C GLU A 29 -12.77 3.29 2.29
N GLU A 30 -13.75 3.78 1.53
CA GLU A 30 -13.68 3.72 0.08
C GLU A 30 -12.25 4.01 -0.39
N VAL A 31 -11.77 5.19 -0.04
CA VAL A 31 -10.42 5.60 -0.42
C VAL A 31 -9.48 4.41 -0.29
N LEU A 32 -9.22 4.02 0.95
CA LEU A 32 -8.33 2.90 1.22
C LEU A 32 -8.68 1.75 0.28
N ASN A 33 -9.89 1.23 0.45
CA ASN A 33 -10.36 0.13 -0.37
C ASN A 33 -9.93 0.36 -1.82
N ALA A 34 -10.30 1.53 -2.33
CA ALA A 34 -9.96 1.89 -3.70
C ALA A 34 -8.45 1.82 -3.88
N MET A 35 -7.75 2.57 -3.04
CA MET A 35 -6.30 2.60 -3.10
C MET A 35 -5.73 1.18 -3.18
N LEU A 36 -6.21 0.32 -2.30
CA LEU A 36 -5.75 -1.05 -2.27
C LEU A 36 -5.87 -1.66 -3.66
N LYS A 37 -6.86 -1.17 -4.40
CA LYS A 37 -7.08 -1.65 -5.76
C LYS A 37 -5.97 -1.15 -6.67
N GLU A 38 -5.41 -0.01 -6.30
CA GLU A 38 -4.33 0.59 -7.07
C GLU A 38 -2.98 0.10 -6.57
N VAL A 39 -2.98 -0.37 -5.32
CA VAL A 39 -1.76 -0.86 -4.70
C VAL A 39 -1.63 -2.36 -4.97
N CYS A 40 -2.63 -3.10 -4.52
CA CYS A 40 -2.66 -4.54 -4.71
C CYS A 40 -2.17 -4.85 -6.13
N THR A 41 -2.59 -4.00 -7.06
CA THR A 41 -2.22 -4.16 -8.45
C THR A 41 -0.69 -4.13 -8.60
N ALA A 42 -0.11 -3.05 -8.11
CA ALA A 42 1.33 -2.88 -8.18
C ALA A 42 2.01 -4.20 -7.83
N LEU A 43 1.59 -4.77 -6.71
CA LEU A 43 2.14 -6.03 -6.25
C LEU A 43 1.89 -7.11 -7.31
N LEU A 44 0.70 -7.06 -7.88
CA LEU A 44 0.34 -8.02 -8.91
C LEU A 44 1.14 -7.76 -10.18
N GLU A 45 1.54 -6.50 -10.33
CA GLU A 45 2.31 -6.09 -11.50
C GLU A 45 3.80 -6.37 -11.26
N ALA A 46 4.08 -7.01 -10.13
CA ALA A 46 5.45 -7.33 -9.78
C ALA A 46 5.73 -8.80 -10.12
N ASP A 47 5.40 -9.67 -9.17
CA ASP A 47 5.60 -11.09 -9.36
C ASP A 47 5.23 -11.84 -8.08
N VAL A 48 4.16 -11.37 -7.44
CA VAL A 48 3.70 -11.97 -6.21
C VAL A 48 2.59 -12.97 -6.52
N ASN A 49 2.01 -13.52 -5.46
CA ASN A 49 0.94 -14.49 -5.60
C ASN A 49 -0.41 -13.80 -5.39
N ILE A 50 -1.36 -14.15 -6.23
CA ILE A 50 -2.69 -13.57 -6.15
C ILE A 50 -3.20 -13.69 -4.71
N LYS A 51 -2.96 -14.86 -4.12
CA LYS A 51 -3.39 -15.10 -2.76
C LYS A 51 -2.65 -14.14 -1.82
N LEU A 52 -1.35 -14.03 -2.04
CA LEU A 52 -0.52 -13.15 -1.22
C LEU A 52 -1.09 -11.73 -1.27
N VAL A 53 -1.46 -11.32 -2.47
CA VAL A 53 -2.02 -9.99 -2.67
C VAL A 53 -3.38 -9.91 -2.00
N LYS A 54 -3.98 -11.08 -1.79
CA LYS A 54 -5.29 -11.16 -1.16
C LYS A 54 -5.13 -11.00 0.34
N GLN A 55 -4.10 -11.64 0.88
CA GLN A 55 -3.83 -11.57 2.31
C GLN A 55 -3.15 -10.25 2.65
N LEU A 56 -2.66 -9.57 1.62
CA LEU A 56 -1.98 -8.30 1.81
C LEU A 56 -3.01 -7.22 2.13
N ARG A 57 -3.86 -6.94 1.15
CA ARG A 57 -4.89 -5.93 1.32
C ARG A 57 -5.51 -6.04 2.72
N GLU A 58 -6.06 -7.20 3.01
CA GLU A 58 -6.67 -7.43 4.31
C GLU A 58 -5.72 -7.02 5.43
N ASN A 59 -4.50 -7.53 5.36
CA ASN A 59 -3.50 -7.22 6.36
C ASN A 59 -3.33 -5.70 6.45
N VAL A 60 -3.37 -5.06 5.30
CA VAL A 60 -3.22 -3.62 5.23
C VAL A 60 -4.47 -2.95 5.84
N LYS A 61 -5.62 -3.49 5.49
CA LYS A 61 -6.88 -2.97 5.99
C LYS A 61 -6.94 -3.18 7.50
N SER A 62 -6.23 -4.21 7.95
CA SER A 62 -6.20 -4.53 9.37
C SER A 62 -5.20 -3.63 10.09
N ALA A 63 -4.32 -3.04 9.30
CA ALA A 63 -3.29 -2.16 9.84
C ALA A 63 -3.94 -0.83 10.23
N ILE A 64 -5.13 -0.60 9.71
CA ILE A 64 -5.86 0.62 10.00
C ILE A 64 -6.91 0.34 11.08
N ASP A 65 -8.02 1.06 10.98
CA ASP A 65 -9.09 0.90 11.94
C ASP A 65 -10.19 1.92 11.63
N LEU A 66 -10.67 1.88 10.39
CA LEU A 66 -11.71 2.78 9.95
C LEU A 66 -12.99 2.50 10.76
N GLU A 67 -13.19 1.23 11.07
CA GLU A 67 -14.36 0.82 11.84
C GLU A 67 -14.49 1.67 13.09
N GLU A 68 -13.35 1.97 13.69
CA GLU A 68 -13.33 2.79 14.90
C GLU A 68 -12.16 3.76 14.86
N MET A 69 -12.22 4.69 13.91
CA MET A 69 -11.17 5.68 13.76
C MET A 69 -11.61 7.03 14.33
N ALA A 70 -12.88 7.09 14.73
CA ALA A 70 -13.43 8.30 15.28
C ALA A 70 -13.49 9.38 14.20
N SER A 71 -12.31 9.87 13.84
CA SER A 71 -12.22 10.90 12.82
C SER A 71 -10.97 10.68 11.96
N GLY A 72 -9.83 10.68 12.63
CA GLY A 72 -8.56 10.48 11.95
C GLY A 72 -8.30 11.60 10.94
N LEU A 73 -8.97 11.49 9.80
CA LEU A 73 -8.82 12.49 8.74
C LEU A 73 -7.38 12.46 8.23
N ASN A 74 -6.49 13.01 9.03
CA ASN A 74 -5.08 13.05 8.67
C ASN A 74 -4.50 11.63 8.67
N LYS A 75 -5.31 10.70 9.17
CA LYS A 75 -4.91 9.32 9.23
C LYS A 75 -4.13 8.95 7.97
N ARG A 76 -4.50 9.62 6.88
CA ARG A 76 -3.85 9.38 5.60
C ARG A 76 -2.33 9.35 5.78
N LYS A 77 -1.87 10.04 6.81
CA LYS A 77 -0.44 10.09 7.10
C LYS A 77 0.02 8.73 7.61
N MET A 78 -0.49 8.37 8.78
CA MET A 78 -0.13 7.09 9.39
C MET A 78 -0.49 5.92 8.48
N ILE A 79 -1.41 6.20 7.56
CA ILE A 79 -1.85 5.18 6.61
C ILE A 79 -0.77 4.99 5.55
N GLN A 80 -0.24 6.11 5.07
CA GLN A 80 0.80 6.06 4.05
C GLN A 80 1.92 5.12 4.46
N HIS A 81 2.04 4.91 5.77
CA HIS A 81 3.06 4.03 6.30
C HIS A 81 2.48 2.62 6.48
N ALA A 82 1.30 2.57 7.08
CA ALA A 82 0.63 1.30 7.32
C ALA A 82 0.78 0.42 6.08
N VAL A 83 0.73 1.07 4.92
CA VAL A 83 0.84 0.36 3.66
C VAL A 83 2.28 -0.17 3.52
N PHE A 84 3.20 0.76 3.31
CA PHE A 84 4.60 0.40 3.16
C PHE A 84 5.04 -0.59 4.24
N LYS A 85 4.50 -0.39 5.43
CA LYS A 85 4.82 -1.25 6.55
C LYS A 85 4.58 -2.71 6.15
N GLU A 86 3.63 -2.89 5.25
CA GLU A 86 3.30 -4.23 4.77
C GLU A 86 4.14 -4.59 3.55
N LEU A 87 4.56 -3.55 2.84
CA LEU A 87 5.36 -3.74 1.64
C LEU A 87 6.78 -4.15 2.05
N VAL A 88 7.29 -3.47 3.06
CA VAL A 88 8.63 -3.76 3.57
C VAL A 88 8.68 -5.20 4.09
N LYS A 89 7.51 -5.67 4.53
CA LYS A 89 7.41 -7.02 5.05
C LYS A 89 7.50 -8.02 3.90
N VAL A 90 6.42 -8.08 3.13
CA VAL A 90 6.35 -8.98 1.99
C VAL A 90 7.71 -8.98 1.27
N LYS A 91 8.07 -7.81 0.77
CA LYS A 91 9.33 -7.66 0.06
C LYS A 91 10.07 -6.43 0.60
N VAL A 92 11.26 -6.67 1.11
CA VAL A 92 12.07 -5.60 1.66
C VAL A 92 12.91 -4.98 0.53
N TYR A 93 13.09 -3.67 0.63
CA TYR A 93 13.87 -2.95 -0.37
C TYR A 93 15.24 -3.59 -0.57
N SER A 94 15.81 -4.06 0.52
CA SER A 94 17.12 -4.70 0.48
C SER A 94 17.50 -5.21 1.86
N GLY A 95 17.71 -4.26 2.77
CA GLY A 95 18.09 -4.59 4.13
C GLY A 95 17.31 -5.81 4.63
N PRO A 96 17.90 -6.50 5.65
CA PRO A 96 17.26 -7.67 6.22
C PRO A 96 16.09 -7.29 7.12
N SER A 97 15.01 -6.85 6.48
CA SER A 97 13.82 -6.45 7.21
C SER A 97 14.09 -5.15 7.96
N SER A 98 15.05 -5.22 8.89
CA SER A 98 15.41 -4.06 9.68
C SER A 98 15.44 -2.81 8.80
N GLY A 99 15.19 -1.67 9.44
CA GLY A 99 15.19 -0.40 8.72
C GLY A 99 14.25 0.60 9.40
N GLY A 1 26.14 7.04 -9.24
CA GLY A 1 25.89 7.32 -7.83
C GLY A 1 24.45 6.99 -7.46
N SER A 2 23.67 8.04 -7.22
CA SER A 2 22.28 7.88 -6.86
C SER A 2 22.17 7.20 -5.49
N SER A 3 20.99 7.34 -4.89
CA SER A 3 20.75 6.75 -3.59
C SER A 3 19.34 6.15 -3.54
N GLY A 4 19.24 5.02 -2.86
CA GLY A 4 17.97 4.34 -2.73
C GLY A 4 17.59 3.62 -4.04
N SER A 5 16.95 2.48 -3.88
CA SER A 5 16.53 1.69 -5.03
C SER A 5 15.62 0.55 -4.58
N SER A 6 14.33 0.85 -4.49
CA SER A 6 13.37 -0.15 -4.08
C SER A 6 12.09 -0.02 -4.91
N GLY A 7 12.09 -0.72 -6.04
CA GLY A 7 10.95 -0.68 -6.94
C GLY A 7 10.79 0.70 -7.59
N ALA A 8 11.64 0.96 -8.57
CA ALA A 8 11.61 2.23 -9.26
C ALA A 8 10.19 2.51 -9.73
N ASP A 9 9.69 1.65 -10.60
CA ASP A 9 8.35 1.80 -11.12
C ASP A 9 7.34 1.42 -10.04
N LEU A 10 7.54 0.25 -9.47
CA LEU A 10 6.66 -0.24 -8.43
C LEU A 10 6.32 0.91 -7.47
N GLY A 11 7.32 1.30 -6.69
CA GLY A 11 7.15 2.38 -5.73
C GLY A 11 6.45 3.58 -6.38
N ARG A 12 6.74 3.77 -7.66
CA ARG A 12 6.15 4.87 -8.40
C ARG A 12 4.67 4.59 -8.68
N LYS A 13 4.37 3.31 -8.85
CA LYS A 13 3.00 2.89 -9.12
C LYS A 13 2.15 3.12 -7.87
N ILE A 14 2.71 2.72 -6.73
CA ILE A 14 2.01 2.88 -5.46
C ILE A 14 2.05 4.34 -5.03
N THR A 15 3.23 4.93 -5.18
CA THR A 15 3.41 6.32 -4.81
C THR A 15 2.21 7.16 -5.26
N SER A 16 1.65 6.76 -6.39
CA SER A 16 0.50 7.46 -6.94
C SER A 16 -0.74 7.16 -6.11
N ALA A 17 -0.96 5.87 -5.86
CA ALA A 17 -2.10 5.44 -5.08
C ALA A 17 -2.20 6.28 -3.81
N LEU A 18 -1.25 6.04 -2.91
CA LEU A 18 -1.21 6.76 -1.65
C LEU A 18 -1.48 8.25 -1.91
N ARG A 19 -0.91 8.74 -3.01
CA ARG A 19 -1.08 10.13 -3.38
C ARG A 19 -2.57 10.48 -3.45
N SER A 20 -3.32 9.61 -4.11
CA SER A 20 -4.75 9.82 -4.26
C SER A 20 -5.37 10.19 -2.92
N LEU A 21 -4.81 9.61 -1.86
CA LEU A 21 -5.30 9.86 -0.52
C LEU A 21 -4.88 11.27 -0.09
N SER A 22 -3.58 11.52 -0.16
CA SER A 22 -3.04 12.81 0.22
C SER A 22 -3.83 13.93 -0.48
N ASN A 23 -4.46 13.56 -1.58
CA ASN A 23 -5.24 14.52 -2.34
C ASN A 23 -6.71 14.06 -2.38
N ALA A 24 -7.18 13.63 -1.22
CA ALA A 24 -8.55 13.16 -1.11
C ALA A 24 -9.31 14.07 -0.14
N THR A 25 -10.62 14.15 -0.36
CA THR A 25 -11.46 14.99 0.47
C THR A 25 -12.22 14.12 1.48
N ILE A 26 -12.67 12.97 1.01
CA ILE A 26 -13.41 12.04 1.87
C ILE A 26 -12.53 10.83 2.16
N ILE A 27 -12.23 10.65 3.43
CA ILE A 27 -11.41 9.52 3.87
C ILE A 27 -12.30 8.45 4.48
N ASN A 28 -12.73 7.52 3.63
CA ASN A 28 -13.60 6.44 4.07
C ASN A 28 -13.02 5.11 3.58
N GLU A 29 -13.77 4.05 3.83
CA GLU A 29 -13.35 2.71 3.43
C GLU A 29 -13.17 2.66 1.91
N GLU A 30 -14.18 3.15 1.21
CA GLU A 30 -14.15 3.16 -0.24
C GLU A 30 -12.76 3.60 -0.74
N VAL A 31 -12.38 4.79 -0.33
CA VAL A 31 -11.08 5.33 -0.71
C VAL A 31 -10.01 4.26 -0.53
N LEU A 32 -9.93 3.76 0.69
CA LEU A 32 -8.95 2.74 1.02
C LEU A 32 -9.11 1.57 0.05
N ASN A 33 -10.36 1.17 -0.16
CA ASN A 33 -10.65 0.07 -1.06
C ASN A 33 -10.15 0.40 -2.47
N ALA A 34 -10.70 1.47 -3.01
CA ALA A 34 -10.31 1.91 -4.34
C ALA A 34 -8.79 2.03 -4.41
N MET A 35 -8.25 2.88 -3.55
CA MET A 35 -6.82 3.10 -3.50
C MET A 35 -6.07 1.77 -3.41
N LEU A 36 -6.58 0.89 -2.56
CA LEU A 36 -5.98 -0.42 -2.37
C LEU A 36 -5.74 -1.07 -3.74
N LYS A 37 -6.82 -1.17 -4.50
CA LYS A 37 -6.75 -1.77 -5.82
C LYS A 37 -5.47 -1.30 -6.52
N GLU A 38 -5.40 0.01 -6.73
CA GLU A 38 -4.25 0.60 -7.38
C GLU A 38 -2.95 0.07 -6.76
N VAL A 39 -3.01 -0.16 -5.45
CA VAL A 39 -1.85 -0.66 -4.73
C VAL A 39 -1.69 -2.15 -5.02
N CYS A 40 -2.68 -2.93 -4.60
CA CYS A 40 -2.66 -4.36 -4.81
C CYS A 40 -2.15 -4.64 -6.22
N THR A 41 -2.65 -3.85 -7.16
CA THR A 41 -2.25 -3.99 -8.55
C THR A 41 -0.72 -3.94 -8.68
N ALA A 42 -0.16 -2.88 -8.10
CA ALA A 42 1.28 -2.69 -8.13
C ALA A 42 1.97 -4.02 -7.79
N LEU A 43 1.53 -4.62 -6.71
CA LEU A 43 2.10 -5.89 -6.26
C LEU A 43 1.89 -6.95 -7.35
N LEU A 44 0.63 -7.07 -7.77
CA LEU A 44 0.29 -8.04 -8.80
C LEU A 44 1.13 -7.77 -10.04
N GLU A 45 1.45 -6.51 -10.25
CA GLU A 45 2.25 -6.10 -11.40
C GLU A 45 3.73 -6.31 -11.10
N ALA A 46 4.00 -6.87 -9.93
CA ALA A 46 5.37 -7.13 -9.53
C ALA A 46 5.67 -8.62 -9.68
N ASP A 47 5.23 -9.39 -8.69
CA ASP A 47 5.45 -10.82 -8.70
C ASP A 47 4.84 -11.44 -7.44
N VAL A 48 3.52 -11.41 -7.38
CA VAL A 48 2.81 -11.96 -6.24
C VAL A 48 1.50 -12.60 -6.72
N ASN A 49 0.94 -13.42 -5.84
CA ASN A 49 -0.31 -14.10 -6.16
C ASN A 49 -1.48 -13.29 -5.60
N ILE A 50 -2.55 -13.23 -6.39
CA ILE A 50 -3.73 -12.49 -5.99
C ILE A 50 -4.21 -13.01 -4.63
N LYS A 51 -4.16 -14.32 -4.48
CA LYS A 51 -4.58 -14.95 -3.23
C LYS A 51 -3.76 -14.38 -2.08
N LEU A 52 -2.49 -14.10 -2.37
CA LEU A 52 -1.59 -13.56 -1.37
C LEU A 52 -1.90 -12.08 -1.16
N VAL A 53 -1.97 -11.36 -2.27
CA VAL A 53 -2.26 -9.93 -2.22
C VAL A 53 -3.61 -9.71 -1.53
N LYS A 54 -4.38 -10.79 -1.46
CA LYS A 54 -5.69 -10.73 -0.84
C LYS A 54 -5.53 -10.71 0.69
N GLN A 55 -4.48 -11.39 1.15
CA GLN A 55 -4.21 -11.44 2.57
C GLN A 55 -3.39 -10.23 3.00
N LEU A 56 -2.78 -9.58 2.02
CA LEU A 56 -1.97 -8.41 2.28
C LEU A 56 -2.88 -7.22 2.60
N ARG A 57 -3.63 -6.81 1.58
CA ARG A 57 -4.55 -5.69 1.75
C ARG A 57 -5.21 -5.74 3.13
N GLU A 58 -5.87 -6.85 3.40
CA GLU A 58 -6.54 -7.04 4.67
C GLU A 58 -5.57 -6.80 5.83
N ASN A 59 -4.47 -7.54 5.81
CA ASN A 59 -3.46 -7.41 6.85
C ASN A 59 -3.19 -5.93 7.10
N VAL A 60 -3.03 -5.18 6.01
CA VAL A 60 -2.76 -3.77 6.11
C VAL A 60 -4.00 -3.05 6.65
N LYS A 61 -5.14 -3.38 6.05
CA LYS A 61 -6.40 -2.79 6.47
C LYS A 61 -6.57 -2.95 7.97
N SER A 62 -5.89 -3.95 8.51
CA SER A 62 -5.95 -4.23 9.94
C SER A 62 -5.07 -3.23 10.71
N ALA A 63 -4.01 -2.81 10.04
CA ALA A 63 -3.08 -1.86 10.64
C ALA A 63 -3.79 -0.51 10.83
N ILE A 64 -4.88 -0.34 10.11
CA ILE A 64 -5.66 0.89 10.18
C ILE A 64 -6.82 0.69 11.16
N ASP A 65 -7.94 1.30 10.82
CA ASP A 65 -9.13 1.20 11.66
C ASP A 65 -10.25 2.03 11.05
N LEU A 66 -10.73 1.57 9.90
CA LEU A 66 -11.81 2.26 9.20
C LEU A 66 -12.94 2.55 10.18
N GLU A 67 -13.50 1.49 10.72
CA GLU A 67 -14.60 1.62 11.68
C GLU A 67 -14.35 2.82 12.60
N GLU A 68 -13.12 2.90 13.08
CA GLU A 68 -12.74 3.99 13.97
C GLU A 68 -11.44 4.63 13.50
N MET A 69 -11.60 5.71 12.74
CA MET A 69 -10.45 6.42 12.22
C MET A 69 -10.25 7.76 12.95
N ALA A 70 -11.28 8.14 13.70
CA ALA A 70 -11.24 9.38 14.45
C ALA A 70 -11.17 10.56 13.47
N SER A 71 -9.97 10.78 12.94
CA SER A 71 -9.76 11.86 12.00
C SER A 71 -8.88 11.38 10.83
N GLY A 72 -8.82 12.21 9.81
CA GLY A 72 -8.02 11.88 8.64
C GLY A 72 -6.83 12.82 8.51
N LEU A 73 -6.06 12.90 9.58
CA LEU A 73 -4.88 13.76 9.61
C LEU A 73 -3.63 12.90 9.43
N ASN A 74 -3.43 12.00 10.37
CA ASN A 74 -2.28 11.12 10.35
C ASN A 74 -2.64 9.84 9.58
N LYS A 75 -3.92 9.51 9.63
CA LYS A 75 -4.41 8.32 8.95
C LYS A 75 -3.71 8.19 7.60
N ARG A 76 -4.06 9.09 6.69
CA ARG A 76 -3.48 9.08 5.36
C ARG A 76 -1.96 8.91 5.45
N LYS A 77 -1.40 9.43 6.53
CA LYS A 77 0.04 9.34 6.75
C LYS A 77 0.40 7.91 7.16
N MET A 78 0.01 7.57 8.38
CA MET A 78 0.29 6.25 8.91
C MET A 78 -0.18 5.16 7.93
N ILE A 79 -1.15 5.53 7.10
CA ILE A 79 -1.69 4.60 6.13
C ILE A 79 -0.73 4.51 4.93
N GLN A 80 0.04 5.57 4.74
CA GLN A 80 0.99 5.62 3.66
C GLN A 80 2.25 4.83 4.01
N HIS A 81 2.53 4.78 5.30
CA HIS A 81 3.70 4.07 5.79
C HIS A 81 3.30 2.63 6.16
N ALA A 82 2.04 2.47 6.51
CA ALA A 82 1.51 1.17 6.89
C ALA A 82 1.70 0.20 5.72
N VAL A 83 1.06 0.53 4.61
CA VAL A 83 1.15 -0.30 3.42
C VAL A 83 2.63 -0.59 3.11
N PHE A 84 3.38 0.49 2.94
CA PHE A 84 4.80 0.37 2.63
C PHE A 84 5.51 -0.49 3.68
N LYS A 85 5.27 -0.16 4.94
CA LYS A 85 5.88 -0.89 6.03
C LYS A 85 5.75 -2.39 5.77
N GLU A 86 4.60 -2.77 5.24
CA GLU A 86 4.33 -4.17 4.93
C GLU A 86 5.16 -4.62 3.73
N LEU A 87 5.06 -3.83 2.66
CA LEU A 87 5.79 -4.13 1.43
C LEU A 87 7.23 -4.51 1.79
N VAL A 88 7.86 -3.66 2.58
CA VAL A 88 9.23 -3.89 2.99
C VAL A 88 9.30 -5.17 3.83
N LYS A 89 8.25 -5.38 4.63
CA LYS A 89 8.19 -6.55 5.48
C LYS A 89 8.16 -7.80 4.61
N VAL A 90 7.06 -7.97 3.89
CA VAL A 90 6.90 -9.12 3.02
C VAL A 90 8.12 -9.25 2.12
N LYS A 91 9.00 -10.17 2.50
CA LYS A 91 10.21 -10.41 1.74
C LYS A 91 11.07 -9.14 1.74
N VAL A 92 12.16 -9.19 2.49
CA VAL A 92 13.06 -8.06 2.59
C VAL A 92 14.18 -8.22 1.57
N TYR A 93 13.81 -8.72 0.40
CA TYR A 93 14.78 -8.93 -0.67
C TYR A 93 14.08 -9.27 -1.98
N SER A 94 14.82 -9.13 -3.07
CA SER A 94 14.28 -9.42 -4.38
C SER A 94 15.42 -9.44 -5.42
N GLY A 95 16.59 -9.83 -4.95
CA GLY A 95 17.76 -9.90 -5.82
C GLY A 95 18.69 -8.72 -5.57
N PRO A 96 19.97 -8.89 -6.03
CA PRO A 96 20.96 -7.85 -5.87
C PRO A 96 20.72 -6.69 -6.84
N SER A 97 20.64 -5.49 -6.28
CA SER A 97 20.42 -4.30 -7.08
C SER A 97 21.75 -3.77 -7.61
N SER A 98 21.65 -2.83 -8.55
CA SER A 98 22.83 -2.23 -9.13
C SER A 98 22.55 -0.78 -9.51
N GLY A 99 21.53 -0.60 -10.35
CA GLY A 99 21.15 0.73 -10.79
C GLY A 99 20.88 0.75 -12.30
N GLY A 1 28.85 4.08 -6.72
CA GLY A 1 28.13 5.27 -7.13
C GLY A 1 26.62 5.12 -6.88
N SER A 2 26.08 6.09 -6.16
CA SER A 2 24.66 6.08 -5.85
C SER A 2 24.30 4.80 -5.10
N SER A 3 23.06 4.75 -4.64
CA SER A 3 22.58 3.59 -3.91
C SER A 3 21.67 2.74 -4.81
N GLY A 4 21.59 1.46 -4.46
CA GLY A 4 20.77 0.54 -5.22
C GLY A 4 19.33 0.54 -4.72
N SER A 5 18.40 0.48 -5.66
CA SER A 5 16.99 0.48 -5.32
C SER A 5 16.34 -0.82 -5.80
N SER A 6 16.37 -1.02 -7.11
CA SER A 6 15.80 -2.21 -7.70
C SER A 6 14.28 -2.08 -7.77
N GLY A 7 13.81 -1.60 -8.92
CA GLY A 7 12.38 -1.41 -9.12
C GLY A 7 12.08 0.02 -9.57
N ALA A 8 11.74 0.85 -8.59
CA ALA A 8 11.42 2.25 -8.87
C ALA A 8 9.99 2.32 -9.43
N ASP A 9 9.86 1.89 -10.68
CA ASP A 9 8.56 1.93 -11.33
C ASP A 9 7.49 1.39 -10.37
N LEU A 10 7.91 0.48 -9.51
CA LEU A 10 7.00 -0.11 -8.55
C LEU A 10 6.46 0.99 -7.64
N GLY A 11 7.31 1.43 -6.72
CA GLY A 11 6.92 2.48 -5.78
C GLY A 11 6.13 3.58 -6.49
N ARG A 12 6.40 3.72 -7.78
CA ARG A 12 5.72 4.73 -8.58
C ARG A 12 4.22 4.47 -8.61
N LYS A 13 3.87 3.32 -9.18
CA LYS A 13 2.46 2.93 -9.27
C LYS A 13 1.78 3.18 -7.92
N ILE A 14 2.34 2.56 -6.90
CA ILE A 14 1.79 2.70 -5.55
C ILE A 14 1.80 4.18 -5.16
N THR A 15 2.96 4.79 -5.30
CA THR A 15 3.11 6.20 -4.96
C THR A 15 1.90 6.99 -5.41
N SER A 16 1.47 6.73 -6.63
CA SER A 16 0.32 7.41 -7.20
C SER A 16 -0.91 7.18 -6.31
N ALA A 17 -1.08 5.93 -5.90
CA ALA A 17 -2.20 5.58 -5.05
C ALA A 17 -2.15 6.41 -3.77
N LEU A 18 -1.08 6.23 -3.02
CA LEU A 18 -0.91 6.95 -1.77
C LEU A 18 -1.06 8.44 -2.04
N ARG A 19 -0.80 8.83 -3.28
CA ARG A 19 -0.90 10.22 -3.68
C ARG A 19 -2.36 10.69 -3.62
N SER A 20 -3.23 9.91 -4.26
CA SER A 20 -4.64 10.23 -4.29
C SER A 20 -5.12 10.61 -2.89
N LEU A 21 -4.58 9.92 -1.90
CA LEU A 21 -4.94 10.18 -0.51
C LEU A 21 -4.47 11.59 -0.13
N SER A 22 -3.16 11.77 -0.18
CA SER A 22 -2.56 13.06 0.16
C SER A 22 -3.30 14.18 -0.57
N ASN A 23 -3.95 13.81 -1.68
CA ASN A 23 -4.69 14.78 -2.47
C ASN A 23 -6.16 14.37 -2.50
N ALA A 24 -6.63 13.86 -1.37
CA ALA A 24 -8.01 13.43 -1.25
C ALA A 24 -8.81 14.50 -0.51
N THR A 25 -10.12 14.32 -0.51
CA THR A 25 -11.00 15.26 0.16
C THR A 25 -11.98 14.51 1.08
N ILE A 26 -12.51 13.41 0.56
CA ILE A 26 -13.45 12.61 1.31
C ILE A 26 -12.68 11.78 2.35
N ILE A 27 -11.76 10.97 1.84
CA ILE A 27 -10.95 10.12 2.71
C ILE A 27 -11.88 9.31 3.62
N ASN A 28 -12.09 8.06 3.22
CA ASN A 28 -12.95 7.17 3.99
C ASN A 28 -12.57 5.72 3.68
N GLU A 29 -13.44 4.81 4.08
CA GLU A 29 -13.21 3.39 3.86
C GLU A 29 -13.06 3.12 2.37
N GLU A 30 -13.86 3.82 1.58
CA GLU A 30 -13.83 3.65 0.14
C GLU A 30 -12.43 3.98 -0.40
N VAL A 31 -11.99 5.19 -0.13
CA VAL A 31 -10.68 5.64 -0.57
C VAL A 31 -9.68 4.48 -0.41
N LEU A 32 -9.44 4.12 0.83
CA LEU A 32 -8.51 3.04 1.13
C LEU A 32 -8.84 1.84 0.25
N ASN A 33 -10.07 1.37 0.39
CA ASN A 33 -10.52 0.23 -0.39
C ASN A 33 -10.11 0.41 -1.85
N ALA A 34 -10.42 1.58 -2.38
CA ALA A 34 -10.09 1.89 -3.75
C ALA A 34 -8.57 1.87 -3.94
N MET A 35 -7.91 2.74 -3.19
CA MET A 35 -6.46 2.83 -3.25
C MET A 35 -5.83 1.44 -3.31
N LEU A 36 -6.31 0.56 -2.44
CA LEU A 36 -5.80 -0.79 -2.39
C LEU A 36 -5.82 -1.40 -3.80
N LYS A 37 -7.00 -1.38 -4.41
CA LYS A 37 -7.16 -1.91 -5.75
C LYS A 37 -6.07 -1.34 -6.65
N GLU A 38 -5.57 -0.17 -6.27
CA GLU A 38 -4.53 0.49 -7.03
C GLU A 38 -3.15 0.04 -6.55
N VAL A 39 -3.05 -0.17 -5.24
CA VAL A 39 -1.80 -0.59 -4.65
C VAL A 39 -1.59 -2.09 -4.93
N CYS A 40 -2.52 -2.89 -4.43
CA CYS A 40 -2.45 -4.33 -4.62
C CYS A 40 -2.02 -4.60 -6.06
N THR A 41 -2.55 -3.80 -6.98
CA THR A 41 -2.23 -3.95 -8.38
C THR A 41 -0.72 -3.91 -8.59
N ALA A 42 -0.10 -2.84 -8.13
CA ALA A 42 1.33 -2.67 -8.25
C ALA A 42 2.02 -3.99 -7.90
N LEU A 43 1.66 -4.52 -6.74
CA LEU A 43 2.23 -5.77 -6.27
C LEU A 43 1.95 -6.87 -7.30
N LEU A 44 0.68 -6.97 -7.68
CA LEU A 44 0.27 -7.96 -8.65
C LEU A 44 1.08 -7.78 -9.94
N GLU A 45 1.45 -6.53 -10.19
CA GLU A 45 2.22 -6.21 -11.37
C GLU A 45 3.70 -6.50 -11.15
N ALA A 46 4.00 -7.05 -9.98
CA ALA A 46 5.36 -7.38 -9.63
C ALA A 46 5.59 -8.88 -9.84
N ASP A 47 5.17 -9.66 -8.86
CA ASP A 47 5.32 -11.10 -8.93
C ASP A 47 4.80 -11.72 -7.63
N VAL A 48 3.48 -11.68 -7.49
CA VAL A 48 2.84 -12.23 -6.30
C VAL A 48 1.56 -12.96 -6.72
N ASN A 49 1.10 -13.84 -5.83
CA ASN A 49 -0.11 -14.60 -6.09
C ASN A 49 -1.32 -13.76 -5.69
N ILE A 50 -2.40 -13.94 -6.43
CA ILE A 50 -3.63 -13.22 -6.16
C ILE A 50 -4.13 -13.57 -4.76
N LYS A 51 -4.00 -14.85 -4.42
CA LYS A 51 -4.44 -15.33 -3.12
C LYS A 51 -3.59 -14.65 -2.03
N LEU A 52 -2.31 -14.52 -2.33
CA LEU A 52 -1.39 -13.90 -1.39
C LEU A 52 -1.71 -12.40 -1.28
N VAL A 53 -1.88 -11.78 -2.44
CA VAL A 53 -2.18 -10.36 -2.49
C VAL A 53 -3.52 -10.11 -1.80
N LYS A 54 -4.28 -11.18 -1.65
CA LYS A 54 -5.59 -11.08 -1.00
C LYS A 54 -5.40 -11.07 0.52
N GLN A 55 -4.28 -11.62 0.94
CA GLN A 55 -3.97 -11.67 2.37
C GLN A 55 -3.17 -10.44 2.78
N LEU A 56 -2.65 -9.74 1.79
CA LEU A 56 -1.87 -8.55 2.04
C LEU A 56 -2.81 -7.37 2.34
N ARG A 57 -3.79 -7.21 1.46
CA ARG A 57 -4.76 -6.15 1.62
C ARG A 57 -5.26 -6.10 3.07
N GLU A 58 -5.75 -7.23 3.54
CA GLU A 58 -6.26 -7.33 4.89
C GLU A 58 -5.16 -6.98 5.90
N ASN A 59 -4.06 -7.72 5.80
CA ASN A 59 -2.94 -7.51 6.70
C ASN A 59 -2.67 -6.00 6.81
N VAL A 60 -3.03 -5.29 5.75
CA VAL A 60 -2.83 -3.85 5.73
C VAL A 60 -4.03 -3.16 6.37
N LYS A 61 -5.22 -3.55 5.91
CA LYS A 61 -6.45 -2.97 6.43
C LYS A 61 -6.54 -3.25 7.94
N SER A 62 -5.80 -4.27 8.36
CA SER A 62 -5.79 -4.66 9.76
C SER A 62 -4.93 -3.68 10.57
N ALA A 63 -4.37 -2.71 9.85
CA ALA A 63 -3.52 -1.71 10.49
C ALA A 63 -4.14 -0.32 10.27
N ILE A 64 -5.44 -0.32 10.02
CA ILE A 64 -6.15 0.93 9.80
C ILE A 64 -7.36 1.00 10.75
N ASP A 65 -8.26 1.93 10.44
CA ASP A 65 -9.45 2.10 11.26
C ASP A 65 -10.48 2.92 10.47
N LEU A 66 -10.15 4.19 10.27
CA LEU A 66 -11.03 5.08 9.54
C LEU A 66 -12.26 5.38 10.39
N GLU A 67 -12.99 4.32 10.73
CA GLU A 67 -14.19 4.45 11.53
C GLU A 67 -13.96 5.45 12.68
N GLU A 68 -13.14 5.03 13.63
CA GLU A 68 -12.84 5.87 14.77
C GLU A 68 -11.59 6.71 14.48
N MET A 69 -11.81 7.81 13.77
CA MET A 69 -10.72 8.70 13.42
C MET A 69 -11.18 10.17 13.48
N ALA A 70 -10.85 10.81 14.59
CA ALA A 70 -11.21 12.21 14.78
C ALA A 70 -10.84 13.00 13.53
N SER A 71 -9.55 13.22 13.36
CA SER A 71 -9.05 13.96 12.22
C SER A 71 -7.61 14.42 12.48
N GLY A 72 -7.04 15.05 11.46
CA GLY A 72 -5.67 15.54 11.56
C GLY A 72 -4.77 14.89 10.51
N LEU A 73 -5.34 14.73 9.32
CA LEU A 73 -4.61 14.12 8.22
C LEU A 73 -3.68 13.02 8.77
N ASN A 74 -4.28 12.11 9.52
CA ASN A 74 -3.52 11.02 10.10
C ASN A 74 -3.65 9.77 9.21
N LYS A 75 -4.89 9.44 8.89
CA LYS A 75 -5.16 8.29 8.04
C LYS A 75 -4.11 8.22 6.93
N ARG A 76 -4.18 9.19 6.04
CA ARG A 76 -3.25 9.25 4.93
C ARG A 76 -1.82 9.06 5.42
N LYS A 77 -1.54 9.64 6.58
CA LYS A 77 -0.22 9.53 7.17
C LYS A 77 0.04 8.09 7.58
N MET A 78 -0.65 7.68 8.65
CA MET A 78 -0.51 6.33 9.16
C MET A 78 -0.68 5.30 8.04
N ILE A 79 -1.40 5.71 7.00
CA ILE A 79 -1.64 4.84 5.87
C ILE A 79 -0.35 4.71 5.04
N GLN A 80 0.15 5.86 4.61
CA GLN A 80 1.36 5.90 3.81
C GLN A 80 2.44 5.00 4.45
N HIS A 81 2.30 4.81 5.76
CA HIS A 81 3.25 3.98 6.48
C HIS A 81 2.73 2.54 6.54
N ALA A 82 1.47 2.41 6.91
CA ALA A 82 0.85 1.10 7.01
C ALA A 82 1.20 0.29 5.75
N VAL A 83 0.72 0.77 4.62
CA VAL A 83 0.97 0.10 3.36
C VAL A 83 2.47 -0.17 3.21
N PHE A 84 3.24 0.91 3.25
CA PHE A 84 4.67 0.80 3.12
C PHE A 84 5.23 -0.34 4.00
N LYS A 85 4.79 -0.33 5.25
CA LYS A 85 5.23 -1.35 6.20
C LYS A 85 5.18 -2.72 5.52
N GLU A 86 3.97 -3.11 5.17
CA GLU A 86 3.77 -4.40 4.51
C GLU A 86 4.75 -4.56 3.34
N LEU A 87 4.82 -3.52 2.53
CA LEU A 87 5.71 -3.54 1.38
C LEU A 87 7.14 -3.81 1.85
N VAL A 88 7.52 -3.09 2.90
CA VAL A 88 8.86 -3.25 3.45
C VAL A 88 9.14 -4.73 3.68
N LYS A 89 8.34 -5.32 4.56
CA LYS A 89 8.50 -6.73 4.87
C LYS A 89 8.69 -7.53 3.58
N VAL A 90 7.68 -7.45 2.73
CA VAL A 90 7.73 -8.15 1.46
C VAL A 90 8.69 -7.43 0.51
N LYS A 91 8.65 -7.84 -0.75
CA LYS A 91 9.51 -7.24 -1.75
C LYS A 91 10.95 -7.74 -1.56
N VAL A 92 11.51 -7.38 -0.40
CA VAL A 92 12.87 -7.78 -0.08
C VAL A 92 13.00 -9.29 -0.25
N TYR A 93 14.25 -9.73 -0.35
CA TYR A 93 14.53 -11.16 -0.52
C TYR A 93 13.74 -11.99 0.48
N SER A 94 13.81 -13.31 0.30
CA SER A 94 13.10 -14.22 1.18
C SER A 94 13.41 -13.89 2.64
N GLY A 95 14.62 -14.25 3.06
CA GLY A 95 15.05 -14.00 4.42
C GLY A 95 14.43 -15.01 5.38
N PRO A 96 14.04 -14.50 6.58
CA PRO A 96 13.44 -15.34 7.59
C PRO A 96 12.00 -15.69 7.23
N SER A 97 11.85 -16.75 6.45
CA SER A 97 10.54 -17.21 6.02
C SER A 97 9.91 -16.16 5.10
N SER A 98 8.87 -16.60 4.40
CA SER A 98 8.17 -15.72 3.47
C SER A 98 6.66 -15.72 3.79
N GLY A 99 6.14 -14.52 3.96
CA GLY A 99 4.72 -14.36 4.27
C GLY A 99 4.22 -12.98 3.84
N GLY A 1 19.17 2.53 -28.60
CA GLY A 1 19.52 1.81 -27.38
C GLY A 1 19.42 2.72 -26.16
N SER A 2 19.28 2.09 -25.00
CA SER A 2 19.17 2.82 -23.76
C SER A 2 19.66 1.95 -22.59
N SER A 3 19.76 2.58 -21.43
CA SER A 3 20.21 1.88 -20.23
C SER A 3 19.20 2.07 -19.10
N GLY A 4 19.41 1.32 -18.04
CA GLY A 4 18.53 1.40 -16.88
C GLY A 4 17.54 0.24 -16.86
N SER A 5 17.61 -0.54 -15.79
CA SER A 5 16.72 -1.69 -15.63
C SER A 5 16.65 -2.10 -14.16
N SER A 6 15.42 -2.15 -13.66
CA SER A 6 15.19 -2.52 -12.28
C SER A 6 13.70 -2.49 -11.97
N GLY A 7 13.08 -1.37 -12.31
CA GLY A 7 11.65 -1.20 -12.07
C GLY A 7 11.26 0.27 -12.10
N ALA A 8 11.13 0.85 -10.91
CA ALA A 8 10.77 2.25 -10.78
C ALA A 8 9.26 2.39 -10.94
N ASP A 9 8.79 2.10 -12.14
CA ASP A 9 7.38 2.19 -12.44
C ASP A 9 6.57 1.56 -11.30
N LEU A 10 7.15 0.53 -10.72
CA LEU A 10 6.51 -0.16 -9.61
C LEU A 10 6.10 0.86 -8.54
N GLY A 11 7.08 1.27 -7.75
CA GLY A 11 6.83 2.24 -6.70
C GLY A 11 5.98 3.40 -7.21
N ARG A 12 6.18 3.72 -8.48
CA ARG A 12 5.44 4.81 -9.10
C ARG A 12 3.94 4.49 -9.11
N LYS A 13 3.64 3.22 -9.30
CA LYS A 13 2.26 2.76 -9.33
C LYS A 13 1.61 3.03 -7.99
N ILE A 14 2.19 2.44 -6.95
CA ILE A 14 1.68 2.60 -5.60
C ILE A 14 1.75 4.07 -5.21
N THR A 15 2.83 4.72 -5.63
CA THR A 15 3.03 6.13 -5.33
C THR A 15 1.73 6.91 -5.57
N SER A 16 1.23 6.78 -6.79
CA SER A 16 0.00 7.48 -7.16
C SER A 16 -1.14 7.06 -6.22
N ALA A 17 -1.04 5.84 -5.73
CA ALA A 17 -2.05 5.31 -4.82
C ALA A 17 -1.96 6.05 -3.49
N LEU A 18 -0.82 5.88 -2.84
CA LEU A 18 -0.59 6.51 -1.55
C LEU A 18 -0.71 8.03 -1.70
N ARG A 19 -0.23 8.52 -2.84
CA ARG A 19 -0.28 9.94 -3.12
C ARG A 19 -1.74 10.40 -3.31
N SER A 20 -2.53 9.50 -3.86
CA SER A 20 -3.94 9.79 -4.10
C SER A 20 -4.59 10.28 -2.80
N LEU A 21 -4.17 9.68 -1.70
CA LEU A 21 -4.70 10.04 -0.40
C LEU A 21 -4.32 11.49 -0.07
N SER A 22 -3.03 11.70 0.10
CA SER A 22 -2.52 13.03 0.41
C SER A 22 -3.15 14.06 -0.52
N ASN A 23 -3.50 13.59 -1.72
CA ASN A 23 -4.11 14.45 -2.72
C ASN A 23 -5.60 14.12 -2.83
N ALA A 24 -6.21 13.89 -1.69
CA ALA A 24 -7.62 13.55 -1.66
C ALA A 24 -8.38 14.65 -0.90
N THR A 25 -9.64 14.37 -0.61
CA THR A 25 -10.48 15.32 0.10
C THR A 25 -11.49 14.58 0.98
N ILE A 26 -12.11 13.58 0.39
CA ILE A 26 -13.10 12.78 1.11
C ILE A 26 -12.39 11.94 2.19
N ILE A 27 -11.53 11.06 1.72
CA ILE A 27 -10.78 10.20 2.63
C ILE A 27 -11.76 9.39 3.48
N ASN A 28 -11.92 8.13 3.09
CA ASN A 28 -12.83 7.24 3.81
C ASN A 28 -12.51 5.79 3.44
N GLU A 29 -13.43 4.91 3.80
CA GLU A 29 -13.27 3.49 3.52
C GLU A 29 -13.03 3.28 2.02
N GLU A 30 -13.85 3.97 1.23
CA GLU A 30 -13.73 3.86 -0.22
C GLU A 30 -12.29 4.10 -0.66
N VAL A 31 -11.80 5.28 -0.35
CA VAL A 31 -10.44 5.65 -0.70
C VAL A 31 -9.52 4.45 -0.50
N LEU A 32 -9.32 4.11 0.77
CA LEU A 32 -8.46 2.98 1.11
C LEU A 32 -8.79 1.79 0.19
N ASN A 33 -10.06 1.42 0.19
CA ASN A 33 -10.51 0.31 -0.64
C ASN A 33 -10.00 0.51 -2.07
N ALA A 34 -10.36 1.65 -2.63
CA ALA A 34 -9.96 1.98 -3.98
C ALA A 34 -8.42 1.94 -4.08
N MET A 35 -7.79 2.85 -3.36
CA MET A 35 -6.34 2.92 -3.36
C MET A 35 -5.72 1.53 -3.23
N LEU A 36 -6.26 0.77 -2.28
CA LEU A 36 -5.76 -0.58 -2.05
C LEU A 36 -5.58 -1.30 -3.38
N LYS A 37 -6.67 -1.31 -4.16
CA LYS A 37 -6.64 -1.96 -5.45
C LYS A 37 -5.42 -1.46 -6.25
N GLU A 38 -5.41 -0.16 -6.50
CA GLU A 38 -4.31 0.45 -7.24
C GLU A 38 -2.97 -0.08 -6.72
N VAL A 39 -2.96 -0.40 -5.43
CA VAL A 39 -1.75 -0.90 -4.80
C VAL A 39 -1.62 -2.40 -5.08
N CYS A 40 -2.61 -3.15 -4.61
CA CYS A 40 -2.63 -4.59 -4.80
C CYS A 40 -2.18 -4.89 -6.23
N THR A 41 -2.63 -4.05 -7.14
CA THR A 41 -2.29 -4.22 -8.55
C THR A 41 -0.78 -4.15 -8.73
N ALA A 42 -0.19 -3.07 -8.23
CA ALA A 42 1.25 -2.89 -8.33
C ALA A 42 1.96 -4.18 -7.92
N LEU A 43 1.57 -4.69 -6.76
CA LEU A 43 2.16 -5.91 -6.25
C LEU A 43 1.95 -7.04 -7.27
N LEU A 44 0.76 -7.07 -7.83
CA LEU A 44 0.42 -8.08 -8.82
C LEU A 44 1.26 -7.86 -10.08
N GLU A 45 1.54 -6.59 -10.36
CA GLU A 45 2.33 -6.24 -11.53
C GLU A 45 3.82 -6.44 -11.23
N ALA A 46 4.09 -6.98 -10.05
CA ALA A 46 5.47 -7.22 -9.65
C ALA A 46 5.80 -8.69 -9.88
N ASP A 47 5.39 -9.53 -8.94
CA ASP A 47 5.65 -10.95 -9.03
C ASP A 47 5.30 -11.61 -7.70
N VAL A 48 4.18 -11.18 -7.13
CA VAL A 48 3.73 -11.72 -5.86
C VAL A 48 2.72 -12.83 -6.12
N ASN A 49 2.11 -13.30 -5.03
CA ASN A 49 1.11 -14.36 -5.14
C ASN A 49 -0.29 -13.75 -5.06
N ILE A 50 -1.12 -14.15 -6.01
CA ILE A 50 -2.48 -13.65 -6.06
C ILE A 50 -3.11 -13.73 -4.66
N LYS A 51 -3.02 -14.92 -4.09
CA LYS A 51 -3.57 -15.14 -2.75
C LYS A 51 -2.96 -14.13 -1.78
N LEU A 52 -1.64 -13.98 -1.87
CA LEU A 52 -0.93 -13.07 -1.00
C LEU A 52 -1.55 -11.68 -1.14
N VAL A 53 -1.65 -11.21 -2.37
CA VAL A 53 -2.21 -9.90 -2.65
C VAL A 53 -3.62 -9.83 -2.05
N LYS A 54 -4.22 -11.00 -1.88
CA LYS A 54 -5.57 -11.08 -1.32
C LYS A 54 -5.47 -11.13 0.20
N GLN A 55 -4.32 -11.55 0.69
CA GLN A 55 -4.09 -11.64 2.11
C GLN A 55 -3.38 -10.39 2.62
N LEU A 56 -2.86 -9.62 1.68
CA LEU A 56 -2.15 -8.39 2.01
C LEU A 56 -3.16 -7.29 2.33
N ARG A 57 -4.08 -7.09 1.39
CA ARG A 57 -5.12 -6.09 1.56
C ARG A 57 -5.68 -6.12 2.97
N GLU A 58 -6.09 -7.32 3.38
CA GLU A 58 -6.65 -7.51 4.71
C GLU A 58 -5.61 -7.17 5.77
N ASN A 59 -4.47 -7.86 5.69
CA ASN A 59 -3.40 -7.64 6.64
C ASN A 59 -3.08 -6.14 6.71
N VAL A 60 -3.38 -5.45 5.63
CA VAL A 60 -3.13 -4.03 5.56
C VAL A 60 -4.29 -3.28 6.23
N LYS A 61 -5.49 -3.63 5.80
CA LYS A 61 -6.69 -3.01 6.35
C LYS A 61 -6.75 -3.27 7.86
N SER A 62 -6.20 -4.40 8.25
CA SER A 62 -6.18 -4.78 9.66
C SER A 62 -5.27 -3.83 10.45
N ALA A 63 -4.28 -3.29 9.74
CA ALA A 63 -3.34 -2.38 10.35
C ALA A 63 -4.02 -1.03 10.59
N ILE A 64 -5.22 -0.90 10.03
CA ILE A 64 -5.99 0.32 10.17
C ILE A 64 -7.20 0.06 11.07
N ASP A 65 -8.20 0.90 10.92
CA ASP A 65 -9.41 0.78 11.70
C ASP A 65 -10.39 1.91 11.34
N LEU A 66 -10.59 2.06 10.03
CA LEU A 66 -11.49 3.09 9.54
C LEU A 66 -12.76 3.11 10.39
N GLU A 67 -13.26 1.92 10.65
CA GLU A 67 -14.47 1.78 11.45
C GLU A 67 -14.48 2.81 12.59
N GLU A 68 -13.30 3.02 13.17
CA GLU A 68 -13.16 3.96 14.25
C GLU A 68 -11.80 4.65 14.19
N MET A 69 -11.79 5.83 13.58
CA MET A 69 -10.57 6.59 13.44
C MET A 69 -10.67 7.94 14.16
N ALA A 70 -11.03 8.96 13.40
CA ALA A 70 -11.17 10.30 13.96
C ALA A 70 -11.67 11.25 12.88
N SER A 71 -10.72 11.83 12.17
CA SER A 71 -11.04 12.76 11.10
C SER A 71 -10.20 12.47 9.86
N GLY A 72 -8.94 12.88 9.93
CA GLY A 72 -8.03 12.66 8.83
C GLY A 72 -6.62 13.18 9.17
N LEU A 73 -6.00 13.81 8.19
CA LEU A 73 -4.66 14.35 8.37
C LEU A 73 -3.70 13.22 8.72
N ASN A 74 -3.74 12.84 10.00
CA ASN A 74 -2.88 11.78 10.47
C ASN A 74 -3.19 10.49 9.70
N LYS A 75 -4.48 10.21 9.57
CA LYS A 75 -4.91 9.02 8.86
C LYS A 75 -4.03 8.81 7.63
N ARG A 76 -4.13 9.75 6.71
CA ARG A 76 -3.35 9.69 5.48
C ARG A 76 -1.88 9.37 5.80
N LYS A 77 -1.42 9.93 6.90
CA LYS A 77 -0.05 9.72 7.33
C LYS A 77 0.12 8.27 7.79
N MET A 78 -0.48 7.98 8.94
CA MET A 78 -0.40 6.65 9.50
C MET A 78 -0.79 5.59 8.47
N ILE A 79 -1.56 6.03 7.48
CA ILE A 79 -2.01 5.14 6.42
C ILE A 79 -0.85 4.88 5.46
N GLN A 80 -0.21 5.97 5.06
CA GLN A 80 0.91 5.87 4.14
C GLN A 80 2.04 5.05 4.76
N HIS A 81 1.97 4.91 6.07
CA HIS A 81 2.98 4.15 6.79
C HIS A 81 2.54 2.69 6.91
N ALA A 82 1.37 2.51 7.49
CA ALA A 82 0.82 1.17 7.66
C ALA A 82 1.05 0.36 6.39
N VAL A 83 0.62 0.94 5.28
CA VAL A 83 0.76 0.28 3.99
C VAL A 83 2.24 -0.04 3.76
N PHE A 84 3.01 1.01 3.50
CA PHE A 84 4.44 0.86 3.26
C PHE A 84 5.03 -0.22 4.17
N LYS A 85 4.66 -0.16 5.44
CA LYS A 85 5.15 -1.11 6.41
C LYS A 85 5.14 -2.51 5.78
N GLU A 86 3.95 -2.97 5.46
CA GLU A 86 3.79 -4.29 4.86
C GLU A 86 4.74 -4.45 3.68
N LEU A 87 4.68 -3.49 2.77
CA LEU A 87 5.53 -3.51 1.59
C LEU A 87 6.97 -3.88 2.01
N VAL A 88 7.28 -3.54 3.24
CA VAL A 88 8.61 -3.83 3.78
C VAL A 88 8.68 -5.30 4.19
N LYS A 89 7.69 -5.71 4.97
CA LYS A 89 7.63 -7.08 5.44
C LYS A 89 7.50 -8.03 4.24
N VAL A 90 6.78 -7.55 3.24
CA VAL A 90 6.57 -8.34 2.03
C VAL A 90 7.92 -8.64 1.38
N LYS A 91 8.55 -7.58 0.89
CA LYS A 91 9.84 -7.71 0.25
C LYS A 91 10.78 -6.59 0.73
N VAL A 92 12.06 -6.89 0.72
CA VAL A 92 13.06 -5.93 1.16
C VAL A 92 13.32 -4.94 0.03
N TYR A 93 13.01 -3.68 0.31
CA TYR A 93 13.20 -2.62 -0.67
C TYR A 93 14.53 -2.81 -1.42
N SER A 94 14.60 -2.20 -2.60
CA SER A 94 15.80 -2.29 -3.41
C SER A 94 16.73 -1.11 -3.11
N GLY A 95 17.35 -1.16 -1.94
CA GLY A 95 18.25 -0.11 -1.52
C GLY A 95 19.62 -0.68 -1.12
N PRO A 96 20.58 -0.58 -2.07
CA PRO A 96 21.92 -1.09 -1.83
C PRO A 96 22.70 -0.16 -0.89
N SER A 97 22.38 -0.26 0.39
CA SER A 97 23.03 0.55 1.39
C SER A 97 22.45 0.25 2.78
N SER A 98 23.23 0.57 3.80
CA SER A 98 22.81 0.34 5.16
C SER A 98 22.34 1.64 5.81
N GLY A 99 21.02 1.78 5.85
CA GLY A 99 20.43 2.99 6.44
C GLY A 99 19.71 2.66 7.75
N GLY A 1 25.20 3.56 -9.43
CA GLY A 1 23.98 3.80 -8.68
C GLY A 1 23.62 2.58 -7.81
N SER A 2 22.33 2.39 -7.60
CA SER A 2 21.85 1.29 -6.80
C SER A 2 22.37 1.41 -5.37
N SER A 3 21.47 1.72 -4.46
CA SER A 3 21.82 1.86 -3.06
C SER A 3 20.56 1.78 -2.19
N GLY A 4 20.63 0.92 -1.19
CA GLY A 4 19.51 0.74 -0.28
C GLY A 4 18.43 -0.14 -0.91
N SER A 5 17.19 0.14 -0.54
CA SER A 5 16.06 -0.62 -1.05
C SER A 5 14.80 0.24 -1.04
N SER A 6 14.16 0.31 -2.20
CA SER A 6 12.94 1.10 -2.33
C SER A 6 12.21 0.70 -3.61
N GLY A 7 11.19 1.50 -3.95
CA GLY A 7 10.41 1.24 -5.14
C GLY A 7 10.49 2.42 -6.12
N ALA A 8 11.53 2.40 -6.93
CA ALA A 8 11.74 3.46 -7.91
C ALA A 8 10.53 3.51 -8.85
N ASP A 9 10.48 2.54 -9.76
CA ASP A 9 9.39 2.47 -10.71
C ASP A 9 8.24 1.67 -10.11
N LEU A 10 8.61 0.63 -9.37
CA LEU A 10 7.62 -0.22 -8.73
C LEU A 10 6.86 0.58 -7.69
N GLY A 11 7.61 1.16 -6.76
CA GLY A 11 7.02 1.95 -5.71
C GLY A 11 6.22 3.12 -6.28
N ARG A 12 6.67 3.60 -7.42
CA ARG A 12 5.99 4.71 -8.08
C ARG A 12 4.54 4.34 -8.40
N LYS A 13 4.34 3.07 -8.72
CA LYS A 13 3.02 2.58 -9.04
C LYS A 13 2.08 2.81 -7.86
N ILE A 14 2.63 2.62 -6.67
CA ILE A 14 1.86 2.81 -5.45
C ILE A 14 1.92 4.28 -5.05
N THR A 15 3.07 4.89 -5.30
CA THR A 15 3.27 6.29 -4.97
C THR A 15 2.05 7.12 -5.39
N SER A 16 1.50 6.77 -6.54
CA SER A 16 0.34 7.47 -7.06
C SER A 16 -0.90 7.10 -6.24
N ALA A 17 -0.95 5.84 -5.83
CA ALA A 17 -2.06 5.36 -5.04
C ALA A 17 -2.16 6.16 -3.75
N LEU A 18 -1.15 6.03 -2.92
CA LEU A 18 -1.11 6.74 -1.66
C LEU A 18 -1.42 8.21 -1.90
N ARG A 19 -1.07 8.68 -3.09
CA ARG A 19 -1.31 10.07 -3.46
C ARG A 19 -2.81 10.36 -3.45
N SER A 20 -3.56 9.49 -4.11
CA SER A 20 -5.00 9.65 -4.19
C SER A 20 -5.56 10.07 -2.83
N LEU A 21 -4.91 9.59 -1.78
CA LEU A 21 -5.33 9.90 -0.43
C LEU A 21 -4.94 11.34 -0.11
N SER A 22 -3.66 11.63 -0.29
CA SER A 22 -3.15 12.97 -0.02
C SER A 22 -4.03 14.01 -0.71
N ASN A 23 -4.71 13.56 -1.76
CA ASN A 23 -5.59 14.45 -2.51
C ASN A 23 -7.03 13.96 -2.36
N ALA A 24 -7.35 13.48 -1.17
CA ALA A 24 -8.69 12.99 -0.90
C ALA A 24 -9.36 13.91 0.12
N THR A 25 -10.68 14.00 0.00
CA THR A 25 -11.46 14.83 0.91
C THR A 25 -12.10 13.98 2.00
N ILE A 26 -12.55 12.81 1.60
CA ILE A 26 -13.20 11.90 2.53
C ILE A 26 -12.31 10.67 2.73
N ILE A 27 -11.91 10.46 3.97
CA ILE A 27 -11.06 9.33 4.31
C ILE A 27 -11.90 8.24 4.98
N ASN A 28 -12.41 7.33 4.16
CA ASN A 28 -13.23 6.24 4.66
C ASN A 28 -12.73 4.92 4.07
N GLU A 29 -13.49 3.87 4.33
CA GLU A 29 -13.13 2.55 3.84
C GLU A 29 -13.01 2.57 2.32
N GLU A 30 -14.01 3.15 1.68
CA GLU A 30 -14.03 3.24 0.24
C GLU A 30 -12.65 3.68 -0.29
N VAL A 31 -12.27 4.88 0.07
CA VAL A 31 -10.99 5.43 -0.34
C VAL A 31 -9.94 4.33 -0.30
N LEU A 32 -9.58 3.94 0.92
CA LEU A 32 -8.59 2.89 1.11
C LEU A 32 -8.88 1.74 0.16
N ASN A 33 -10.05 1.14 0.33
CA ASN A 33 -10.45 0.03 -0.50
C ASN A 33 -10.10 0.33 -1.96
N ALA A 34 -10.60 1.47 -2.43
CA ALA A 34 -10.35 1.89 -3.79
C ALA A 34 -8.84 1.96 -4.04
N MET A 35 -8.15 2.60 -3.10
CA MET A 35 -6.72 2.75 -3.19
C MET A 35 -6.03 1.39 -3.30
N LEU A 36 -6.52 0.45 -2.49
CA LEU A 36 -5.97 -0.89 -2.48
C LEU A 36 -6.10 -1.50 -3.88
N LYS A 37 -7.02 -0.94 -4.65
CA LYS A 37 -7.26 -1.42 -6.00
C LYS A 37 -6.06 -1.07 -6.88
N GLU A 38 -5.53 0.12 -6.66
CA GLU A 38 -4.38 0.57 -7.42
C GLU A 38 -3.08 0.04 -6.80
N VAL A 39 -3.17 -0.29 -5.52
CA VAL A 39 -2.01 -0.80 -4.80
C VAL A 39 -1.88 -2.30 -5.09
N CYS A 40 -2.94 -3.04 -4.75
CA CYS A 40 -2.95 -4.47 -4.97
C CYS A 40 -2.32 -4.76 -6.34
N THR A 41 -2.67 -3.91 -7.30
CA THR A 41 -2.16 -4.07 -8.65
C THR A 41 -0.62 -4.09 -8.63
N ALA A 42 -0.06 -3.06 -8.03
CA ALA A 42 1.39 -2.95 -7.95
C ALA A 42 1.98 -4.32 -7.59
N LEU A 43 1.43 -4.90 -6.54
CA LEU A 43 1.90 -6.20 -6.08
C LEU A 43 1.74 -7.22 -7.21
N LEU A 44 0.57 -7.21 -7.82
CA LEU A 44 0.29 -8.12 -8.92
C LEU A 44 1.25 -7.84 -10.08
N GLU A 45 1.63 -6.58 -10.19
CA GLU A 45 2.56 -6.17 -11.24
C GLU A 45 4.00 -6.39 -10.79
N ALA A 46 4.14 -6.97 -9.61
CA ALA A 46 5.45 -7.24 -9.05
C ALA A 46 5.77 -8.73 -9.17
N ASP A 47 5.34 -9.47 -8.16
CA ASP A 47 5.56 -10.91 -8.15
C ASP A 47 4.94 -11.50 -6.87
N VAL A 48 3.63 -11.32 -6.76
CA VAL A 48 2.91 -11.84 -5.60
C VAL A 48 1.76 -12.74 -6.08
N ASN A 49 1.30 -13.58 -5.17
CA ASN A 49 0.22 -14.49 -5.48
C ASN A 49 -1.12 -13.79 -5.26
N ILE A 50 -2.13 -14.26 -5.97
CA ILE A 50 -3.46 -13.67 -5.86
C ILE A 50 -3.93 -13.76 -4.41
N LYS A 51 -3.66 -14.91 -3.80
CA LYS A 51 -4.04 -15.14 -2.42
C LYS A 51 -3.29 -14.16 -1.51
N LEU A 52 -2.01 -14.01 -1.80
CA LEU A 52 -1.16 -13.11 -1.02
C LEU A 52 -1.67 -11.68 -1.20
N VAL A 53 -1.81 -11.28 -2.45
CA VAL A 53 -2.27 -9.94 -2.77
C VAL A 53 -3.60 -9.68 -2.06
N LYS A 54 -4.27 -10.78 -1.72
CA LYS A 54 -5.55 -10.69 -1.04
C LYS A 54 -5.32 -10.66 0.48
N GLN A 55 -4.18 -11.22 0.87
CA GLN A 55 -3.83 -11.27 2.29
C GLN A 55 -3.14 -9.97 2.71
N LEU A 56 -2.72 -9.21 1.71
CA LEU A 56 -2.04 -7.95 1.97
C LEU A 56 -3.09 -6.85 2.19
N ARG A 57 -3.94 -6.67 1.18
CA ARG A 57 -4.99 -5.67 1.26
C ARG A 57 -5.57 -5.61 2.67
N GLU A 58 -5.92 -6.78 3.17
CA GLU A 58 -6.48 -6.88 4.51
C GLU A 58 -5.46 -6.44 5.56
N ASN A 59 -4.32 -7.11 5.53
CA ASN A 59 -3.25 -6.80 6.46
C ASN A 59 -3.04 -5.29 6.52
N VAL A 60 -3.39 -4.64 5.40
CA VAL A 60 -3.24 -3.20 5.31
C VAL A 60 -4.41 -2.52 6.02
N LYS A 61 -5.61 -2.90 5.60
CA LYS A 61 -6.82 -2.34 6.18
C LYS A 61 -6.85 -2.66 7.68
N SER A 62 -6.20 -3.76 8.03
CA SER A 62 -6.15 -4.21 9.41
C SER A 62 -5.22 -3.29 10.22
N ALA A 63 -4.32 -2.63 9.50
CA ALA A 63 -3.37 -1.74 10.12
C ALA A 63 -4.08 -0.43 10.51
N ILE A 64 -5.17 -0.16 9.80
CA ILE A 64 -5.94 1.05 10.05
C ILE A 64 -7.14 0.70 10.95
N ASP A 65 -8.25 1.35 10.65
CA ASP A 65 -9.48 1.11 11.41
C ASP A 65 -10.66 1.68 10.64
N LEU A 66 -10.59 2.97 10.36
CA LEU A 66 -11.66 3.64 9.63
C LEU A 66 -12.82 3.94 10.57
N GLU A 67 -13.29 2.88 11.21
CA GLU A 67 -14.40 3.01 12.15
C GLU A 67 -14.13 4.15 13.13
N GLU A 68 -12.88 4.23 13.58
CA GLU A 68 -12.49 5.27 14.51
C GLU A 68 -11.28 6.03 13.98
N MET A 69 -11.57 7.09 13.22
CA MET A 69 -10.51 7.91 12.65
C MET A 69 -10.56 9.34 13.21
N ALA A 70 -11.68 9.64 13.86
CA ALA A 70 -11.85 10.96 14.44
C ALA A 70 -11.95 12.00 13.33
N SER A 71 -10.80 12.33 12.77
CA SER A 71 -10.73 13.30 11.70
C SER A 71 -10.00 12.71 10.48
N GLY A 72 -8.68 12.72 10.56
CA GLY A 72 -7.87 12.18 9.49
C GLY A 72 -6.61 13.01 9.29
N LEU A 73 -5.72 12.92 10.27
CA LEU A 73 -4.46 13.65 10.23
C LEU A 73 -3.33 12.69 9.86
N ASN A 74 -2.66 12.20 10.89
CA ASN A 74 -1.55 11.28 10.69
C ASN A 74 -2.06 10.03 9.98
N LYS A 75 -3.36 9.80 10.11
CA LYS A 75 -3.98 8.65 9.48
C LYS A 75 -3.36 8.42 8.10
N ARG A 76 -3.68 9.35 7.20
CA ARG A 76 -3.17 9.26 5.84
C ARG A 76 -1.67 8.93 5.86
N LYS A 77 -0.96 9.57 6.79
CA LYS A 77 0.46 9.34 6.91
C LYS A 77 0.72 7.90 7.33
N MET A 78 0.38 7.60 8.58
CA MET A 78 0.57 6.26 9.10
C MET A 78 -0.04 5.21 8.18
N ILE A 79 -1.00 5.67 7.38
CA ILE A 79 -1.68 4.79 6.45
C ILE A 79 -0.82 4.62 5.19
N GLN A 80 -0.03 5.65 4.92
CA GLN A 80 0.84 5.64 3.75
C GLN A 80 2.09 4.82 4.04
N HIS A 81 2.41 4.70 5.32
CA HIS A 81 3.57 3.95 5.73
C HIS A 81 3.17 2.50 6.06
N ALA A 82 1.97 2.37 6.61
CA ALA A 82 1.44 1.07 6.96
C ALA A 82 1.55 0.13 5.76
N VAL A 83 1.06 0.63 4.63
CA VAL A 83 1.08 -0.14 3.41
C VAL A 83 2.54 -0.39 2.99
N PHE A 84 3.30 0.68 2.92
CA PHE A 84 4.70 0.60 2.55
C PHE A 84 5.42 -0.44 3.40
N LYS A 85 4.99 -0.55 4.65
CA LYS A 85 5.60 -1.50 5.57
C LYS A 85 5.07 -2.90 5.26
N GLU A 86 3.88 -2.94 4.68
CA GLU A 86 3.27 -4.21 4.32
C GLU A 86 3.95 -4.81 3.09
N LEU A 87 4.78 -4.00 2.47
CA LEU A 87 5.50 -4.44 1.28
C LEU A 87 6.88 -4.96 1.69
N VAL A 88 7.01 -5.29 2.96
CA VAL A 88 8.26 -5.79 3.49
C VAL A 88 8.07 -7.24 3.93
N LYS A 89 6.93 -7.50 4.56
CA LYS A 89 6.62 -8.84 5.03
C LYS A 89 6.47 -9.78 3.83
N VAL A 90 5.72 -9.30 2.85
CA VAL A 90 5.49 -10.08 1.64
C VAL A 90 6.78 -10.79 1.24
N LYS A 91 7.74 -10.00 0.78
CA LYS A 91 9.02 -10.54 0.36
C LYS A 91 9.54 -11.51 1.43
N VAL A 92 9.55 -12.78 1.06
CA VAL A 92 10.02 -13.81 1.97
C VAL A 92 11.28 -13.32 2.69
N TYR A 93 12.09 -12.58 1.95
CA TYR A 93 13.32 -12.04 2.50
C TYR A 93 13.84 -10.88 1.67
N SER A 94 14.33 -9.86 2.36
CA SER A 94 14.85 -8.68 1.71
C SER A 94 16.38 -8.61 1.89
N GLY A 95 17.08 -8.95 0.83
CA GLY A 95 18.54 -8.93 0.85
C GLY A 95 19.09 -8.13 -0.32
N PRO A 96 19.20 -8.82 -1.49
CA PRO A 96 19.72 -8.18 -2.69
C PRO A 96 18.69 -7.24 -3.30
N SER A 97 18.94 -5.95 -3.16
CA SER A 97 18.05 -4.94 -3.70
C SER A 97 18.54 -4.47 -5.06
N SER A 98 17.75 -3.59 -5.67
CA SER A 98 18.09 -3.06 -6.97
C SER A 98 17.02 -2.08 -7.44
N GLY A 99 17.14 -0.84 -6.98
CA GLY A 99 16.19 0.19 -7.35
C GLY A 99 16.25 1.36 -6.36
N GLY A 1 25.23 -3.46 -18.27
CA GLY A 1 24.00 -4.22 -18.17
C GLY A 1 23.12 -3.99 -19.40
N SER A 2 21.84 -3.80 -19.13
CA SER A 2 20.87 -3.56 -20.21
C SER A 2 20.17 -2.22 -19.99
N SER A 3 19.54 -2.10 -18.83
CA SER A 3 18.83 -0.87 -18.49
C SER A 3 18.81 -0.68 -16.98
N GLY A 4 18.29 -1.69 -16.29
CA GLY A 4 18.21 -1.64 -14.84
C GLY A 4 17.15 -2.61 -14.31
N SER A 5 17.60 -3.55 -13.51
CA SER A 5 16.71 -4.55 -12.94
C SER A 5 16.60 -4.34 -11.43
N SER A 6 15.54 -3.65 -11.04
CA SER A 6 15.30 -3.37 -9.63
C SER A 6 13.81 -3.13 -9.39
N GLY A 7 13.22 -2.32 -10.26
CA GLY A 7 11.80 -2.01 -10.15
C GLY A 7 11.54 -0.53 -10.42
N ALA A 8 11.40 0.22 -9.34
CA ALA A 8 11.15 1.65 -9.45
C ALA A 8 9.67 1.89 -9.73
N ASP A 9 9.28 1.57 -10.95
CA ASP A 9 7.89 1.74 -11.36
C ASP A 9 6.97 1.20 -10.27
N LEU A 10 7.44 0.14 -9.61
CA LEU A 10 6.67 -0.49 -8.55
C LEU A 10 6.22 0.59 -7.55
N GLY A 11 7.15 0.99 -6.69
CA GLY A 11 6.86 1.99 -5.69
C GLY A 11 6.06 3.14 -6.28
N ARG A 12 6.25 3.35 -7.59
CA ARG A 12 5.54 4.41 -8.28
C ARG A 12 4.03 4.15 -8.25
N LYS A 13 3.66 2.96 -8.69
CA LYS A 13 2.26 2.57 -8.71
C LYS A 13 1.62 2.88 -7.36
N ILE A 14 2.13 2.20 -6.34
CA ILE A 14 1.63 2.38 -4.99
C ILE A 14 1.73 3.86 -4.60
N THR A 15 2.90 4.42 -4.86
CA THR A 15 3.15 5.82 -4.55
C THR A 15 1.95 6.67 -4.97
N SER A 16 1.52 6.49 -6.21
CA SER A 16 0.38 7.24 -6.72
C SER A 16 -0.88 6.88 -5.94
N ALA A 17 -0.93 5.64 -5.50
CA ALA A 17 -2.07 5.16 -4.74
C ALA A 17 -2.15 5.91 -3.42
N LEU A 18 -0.99 6.10 -2.80
CA LEU A 18 -0.93 6.81 -1.54
C LEU A 18 -1.18 8.31 -1.78
N ARG A 19 -0.66 8.79 -2.90
CA ARG A 19 -0.82 10.19 -3.25
C ARG A 19 -2.28 10.47 -3.64
N SER A 20 -2.96 9.42 -4.06
CA SER A 20 -4.35 9.54 -4.47
C SER A 20 -5.19 10.05 -3.30
N LEU A 21 -4.89 9.52 -2.12
CA LEU A 21 -5.60 9.91 -0.92
C LEU A 21 -5.38 11.40 -0.66
N SER A 22 -4.11 11.77 -0.59
CA SER A 22 -3.75 13.16 -0.35
C SER A 22 -4.60 14.08 -1.21
N ASN A 23 -5.00 13.56 -2.37
CA ASN A 23 -5.83 14.32 -3.29
C ASN A 23 -7.29 14.24 -2.85
N ALA A 24 -7.68 13.05 -2.43
CA ALA A 24 -9.05 12.82 -1.98
C ALA A 24 -9.34 13.72 -0.78
N THR A 25 -10.52 14.31 -0.80
CA THR A 25 -10.93 15.19 0.29
C THR A 25 -11.55 14.38 1.43
N ILE A 26 -12.24 13.31 1.06
CA ILE A 26 -12.88 12.45 2.03
C ILE A 26 -12.02 11.21 2.24
N ILE A 27 -11.69 10.95 3.50
CA ILE A 27 -10.88 9.80 3.85
C ILE A 27 -11.74 8.78 4.60
N ASN A 28 -12.24 7.81 3.85
CA ASN A 28 -13.08 6.77 4.44
C ASN A 28 -12.60 5.41 3.92
N GLU A 29 -13.52 4.45 4.00
CA GLU A 29 -13.21 3.09 3.55
C GLU A 29 -13.03 3.07 2.03
N GLU A 30 -14.04 3.55 1.34
CA GLU A 30 -14.01 3.59 -0.12
C GLU A 30 -12.59 3.91 -0.60
N VAL A 31 -12.05 5.00 -0.05
CA VAL A 31 -10.71 5.43 -0.41
C VAL A 31 -9.77 4.23 -0.37
N LEU A 32 -9.70 3.61 0.80
CA LEU A 32 -8.84 2.46 0.99
C LEU A 32 -9.13 1.42 -0.09
N ASN A 33 -10.42 1.10 -0.23
CA ASN A 33 -10.85 0.13 -1.22
C ASN A 33 -10.25 0.49 -2.58
N ALA A 34 -10.54 1.70 -3.02
CA ALA A 34 -10.04 2.18 -4.29
C ALA A 34 -8.51 2.09 -4.29
N MET A 35 -7.90 2.81 -3.38
CA MET A 35 -6.45 2.82 -3.27
C MET A 35 -5.89 1.40 -3.32
N LEU A 36 -6.43 0.56 -2.46
CA LEU A 36 -5.99 -0.83 -2.39
C LEU A 36 -5.85 -1.38 -3.81
N LYS A 37 -6.95 -1.32 -4.55
CA LYS A 37 -6.96 -1.81 -5.92
C LYS A 37 -5.76 -1.23 -6.67
N GLU A 38 -5.42 0.00 -6.31
CA GLU A 38 -4.30 0.68 -6.94
C GLU A 38 -2.97 0.16 -6.36
N VAL A 39 -3.05 -0.32 -5.13
CA VAL A 39 -1.87 -0.84 -4.46
C VAL A 39 -1.65 -2.29 -4.88
N CYS A 40 -2.60 -3.14 -4.52
CA CYS A 40 -2.51 -4.55 -4.84
C CYS A 40 -2.03 -4.66 -6.29
N THR A 41 -2.47 -3.72 -7.11
CA THR A 41 -2.10 -3.71 -8.52
C THR A 41 -0.59 -3.86 -8.66
N ALA A 42 0.14 -2.97 -8.00
CA ALA A 42 1.58 -2.99 -8.05
C ALA A 42 2.07 -4.43 -7.87
N LEU A 43 1.67 -5.03 -6.76
CA LEU A 43 2.05 -6.40 -6.47
C LEU A 43 1.71 -7.29 -7.66
N LEU A 44 0.47 -7.20 -8.10
CA LEU A 44 0.02 -7.98 -9.24
C LEU A 44 0.90 -7.69 -10.44
N GLU A 45 1.28 -6.42 -10.58
CA GLU A 45 2.12 -6.00 -11.68
C GLU A 45 3.58 -6.32 -11.38
N ALA A 46 3.79 -6.99 -10.25
CA ALA A 46 5.14 -7.36 -9.85
C ALA A 46 5.37 -8.84 -10.18
N ASP A 47 4.98 -9.69 -9.24
CA ASP A 47 5.14 -11.12 -9.41
C ASP A 47 4.77 -11.83 -8.10
N VAL A 48 3.69 -11.34 -7.49
CA VAL A 48 3.22 -11.92 -6.25
C VAL A 48 1.94 -12.73 -6.51
N ASN A 49 1.70 -13.70 -5.64
CA ASN A 49 0.53 -14.55 -5.77
C ASN A 49 -0.73 -13.72 -5.45
N ILE A 50 -1.67 -13.76 -6.39
CA ILE A 50 -2.91 -13.02 -6.22
C ILE A 50 -3.53 -13.38 -4.88
N LYS A 51 -3.74 -14.67 -4.68
CA LYS A 51 -4.33 -15.16 -3.45
C LYS A 51 -3.72 -14.41 -2.27
N LEU A 52 -2.39 -14.43 -2.22
CA LEU A 52 -1.67 -13.76 -1.14
C LEU A 52 -1.96 -12.25 -1.20
N VAL A 53 -1.89 -11.72 -2.42
CA VAL A 53 -2.13 -10.30 -2.62
C VAL A 53 -3.45 -9.92 -1.95
N LYS A 54 -4.42 -10.82 -2.05
CA LYS A 54 -5.72 -10.59 -1.46
C LYS A 54 -5.61 -10.66 0.07
N GLN A 55 -4.59 -11.38 0.52
CA GLN A 55 -4.36 -11.52 1.94
C GLN A 55 -3.52 -10.36 2.47
N LEU A 56 -2.94 -9.63 1.54
CA LEU A 56 -2.10 -8.49 1.89
C LEU A 56 -3.00 -7.26 2.11
N ARG A 57 -3.76 -6.93 1.09
CA ARG A 57 -4.65 -5.78 1.17
C ARG A 57 -5.29 -5.70 2.56
N GLU A 58 -5.81 -6.84 3.00
CA GLU A 58 -6.44 -6.91 4.32
C GLU A 58 -5.42 -6.61 5.42
N ASN A 59 -4.35 -7.40 5.41
CA ASN A 59 -3.30 -7.24 6.40
C ASN A 59 -2.94 -5.76 6.52
N VAL A 60 -3.05 -5.07 5.39
CA VAL A 60 -2.73 -3.65 5.36
C VAL A 60 -3.86 -2.87 6.04
N LYS A 61 -5.08 -3.31 5.77
CA LYS A 61 -6.25 -2.67 6.35
C LYS A 61 -6.31 -2.95 7.84
N SER A 62 -5.60 -3.99 8.24
CA SER A 62 -5.55 -4.38 9.64
C SER A 62 -4.58 -3.47 10.40
N ALA A 63 -4.01 -2.51 9.68
CA ALA A 63 -3.08 -1.58 10.27
C ALA A 63 -3.60 -0.16 10.10
N ILE A 64 -4.90 -0.06 9.90
CA ILE A 64 -5.54 1.23 9.71
C ILE A 64 -6.68 1.38 10.72
N ASP A 65 -7.52 2.38 10.48
CA ASP A 65 -8.65 2.65 11.35
C ASP A 65 -9.67 3.50 10.61
N LEU A 66 -10.55 2.83 9.89
CA LEU A 66 -11.59 3.52 9.13
C LEU A 66 -12.67 4.02 10.09
N GLU A 67 -13.16 3.11 10.92
CA GLU A 67 -14.19 3.45 11.88
C GLU A 67 -13.93 4.84 12.47
N GLU A 68 -12.65 5.18 12.55
CA GLU A 68 -12.26 6.47 13.09
C GLU A 68 -11.59 7.32 12.01
N MET A 69 -12.41 8.14 11.35
CA MET A 69 -11.91 9.01 10.30
C MET A 69 -12.84 10.20 10.08
N ALA A 70 -12.42 11.34 10.60
CA ALA A 70 -13.22 12.55 10.46
C ALA A 70 -12.61 13.43 9.36
N SER A 71 -11.28 13.46 9.33
CA SER A 71 -10.57 14.25 8.34
C SER A 71 -9.55 13.38 7.61
N GLY A 72 -8.45 13.11 8.31
CA GLY A 72 -7.40 12.29 7.73
C GLY A 72 -6.03 12.94 7.93
N LEU A 73 -5.79 13.39 9.16
CA LEU A 73 -4.53 14.03 9.49
C LEU A 73 -3.46 12.96 9.71
N ASN A 74 -3.52 12.34 10.87
CA ASN A 74 -2.56 11.30 11.22
C ASN A 74 -2.78 10.10 10.29
N LYS A 75 -4.04 9.81 10.03
CA LYS A 75 -4.39 8.70 9.17
C LYS A 75 -3.46 8.68 7.95
N ARG A 76 -3.65 9.69 7.10
CA ARG A 76 -2.84 9.80 5.90
C ARG A 76 -1.37 9.54 6.23
N LYS A 77 -1.00 9.86 7.47
CA LYS A 77 0.37 9.67 7.91
C LYS A 77 0.63 8.17 8.13
N MET A 78 0.02 7.65 9.19
CA MET A 78 0.18 6.25 9.51
C MET A 78 -0.17 5.36 8.32
N ILE A 79 -1.04 5.89 7.47
CA ILE A 79 -1.47 5.16 6.28
C ILE A 79 -0.29 5.06 5.31
N GLN A 80 0.32 6.21 5.05
CA GLN A 80 1.45 6.26 4.13
C GLN A 80 2.58 5.37 4.64
N HIS A 81 2.53 5.08 5.93
CA HIS A 81 3.55 4.24 6.54
C HIS A 81 3.09 2.78 6.52
N ALA A 82 1.90 2.55 7.06
CA ALA A 82 1.34 1.21 7.11
C ALA A 82 1.62 0.50 5.78
N VAL A 83 1.05 1.07 4.72
CA VAL A 83 1.23 0.51 3.39
C VAL A 83 2.68 0.07 3.22
N PHE A 84 3.56 1.07 3.12
CA PHE A 84 4.97 0.80 2.94
C PHE A 84 5.46 -0.27 3.93
N LYS A 85 5.17 -0.03 5.19
CA LYS A 85 5.57 -0.96 6.25
C LYS A 85 5.35 -2.39 5.75
N GLU A 86 4.09 -2.74 5.57
CA GLU A 86 3.73 -4.07 5.11
C GLU A 86 4.72 -4.53 4.04
N LEU A 87 4.85 -3.72 3.01
CA LEU A 87 5.75 -4.03 1.91
C LEU A 87 7.16 -4.24 2.46
N VAL A 88 7.60 -3.28 3.26
CA VAL A 88 8.92 -3.35 3.85
C VAL A 88 9.14 -4.74 4.45
N LYS A 89 8.25 -5.10 5.37
CA LYS A 89 8.32 -6.39 6.02
C LYS A 89 8.46 -7.48 4.97
N VAL A 90 7.41 -7.62 4.16
CA VAL A 90 7.39 -8.62 3.12
C VAL A 90 8.42 -8.25 2.04
N LYS A 91 9.58 -8.88 2.13
CA LYS A 91 10.64 -8.62 1.19
C LYS A 91 11.02 -7.14 1.23
N VAL A 92 12.09 -6.82 0.53
CA VAL A 92 12.56 -5.44 0.47
C VAL A 92 11.42 -4.53 0.02
N TYR A 93 11.26 -3.43 0.74
CA TYR A 93 10.21 -2.47 0.42
C TYR A 93 10.08 -2.30 -1.10
N SER A 94 11.21 -2.21 -1.76
CA SER A 94 11.24 -2.04 -3.21
C SER A 94 10.49 -0.75 -3.59
N GLY A 95 11.27 0.30 -3.77
CA GLY A 95 10.70 1.59 -4.14
C GLY A 95 11.78 2.68 -4.15
N PRO A 96 11.38 3.88 -4.64
CA PRO A 96 12.29 5.01 -4.71
C PRO A 96 12.52 5.61 -3.33
N SER A 97 11.42 5.87 -2.65
CA SER A 97 11.48 6.45 -1.31
C SER A 97 12.05 7.87 -1.39
N SER A 98 11.27 8.82 -0.89
CA SER A 98 11.68 10.21 -0.89
C SER A 98 11.15 10.92 0.36
N GLY A 99 11.75 12.06 0.66
CA GLY A 99 11.34 12.84 1.81
C GLY A 99 11.81 12.17 3.11
N GLY A 1 23.17 6.47 -15.82
CA GLY A 1 23.65 5.32 -16.56
C GLY A 1 23.34 4.02 -15.82
N SER A 2 24.39 3.38 -15.33
CA SER A 2 24.24 2.13 -14.61
C SER A 2 23.05 2.22 -13.65
N SER A 3 23.14 3.18 -12.75
CA SER A 3 22.07 3.38 -11.77
C SER A 3 21.92 2.13 -10.91
N GLY A 4 21.21 2.31 -9.80
CA GLY A 4 20.98 1.21 -8.87
C GLY A 4 19.59 1.31 -8.24
N SER A 5 18.77 0.31 -8.52
CA SER A 5 17.42 0.27 -7.98
C SER A 5 16.70 -0.99 -8.47
N SER A 6 16.64 -1.13 -9.78
CA SER A 6 15.99 -2.28 -10.38
C SER A 6 14.48 -2.17 -10.21
N GLY A 7 13.88 -1.32 -11.04
CA GLY A 7 12.44 -1.11 -10.98
C GLY A 7 12.10 0.37 -11.05
N ALA A 8 11.85 0.94 -9.87
CA ALA A 8 11.50 2.35 -9.78
C ALA A 8 10.04 2.55 -10.18
N ASP A 9 9.77 2.30 -11.46
CA ASP A 9 8.42 2.45 -11.99
C ASP A 9 7.45 1.70 -11.08
N LEU A 10 7.95 0.64 -10.47
CA LEU A 10 7.13 -0.16 -9.57
C LEU A 10 6.55 0.73 -8.47
N GLY A 11 7.42 1.12 -7.56
CA GLY A 11 7.01 1.97 -6.45
C GLY A 11 6.23 3.18 -6.96
N ARG A 12 6.54 3.57 -8.19
CA ARG A 12 5.86 4.71 -8.80
C ARG A 12 4.39 4.40 -9.03
N LYS A 13 4.07 3.11 -9.00
CA LYS A 13 2.70 2.67 -9.20
C LYS A 13 1.91 2.85 -7.90
N ILE A 14 2.62 2.66 -6.79
CA ILE A 14 2.00 2.80 -5.49
C ILE A 14 2.15 4.25 -5.00
N THR A 15 3.37 4.76 -5.13
CA THR A 15 3.66 6.11 -4.72
C THR A 15 2.50 7.04 -5.07
N SER A 16 1.86 6.73 -6.19
CA SER A 16 0.73 7.52 -6.65
C SER A 16 -0.53 7.13 -5.87
N ALA A 17 -0.75 5.83 -5.77
CA ALA A 17 -1.90 5.32 -5.06
C ALA A 17 -2.05 6.04 -3.72
N LEU A 18 -1.04 5.86 -2.87
CA LEU A 18 -1.05 6.49 -1.57
C LEU A 18 -1.34 7.98 -1.72
N ARG A 19 -0.71 8.58 -2.72
CA ARG A 19 -0.90 10.00 -2.99
C ARG A 19 -2.39 10.30 -3.18
N SER A 20 -3.04 9.44 -3.96
CA SER A 20 -4.45 9.61 -4.24
C SER A 20 -5.19 10.03 -2.97
N LEU A 21 -4.64 9.60 -1.84
CA LEU A 21 -5.23 9.91 -0.55
C LEU A 21 -4.90 11.36 -0.19
N SER A 22 -3.61 11.61 -0.01
CA SER A 22 -3.15 12.94 0.35
C SER A 22 -3.95 14.00 -0.41
N ASN A 23 -4.39 13.61 -1.61
CA ASN A 23 -5.17 14.51 -2.45
C ASN A 23 -6.64 14.45 -2.03
N ALA A 24 -7.15 13.23 -1.94
CA ALA A 24 -8.53 13.03 -1.55
C ALA A 24 -8.84 13.87 -0.31
N THR A 25 -10.12 14.19 -0.16
CA THR A 25 -10.56 14.99 0.96
C THR A 25 -11.48 14.18 1.88
N ILE A 26 -12.32 13.38 1.24
CA ILE A 26 -13.26 12.55 1.97
C ILE A 26 -12.48 11.55 2.83
N ILE A 27 -11.67 10.74 2.16
CA ILE A 27 -10.87 9.75 2.85
C ILE A 27 -11.78 8.88 3.73
N ASN A 28 -12.40 7.90 3.08
CA ASN A 28 -13.30 6.99 3.78
C ASN A 28 -12.96 5.55 3.39
N GLU A 29 -13.85 4.66 3.79
CA GLU A 29 -13.66 3.24 3.49
C GLU A 29 -13.42 3.04 2.00
N GLU A 30 -14.35 3.57 1.21
CA GLU A 30 -14.27 3.45 -0.24
C GLU A 30 -12.85 3.79 -0.71
N VAL A 31 -12.42 5.00 -0.38
CA VAL A 31 -11.10 5.45 -0.76
C VAL A 31 -10.10 4.31 -0.59
N LEU A 32 -9.83 3.98 0.67
CA LEU A 32 -8.90 2.91 0.97
C LEU A 32 -9.20 1.71 0.07
N ASN A 33 -10.44 1.25 0.15
CA ASN A 33 -10.86 0.11 -0.65
C ASN A 33 -10.40 0.30 -2.10
N ALA A 34 -10.74 1.46 -2.64
CA ALA A 34 -10.36 1.79 -4.01
C ALA A 34 -8.84 1.81 -4.13
N MET A 35 -8.24 2.74 -3.39
CA MET A 35 -6.80 2.89 -3.40
C MET A 35 -6.11 1.52 -3.30
N LEU A 36 -6.51 0.76 -2.29
CA LEU A 36 -5.95 -0.55 -2.08
C LEU A 36 -5.77 -1.27 -3.42
N LYS A 37 -6.89 -1.37 -4.14
CA LYS A 37 -6.88 -2.01 -5.44
C LYS A 37 -5.70 -1.49 -6.26
N GLU A 38 -5.58 -0.17 -6.29
CA GLU A 38 -4.50 0.46 -7.03
C GLU A 38 -3.15 -0.03 -6.52
N VAL A 39 -3.12 -0.37 -5.24
CA VAL A 39 -1.90 -0.85 -4.62
C VAL A 39 -1.75 -2.35 -4.91
N CYS A 40 -2.73 -3.11 -4.45
CA CYS A 40 -2.72 -4.55 -4.65
C CYS A 40 -2.25 -4.83 -6.08
N THR A 41 -2.69 -3.98 -7.00
CA THR A 41 -2.31 -4.12 -8.40
C THR A 41 -0.79 -4.12 -8.55
N ALA A 42 -0.18 -3.08 -8.01
CA ALA A 42 1.27 -2.94 -8.08
C ALA A 42 1.92 -4.31 -7.85
N LEU A 43 1.44 -4.99 -6.81
CA LEU A 43 1.97 -6.30 -6.47
C LEU A 43 1.74 -7.25 -7.65
N LEU A 44 0.51 -7.22 -8.16
CA LEU A 44 0.15 -8.08 -9.27
C LEU A 44 1.00 -7.70 -10.49
N GLU A 45 1.19 -6.41 -10.67
CA GLU A 45 1.97 -5.91 -11.78
C GLU A 45 3.47 -6.15 -11.53
N ALA A 46 3.75 -6.71 -10.37
CA ALA A 46 5.13 -7.00 -9.99
C ALA A 46 5.41 -8.49 -10.20
N ASP A 47 5.09 -9.27 -9.19
CA ASP A 47 5.29 -10.71 -9.26
C ASP A 47 4.92 -11.34 -7.92
N VAL A 48 3.63 -11.23 -7.60
CA VAL A 48 3.13 -11.78 -6.35
C VAL A 48 1.84 -12.55 -6.63
N ASN A 49 1.58 -13.55 -5.79
CA ASN A 49 0.39 -14.36 -5.94
C ASN A 49 -0.85 -13.50 -5.64
N ILE A 50 -1.91 -13.75 -6.41
CA ILE A 50 -3.14 -13.02 -6.23
C ILE A 50 -3.76 -13.38 -4.89
N LYS A 51 -3.67 -14.66 -4.55
CA LYS A 51 -4.22 -15.15 -3.30
C LYS A 51 -3.52 -14.46 -2.13
N LEU A 52 -2.20 -14.35 -2.25
CA LEU A 52 -1.40 -13.71 -1.22
C LEU A 52 -1.61 -12.19 -1.29
N VAL A 53 -1.66 -11.69 -2.52
CA VAL A 53 -1.84 -10.26 -2.73
C VAL A 53 -3.16 -9.83 -2.10
N LYS A 54 -4.13 -10.72 -2.14
CA LYS A 54 -5.43 -10.44 -1.57
C LYS A 54 -5.38 -10.61 -0.05
N GLN A 55 -4.31 -11.27 0.40
CA GLN A 55 -4.11 -11.50 1.82
C GLN A 55 -3.36 -10.33 2.45
N LEU A 56 -2.78 -9.50 1.59
CA LEU A 56 -2.03 -8.35 2.05
C LEU A 56 -3.00 -7.23 2.42
N ARG A 57 -3.81 -6.85 1.44
CA ARG A 57 -4.79 -5.80 1.64
C ARG A 57 -5.40 -5.90 3.04
N GLU A 58 -5.90 -7.09 3.35
CA GLU A 58 -6.52 -7.34 4.64
C GLU A 58 -5.49 -7.12 5.76
N ASN A 59 -4.40 -7.86 5.67
CA ASN A 59 -3.34 -7.76 6.66
C ASN A 59 -2.98 -6.29 6.86
N VAL A 60 -3.22 -5.51 5.82
CA VAL A 60 -2.91 -4.09 5.86
C VAL A 60 -4.08 -3.35 6.53
N LYS A 61 -5.25 -3.52 5.96
CA LYS A 61 -6.45 -2.88 6.48
C LYS A 61 -6.44 -2.98 8.00
N SER A 62 -5.95 -4.10 8.49
CA SER A 62 -5.88 -4.33 9.93
C SER A 62 -5.11 -3.19 10.60
N ALA A 63 -3.95 -2.88 10.03
CA ALA A 63 -3.12 -1.82 10.56
C ALA A 63 -3.87 -0.49 10.50
N ILE A 64 -4.91 -0.48 9.67
CA ILE A 64 -5.71 0.72 9.51
C ILE A 64 -6.92 0.64 10.44
N ASP A 65 -8.04 1.17 9.95
CA ASP A 65 -9.27 1.17 10.73
C ASP A 65 -10.33 1.99 9.99
N LEU A 66 -10.65 1.52 8.79
CA LEU A 66 -11.66 2.20 7.97
C LEU A 66 -12.94 2.36 8.78
N GLU A 67 -13.56 1.23 9.08
CA GLU A 67 -14.80 1.23 9.85
C GLU A 67 -14.64 2.08 11.11
N GLU A 68 -13.39 2.28 11.50
CA GLU A 68 -13.09 3.08 12.68
C GLU A 68 -12.12 4.21 12.33
N MET A 69 -12.57 5.07 11.43
CA MET A 69 -11.76 6.19 10.99
C MET A 69 -12.48 7.02 9.93
N ALA A 70 -12.70 8.29 10.27
CA ALA A 70 -13.37 9.19 9.36
C ALA A 70 -12.36 9.76 8.36
N SER A 71 -11.82 10.91 8.70
CA SER A 71 -10.85 11.56 7.84
C SER A 71 -9.79 12.27 8.69
N GLY A 72 -8.72 12.69 8.03
CA GLY A 72 -7.63 13.36 8.70
C GLY A 72 -6.31 13.15 7.97
N LEU A 73 -5.62 14.26 7.71
CA LEU A 73 -4.35 14.20 7.01
C LEU A 73 -3.46 13.14 7.67
N ASN A 74 -3.54 13.09 9.00
CA ASN A 74 -2.75 12.13 9.75
C ASN A 74 -2.98 10.73 9.18
N LYS A 75 -4.24 10.37 9.06
CA LYS A 75 -4.60 9.07 8.52
C LYS A 75 -3.74 8.77 7.29
N ARG A 76 -3.81 9.67 6.32
CA ARG A 76 -3.05 9.52 5.10
C ARG A 76 -1.56 9.36 5.41
N LYS A 77 -1.15 10.02 6.49
CA LYS A 77 0.25 9.95 6.91
C LYS A 77 0.54 8.57 7.49
N MET A 78 -0.13 8.27 8.59
CA MET A 78 0.05 6.98 9.24
C MET A 78 -0.29 5.83 8.30
N ILE A 79 -1.09 6.14 7.29
CA ILE A 79 -1.49 5.15 6.32
C ILE A 79 -0.35 4.91 5.33
N GLN A 80 0.26 6.01 4.91
CA GLN A 80 1.37 5.95 3.97
C GLN A 80 2.48 5.05 4.52
N HIS A 81 2.56 5.01 5.84
CA HIS A 81 3.57 4.21 6.51
C HIS A 81 3.04 2.78 6.70
N ALA A 82 1.81 2.69 7.17
CA ALA A 82 1.19 1.40 7.39
C ALA A 82 1.45 0.50 6.19
N VAL A 83 0.87 0.90 5.06
CA VAL A 83 1.03 0.13 3.83
C VAL A 83 2.49 -0.30 3.68
N PHE A 84 3.36 0.70 3.56
CA PHE A 84 4.78 0.44 3.42
C PHE A 84 5.28 -0.53 4.51
N LYS A 85 4.67 -0.39 5.68
CA LYS A 85 5.04 -1.24 6.80
C LYS A 85 4.92 -2.71 6.39
N GLU A 86 3.91 -2.98 5.57
CA GLU A 86 3.67 -4.33 5.10
C GLU A 86 4.47 -4.59 3.82
N LEU A 87 4.42 -3.62 2.91
CA LEU A 87 5.12 -3.74 1.65
C LEU A 87 6.58 -4.10 1.92
N VAL A 88 7.06 -3.69 3.09
CA VAL A 88 8.43 -3.96 3.47
C VAL A 88 8.49 -5.26 4.27
N LYS A 89 7.36 -5.58 4.90
CA LYS A 89 7.27 -6.79 5.70
C LYS A 89 6.70 -7.92 4.83
N VAL A 90 7.49 -8.32 3.83
CA VAL A 90 7.08 -9.38 2.94
C VAL A 90 8.28 -10.29 2.66
N LYS A 91 7.97 -11.47 2.13
CA LYS A 91 9.01 -12.44 1.82
C LYS A 91 10.14 -11.75 1.04
N VAL A 92 11.30 -11.70 1.69
CA VAL A 92 12.45 -11.07 1.08
C VAL A 92 13.71 -11.87 1.42
N TYR A 93 14.69 -11.80 0.54
CA TYR A 93 15.94 -12.51 0.74
C TYR A 93 16.54 -12.18 2.11
N SER A 94 17.77 -12.64 2.29
CA SER A 94 18.47 -12.40 3.55
C SER A 94 18.32 -10.94 3.97
N GLY A 95 19.05 -10.08 3.26
CA GLY A 95 19.02 -8.66 3.54
C GLY A 95 20.16 -8.25 4.48
N PRO A 96 20.06 -7.00 4.99
CA PRO A 96 21.07 -6.48 5.90
C PRO A 96 20.93 -7.11 7.29
N SER A 97 19.69 -7.19 7.74
CA SER A 97 19.40 -7.75 9.05
C SER A 97 17.92 -8.13 9.15
N SER A 98 17.69 -9.38 9.52
CA SER A 98 16.33 -9.88 9.65
C SER A 98 15.81 -9.62 11.07
N GLY A 99 14.83 -8.74 11.16
CA GLY A 99 14.26 -8.40 12.45
C GLY A 99 14.16 -6.88 12.63
N GLY A 1 21.78 -3.02 -16.75
CA GLY A 1 22.90 -2.71 -15.86
C GLY A 1 22.75 -1.31 -15.25
N SER A 2 21.94 -1.23 -14.21
CA SER A 2 21.70 0.04 -13.55
C SER A 2 22.16 -0.04 -12.09
N SER A 3 22.05 1.08 -11.40
CA SER A 3 22.46 1.15 -10.01
C SER A 3 21.40 1.89 -9.19
N GLY A 4 20.93 1.23 -8.14
CA GLY A 4 19.93 1.82 -7.27
C GLY A 4 18.66 2.18 -8.06
N SER A 5 17.69 1.29 -7.99
CA SER A 5 16.43 1.50 -8.68
C SER A 5 15.40 0.46 -8.25
N SER A 6 15.00 0.57 -6.98
CA SER A 6 14.03 -0.35 -6.42
C SER A 6 12.67 -0.15 -7.09
N GLY A 7 12.51 -0.82 -8.23
CA GLY A 7 11.26 -0.72 -8.98
C GLY A 7 10.77 0.73 -9.03
N ALA A 8 11.23 1.45 -10.04
CA ALA A 8 10.84 2.83 -10.21
C ALA A 8 9.36 2.91 -10.58
N ASP A 9 9.01 2.18 -11.63
CA ASP A 9 7.63 2.16 -12.10
C ASP A 9 6.76 1.49 -11.03
N LEU A 10 7.31 0.46 -10.41
CA LEU A 10 6.59 -0.25 -9.37
C LEU A 10 6.22 0.71 -8.25
N GLY A 11 7.24 1.23 -7.59
CA GLY A 11 7.03 2.16 -6.50
C GLY A 11 6.19 3.35 -6.95
N ARG A 12 6.18 3.58 -8.25
CA ARG A 12 5.42 4.68 -8.82
C ARG A 12 3.94 4.31 -8.93
N LYS A 13 3.70 3.00 -9.02
CA LYS A 13 2.34 2.50 -9.12
C LYS A 13 1.64 2.66 -7.77
N ILE A 14 2.44 2.63 -6.72
CA ILE A 14 1.91 2.78 -5.37
C ILE A 14 2.00 4.24 -4.94
N THR A 15 3.19 4.80 -5.13
CA THR A 15 3.43 6.19 -4.77
C THR A 15 2.22 7.04 -5.13
N SER A 16 1.69 6.80 -6.32
CA SER A 16 0.53 7.55 -6.80
C SER A 16 -0.69 7.20 -5.95
N ALA A 17 -0.86 5.92 -5.68
CA ALA A 17 -1.98 5.45 -4.89
C ALA A 17 -2.02 6.22 -3.58
N LEU A 18 -0.94 6.09 -2.81
CA LEU A 18 -0.84 6.77 -1.53
C LEU A 18 -1.10 8.26 -1.73
N ARG A 19 -0.67 8.76 -2.88
CA ARG A 19 -0.86 10.16 -3.20
C ARG A 19 -2.35 10.50 -3.30
N SER A 20 -3.06 9.68 -4.06
CA SER A 20 -4.48 9.87 -4.25
C SER A 20 -5.14 10.22 -2.91
N LEU A 21 -4.56 9.69 -1.85
CA LEU A 21 -5.07 9.93 -0.52
C LEU A 21 -4.74 11.36 -0.08
N SER A 22 -3.46 11.68 -0.18
CA SER A 22 -2.99 13.01 0.19
C SER A 22 -3.84 14.08 -0.52
N ASN A 23 -4.40 13.68 -1.65
CA ASN A 23 -5.23 14.59 -2.43
C ASN A 23 -6.68 14.48 -1.96
N ALA A 24 -7.06 13.26 -1.60
CA ALA A 24 -8.41 13.00 -1.13
C ALA A 24 -8.68 13.84 0.13
N THR A 25 -9.90 14.34 0.22
CA THR A 25 -10.29 15.15 1.36
C THR A 25 -11.26 14.37 2.26
N ILE A 26 -11.91 13.39 1.67
CA ILE A 26 -12.87 12.57 2.39
C ILE A 26 -12.10 11.56 3.26
N ILE A 27 -11.26 10.78 2.58
CA ILE A 27 -10.47 9.78 3.27
C ILE A 27 -11.39 8.88 4.10
N ASN A 28 -12.02 7.94 3.40
CA ASN A 28 -12.93 7.01 4.05
C ASN A 28 -12.54 5.58 3.68
N GLU A 29 -13.40 4.65 4.06
CA GLU A 29 -13.15 3.24 3.79
C GLU A 29 -12.97 3.02 2.29
N GLU A 30 -13.86 3.64 1.53
CA GLU A 30 -13.81 3.52 0.08
C GLU A 30 -12.41 3.88 -0.45
N VAL A 31 -11.98 5.09 -0.12
CA VAL A 31 -10.68 5.57 -0.54
C VAL A 31 -9.67 4.41 -0.44
N LEU A 32 -9.51 3.91 0.78
CA LEU A 32 -8.58 2.82 1.02
C LEU A 32 -8.89 1.68 0.04
N ASN A 33 -10.10 1.17 0.13
CA ASN A 33 -10.53 0.08 -0.72
C ASN A 33 -10.00 0.32 -2.14
N ALA A 34 -10.33 1.49 -2.68
CA ALA A 34 -9.90 1.84 -4.02
C ALA A 34 -8.38 1.78 -4.09
N MET A 35 -7.74 2.49 -3.17
CA MET A 35 -6.28 2.53 -3.11
C MET A 35 -5.70 1.11 -3.12
N LEU A 36 -6.27 0.27 -2.28
CA LEU A 36 -5.83 -1.11 -2.17
C LEU A 36 -5.87 -1.76 -3.56
N LYS A 37 -6.84 -1.33 -4.34
CA LYS A 37 -6.99 -1.86 -5.69
C LYS A 37 -5.86 -1.33 -6.58
N GLU A 38 -5.40 -0.14 -6.23
CA GLU A 38 -4.33 0.49 -6.98
C GLU A 38 -2.97 0.05 -6.44
N VAL A 39 -2.97 -0.32 -5.17
CA VAL A 39 -1.75 -0.76 -4.51
C VAL A 39 -1.55 -2.26 -4.76
N CYS A 40 -2.53 -3.04 -4.29
CA CYS A 40 -2.47 -4.47 -4.45
C CYS A 40 -2.00 -4.79 -5.87
N THR A 41 -2.51 -4.00 -6.81
CA THR A 41 -2.15 -4.18 -8.21
C THR A 41 -0.62 -4.17 -8.37
N ALA A 42 -0.01 -3.10 -7.87
CA ALA A 42 1.43 -2.95 -7.96
C ALA A 42 2.10 -4.27 -7.58
N LEU A 43 1.63 -4.84 -6.47
CA LEU A 43 2.18 -6.10 -5.99
C LEU A 43 1.93 -7.18 -7.04
N LEU A 44 0.78 -7.10 -7.67
CA LEU A 44 0.41 -8.07 -8.70
C LEU A 44 1.23 -7.80 -9.96
N GLU A 45 1.56 -6.53 -10.16
CA GLU A 45 2.34 -6.13 -11.31
C GLU A 45 3.82 -6.42 -11.08
N ALA A 46 4.10 -7.05 -9.95
CA ALA A 46 5.47 -7.39 -9.60
C ALA A 46 5.73 -8.86 -9.96
N ASP A 47 5.38 -9.74 -9.03
CA ASP A 47 5.57 -11.16 -9.24
C ASP A 47 5.26 -11.91 -7.95
N VAL A 48 4.20 -11.47 -7.29
CA VAL A 48 3.79 -12.09 -6.04
C VAL A 48 2.64 -13.06 -6.31
N ASN A 49 2.12 -13.63 -5.24
CA ASN A 49 1.02 -14.57 -5.34
C ASN A 49 -0.30 -13.82 -5.21
N ILE A 50 -1.23 -14.16 -6.10
CA ILE A 50 -2.53 -13.53 -6.08
C ILE A 50 -3.17 -13.71 -4.71
N LYS A 51 -3.03 -14.91 -4.17
CA LYS A 51 -3.57 -15.22 -2.86
C LYS A 51 -2.92 -14.32 -1.81
N LEU A 52 -1.61 -14.22 -1.90
CA LEU A 52 -0.84 -13.41 -0.97
C LEU A 52 -1.37 -11.97 -1.02
N VAL A 53 -1.45 -11.44 -2.23
CA VAL A 53 -1.94 -10.09 -2.43
C VAL A 53 -3.33 -9.94 -1.80
N LYS A 54 -4.05 -11.06 -1.80
CA LYS A 54 -5.39 -11.07 -1.23
C LYS A 54 -5.30 -10.90 0.29
N GLN A 55 -4.22 -11.43 0.84
CA GLN A 55 -4.00 -11.36 2.27
C GLN A 55 -3.35 -10.03 2.65
N LEU A 56 -2.84 -9.36 1.62
CA LEU A 56 -2.18 -8.08 1.82
C LEU A 56 -3.23 -7.00 2.08
N ARG A 57 -4.06 -6.77 1.07
CA ARG A 57 -5.11 -5.78 1.18
C ARG A 57 -5.66 -5.73 2.61
N GLU A 58 -6.34 -6.80 2.98
CA GLU A 58 -6.93 -6.89 4.31
C GLU A 58 -5.89 -6.47 5.37
N ASN A 59 -4.76 -7.16 5.36
CA ASN A 59 -3.71 -6.86 6.30
C ASN A 59 -3.49 -5.35 6.37
N VAL A 60 -3.43 -4.73 5.20
CA VAL A 60 -3.23 -3.30 5.12
C VAL A 60 -4.41 -2.59 5.79
N LYS A 61 -5.59 -3.18 5.61
CA LYS A 61 -6.79 -2.61 6.19
C LYS A 61 -6.87 -3.00 7.68
N SER A 62 -5.98 -3.90 8.07
CA SER A 62 -5.94 -4.37 9.44
C SER A 62 -5.06 -3.43 10.28
N ALA A 63 -4.25 -2.66 9.59
CA ALA A 63 -3.35 -1.73 10.25
C ALA A 63 -3.87 -0.30 10.06
N ILE A 64 -5.18 -0.16 10.14
CA ILE A 64 -5.80 1.13 9.98
C ILE A 64 -6.85 1.33 11.08
N ASP A 65 -7.77 2.24 10.82
CA ASP A 65 -8.83 2.54 11.78
C ASP A 65 -9.79 3.57 11.18
N LEU A 66 -10.77 3.05 10.44
CA LEU A 66 -11.75 3.92 9.81
C LEU A 66 -12.89 4.20 10.79
N GLU A 67 -13.35 3.13 11.41
CA GLU A 67 -14.44 3.24 12.39
C GLU A 67 -14.20 4.44 13.31
N GLU A 68 -12.93 4.69 13.57
CA GLU A 68 -12.56 5.80 14.44
C GLU A 68 -11.39 6.59 13.82
N MET A 69 -11.73 7.70 13.20
CA MET A 69 -10.73 8.54 12.58
C MET A 69 -10.85 9.99 13.06
N ALA A 70 -11.50 10.80 12.24
CA ALA A 70 -11.68 12.21 12.56
C ALA A 70 -12.06 12.97 11.30
N SER A 71 -11.06 13.24 10.48
CA SER A 71 -11.28 13.96 9.24
C SER A 71 -10.29 13.49 8.17
N GLY A 72 -9.01 13.57 8.52
CA GLY A 72 -7.95 13.15 7.63
C GLY A 72 -6.69 13.99 7.82
N LEU A 73 -5.95 13.65 8.87
CA LEU A 73 -4.72 14.35 9.19
C LEU A 73 -3.57 13.36 9.26
N ASN A 74 -3.45 12.72 10.42
CA ASN A 74 -2.39 11.75 10.64
C ASN A 74 -2.76 10.45 9.92
N LYS A 75 -4.05 10.30 9.65
CA LYS A 75 -4.55 9.11 8.98
C LYS A 75 -3.74 8.87 7.70
N ARG A 76 -3.61 9.93 6.91
CA ARG A 76 -2.88 9.85 5.67
C ARG A 76 -1.43 9.41 5.93
N LYS A 77 -0.95 9.76 7.12
CA LYS A 77 0.41 9.41 7.51
C LYS A 77 0.46 7.92 7.85
N MET A 78 -0.16 7.58 8.97
CA MET A 78 -0.17 6.20 9.42
C MET A 78 -0.60 5.26 8.30
N ILE A 79 -1.36 5.81 7.36
CA ILE A 79 -1.83 5.04 6.22
C ILE A 79 -0.70 4.91 5.19
N GLN A 80 0.11 5.95 5.12
CA GLN A 80 1.23 5.96 4.19
C GLN A 80 2.32 4.98 4.64
N HIS A 81 2.31 4.71 5.94
CA HIS A 81 3.28 3.79 6.52
C HIS A 81 2.74 2.36 6.46
N ALA A 82 1.48 2.22 6.87
CA ALA A 82 0.84 0.91 6.86
C ALA A 82 1.20 0.18 5.56
N VAL A 83 0.68 0.70 4.47
CA VAL A 83 0.93 0.11 3.17
C VAL A 83 2.40 -0.29 3.06
N PHE A 84 3.26 0.71 3.06
CA PHE A 84 4.70 0.48 2.98
C PHE A 84 5.11 -0.70 3.86
N LYS A 85 4.65 -0.65 5.10
CA LYS A 85 4.97 -1.70 6.06
C LYS A 85 4.69 -3.07 5.41
N GLU A 86 3.42 -3.29 5.11
CA GLU A 86 3.01 -4.53 4.49
C GLU A 86 3.85 -4.82 3.25
N LEU A 87 4.46 -3.76 2.72
CA LEU A 87 5.30 -3.89 1.54
C LEU A 87 6.65 -4.45 1.94
N VAL A 88 7.20 -3.90 3.01
CA VAL A 88 8.49 -4.33 3.50
C VAL A 88 8.31 -5.60 4.35
N LYS A 89 7.07 -5.84 4.73
CA LYS A 89 6.75 -7.01 5.54
C LYS A 89 6.50 -8.20 4.62
N VAL A 90 5.27 -8.29 4.15
CA VAL A 90 4.88 -9.38 3.26
C VAL A 90 5.10 -10.72 3.97
N LYS A 91 4.36 -11.72 3.52
CA LYS A 91 4.46 -13.05 4.11
C LYS A 91 3.89 -13.02 5.53
N VAL A 92 2.59 -13.27 5.61
CA VAL A 92 1.91 -13.28 6.89
C VAL A 92 1.84 -14.71 7.41
N TYR A 93 1.05 -15.52 6.74
CA TYR A 93 0.88 -16.91 7.12
C TYR A 93 0.42 -17.76 5.93
N SER A 94 0.13 -19.02 6.21
CA SER A 94 -0.32 -19.93 5.19
C SER A 94 -1.48 -19.32 4.41
N GLY A 95 -2.68 -19.64 4.85
CA GLY A 95 -3.88 -19.11 4.21
C GLY A 95 -4.74 -20.26 3.66
N PRO A 96 -5.60 -19.91 2.66
CA PRO A 96 -6.48 -20.90 2.06
C PRO A 96 -5.71 -21.81 1.12
N SER A 97 -5.03 -21.20 0.16
CA SER A 97 -4.25 -21.95 -0.81
C SER A 97 -5.14 -22.98 -1.51
N SER A 98 -5.94 -22.47 -2.44
CA SER A 98 -6.85 -23.31 -3.21
C SER A 98 -6.05 -24.39 -3.95
N GLY A 99 -6.62 -25.58 -4.00
CA GLY A 99 -5.99 -26.69 -4.68
C GLY A 99 -5.30 -27.62 -3.68
#